data_1JQ6
# 
_entry.id   1JQ6 
# 
_audit_conform.dict_name       mmcif_pdbx.dic 
_audit_conform.dict_version    5.398 
_audit_conform.dict_location   http://mmcif.pdb.org/dictionaries/ascii/mmcif_pdbx.dic 
# 
loop_
_database_2.database_id 
_database_2.database_code 
_database_2.pdbx_database_accession 
_database_2.pdbx_DOI 
PDB   1JQ6         pdb_00001jq6 10.2210/pdb1jq6/pdb 
RCSB  RCSB014058   ?            ?                   
WWPDB D_1000014058 ?            ?                   
# 
loop_
_pdbx_audit_revision_history.ordinal 
_pdbx_audit_revision_history.data_content_type 
_pdbx_audit_revision_history.major_revision 
_pdbx_audit_revision_history.minor_revision 
_pdbx_audit_revision_history.revision_date 
1 'Structure model' 1 0 2001-09-12 
2 'Structure model' 1 1 2008-04-27 
3 'Structure model' 1 2 2011-07-13 
4 'Structure model' 1 3 2021-10-27 
5 'Structure model' 1 4 2023-08-16 
6 'Structure model' 1 5 2024-10-30 
# 
_pdbx_audit_revision_details.ordinal             1 
_pdbx_audit_revision_details.revision_ordinal    1 
_pdbx_audit_revision_details.data_content_type   'Structure model' 
_pdbx_audit_revision_details.provider            repository 
_pdbx_audit_revision_details.type                'Initial release' 
_pdbx_audit_revision_details.description         ? 
_pdbx_audit_revision_details.details             ? 
# 
loop_
_pdbx_audit_revision_group.ordinal 
_pdbx_audit_revision_group.revision_ordinal 
_pdbx_audit_revision_group.data_content_type 
_pdbx_audit_revision_group.group 
1 2 'Structure model' 'Version format compliance' 
2 3 'Structure model' 'Derived calculations'      
3 3 'Structure model' 'Version format compliance' 
4 4 'Structure model' 'Database references'       
5 4 'Structure model' 'Derived calculations'      
6 5 'Structure model' 'Data collection'           
7 5 'Structure model' 'Refinement description'    
8 6 'Structure model' 'Structure summary'         
# 
loop_
_pdbx_audit_revision_category.ordinal 
_pdbx_audit_revision_category.revision_ordinal 
_pdbx_audit_revision_category.data_content_type 
_pdbx_audit_revision_category.category 
1 4 'Structure model' database_2                    
2 4 'Structure model' struct_conn                   
3 4 'Structure model' struct_ref_seq_dif            
4 5 'Structure model' chem_comp_atom                
5 5 'Structure model' chem_comp_bond                
6 5 'Structure model' pdbx_initial_refinement_model 
7 6 'Structure model' pdbx_entry_details            
8 6 'Structure model' pdbx_modification_feature     
# 
loop_
_pdbx_audit_revision_item.ordinal 
_pdbx_audit_revision_item.revision_ordinal 
_pdbx_audit_revision_item.data_content_type 
_pdbx_audit_revision_item.item 
1 4 'Structure model' '_database_2.pdbx_DOI'                
2 4 'Structure model' '_database_2.pdbx_database_accession' 
3 4 'Structure model' '_struct_conn.pdbx_leaving_atom_flag' 
4 4 'Structure model' '_struct_ref_seq_dif.details'         
# 
_pdbx_database_status.status_code                     REL 
_pdbx_database_status.entry_id                        1JQ6 
_pdbx_database_status.recvd_initial_deposition_date   2001-08-03 
_pdbx_database_status.deposit_site                    RCSB 
_pdbx_database_status.process_site                    RCSB 
_pdbx_database_status.SG_entry                        . 
_pdbx_database_status.pdb_format_compatible           Y 
_pdbx_database_status.status_code_mr                  ? 
_pdbx_database_status.status_code_sf                  ? 
_pdbx_database_status.status_code_cs                  ? 
_pdbx_database_status.status_code_nmr_data            ? 
_pdbx_database_status.methods_development_category    ? 
# 
loop_
_pdbx_database_related.db_name 
_pdbx_database_related.db_id 
_pdbx_database_related.details 
_pdbx_database_related.content_type 
PDB 1WPO 'structure of human cytomegalovirus protease'                                  unspecified 
PDB 2WPO 'human cytomegalovirus protease complexed to peptidomimetic inhibitor BILC821' unspecified 
PDB 1JQ7 'human cytomegalovirus protease mutant, S225Y - inhibitor complex'             unspecified 
# 
loop_
_audit_author.name 
_audit_author.pdbx_ordinal 
'Batra, R.'  1 
'Khayat, R.' 2 
'Tong, L.'   3 
# 
_citation.id                        primary 
_citation.title                     
'Molecular mechanism for dimerization to regulate the catalytic activity of human cytomegalovirus protease.' 
_citation.journal_abbrev            Nat.Struct.Biol. 
_citation.journal_volume            8 
_citation.page_first                810 
_citation.page_last                 817 
_citation.year                      2001 
_citation.journal_id_ASTM           NSBIEW 
_citation.country                   US 
_citation.journal_id_ISSN           1072-8368 
_citation.journal_id_CSD            2024 
_citation.book_publisher            ? 
_citation.pdbx_database_id_PubMed   11524687 
_citation.pdbx_database_id_DOI      10.1038/nsb0901-810 
# 
loop_
_citation_author.citation_id 
_citation_author.name 
_citation_author.ordinal 
_citation_author.identifier_ORCID 
primary 'Batra, R.'  1 ? 
primary 'Khayat, R.' 2 ? 
primary 'Tong, L.'   3 ? 
# 
loop_
_entity.id 
_entity.type 
_entity.src_method 
_entity.pdbx_description 
_entity.formula_weight 
_entity.pdbx_number_of_molecules 
_entity.pdbx_ec 
_entity.pdbx_mutation 
_entity.pdbx_fragment 
_entity.details 
1 polymer man ASSEMBLIN 28518.590 1  3.4.21.97 'A143Q, S225Y' ? ? 
2 water   nat water     18.015    42 ?         ?              ? ? 
# 
_entity_name_com.entity_id   1 
_entity_name_com.name        PROTEASE 
# 
_entity_poly.entity_id                      1 
_entity_poly.type                           'polypeptide(L)' 
_entity_poly.nstd_linkage                   no 
_entity_poly.nstd_monomer                   yes 
_entity_poly.pdbx_seq_one_letter_code       
;MTMDEQQSQAVAPVYVGGFLARYDQSPDEAELLLPRDVVEHWLHAQGQGQPSLSVALPLNINHDDTAVVGHVAAMQSVRD
GLFCLG(CAS)VTSPRFLEIVRRASEKSELVSRGPVSPLQPDKVVEFLSGSYAGLSLSSRRCDDVEQATSLSGSETTPFK
HVAL(CAS)SVGRRRGTLAVYGRDPEWVTQRFPDLTAADRDGLRAQWQR(CAS)GSTAVDASGDPFRSDSYGLLGNYVDA
LYIRERLPKLRYDKQLVGVTERESYVKA
;
_entity_poly.pdbx_seq_one_letter_code_can   
;MTMDEQQSQAVAPVYVGGFLARYDQSPDEAELLLPRDVVEHWLHAQGQGQPSLSVALPLNINHDDTAVVGHVAAMQSVRD
GLFCLGCVTSPRFLEIVRRASEKSELVSRGPVSPLQPDKVVEFLSGSYAGLSLSSRRCDDVEQATSLSGSETTPFKHVAL
CSVGRRRGTLAVYGRDPEWVTQRFPDLTAADRDGLRAQWQRCGSTAVDASGDPFRSDSYGLLGNYVDALYIRERLPKLRY
DKQLVGVTERESYVKA
;
_entity_poly.pdbx_strand_id                 A 
_entity_poly.pdbx_target_identifier         ? 
# 
_pdbx_entity_nonpoly.entity_id   2 
_pdbx_entity_nonpoly.name        water 
_pdbx_entity_nonpoly.comp_id     HOH 
# 
loop_
_entity_poly_seq.entity_id 
_entity_poly_seq.num 
_entity_poly_seq.mon_id 
_entity_poly_seq.hetero 
1 1   MET n 
1 2   THR n 
1 3   MET n 
1 4   ASP n 
1 5   GLU n 
1 6   GLN n 
1 7   GLN n 
1 8   SER n 
1 9   GLN n 
1 10  ALA n 
1 11  VAL n 
1 12  ALA n 
1 13  PRO n 
1 14  VAL n 
1 15  TYR n 
1 16  VAL n 
1 17  GLY n 
1 18  GLY n 
1 19  PHE n 
1 20  LEU n 
1 21  ALA n 
1 22  ARG n 
1 23  TYR n 
1 24  ASP n 
1 25  GLN n 
1 26  SER n 
1 27  PRO n 
1 28  ASP n 
1 29  GLU n 
1 30  ALA n 
1 31  GLU n 
1 32  LEU n 
1 33  LEU n 
1 34  LEU n 
1 35  PRO n 
1 36  ARG n 
1 37  ASP n 
1 38  VAL n 
1 39  VAL n 
1 40  GLU n 
1 41  HIS n 
1 42  TRP n 
1 43  LEU n 
1 44  HIS n 
1 45  ALA n 
1 46  GLN n 
1 47  GLY n 
1 48  GLN n 
1 49  GLY n 
1 50  GLN n 
1 51  PRO n 
1 52  SER n 
1 53  LEU n 
1 54  SER n 
1 55  VAL n 
1 56  ALA n 
1 57  LEU n 
1 58  PRO n 
1 59  LEU n 
1 60  ASN n 
1 61  ILE n 
1 62  ASN n 
1 63  HIS n 
1 64  ASP n 
1 65  ASP n 
1 66  THR n 
1 67  ALA n 
1 68  VAL n 
1 69  VAL n 
1 70  GLY n 
1 71  HIS n 
1 72  VAL n 
1 73  ALA n 
1 74  ALA n 
1 75  MET n 
1 76  GLN n 
1 77  SER n 
1 78  VAL n 
1 79  ARG n 
1 80  ASP n 
1 81  GLY n 
1 82  LEU n 
1 83  PHE n 
1 84  CYS n 
1 85  LEU n 
1 86  GLY n 
1 87  CAS n 
1 88  VAL n 
1 89  THR n 
1 90  SER n 
1 91  PRO n 
1 92  ARG n 
1 93  PHE n 
1 94  LEU n 
1 95  GLU n 
1 96  ILE n 
1 97  VAL n 
1 98  ARG n 
1 99  ARG n 
1 100 ALA n 
1 101 SER n 
1 102 GLU n 
1 103 LYS n 
1 104 SER n 
1 105 GLU n 
1 106 LEU n 
1 107 VAL n 
1 108 SER n 
1 109 ARG n 
1 110 GLY n 
1 111 PRO n 
1 112 VAL n 
1 113 SER n 
1 114 PRO n 
1 115 LEU n 
1 116 GLN n 
1 117 PRO n 
1 118 ASP n 
1 119 LYS n 
1 120 VAL n 
1 121 VAL n 
1 122 GLU n 
1 123 PHE n 
1 124 LEU n 
1 125 SER n 
1 126 GLY n 
1 127 SER n 
1 128 TYR n 
1 129 ALA n 
1 130 GLY n 
1 131 LEU n 
1 132 SER n 
1 133 LEU n 
1 134 SER n 
1 135 SER n 
1 136 ARG n 
1 137 ARG n 
1 138 CYS n 
1 139 ASP n 
1 140 ASP n 
1 141 VAL n 
1 142 GLU n 
1 143 GLN n 
1 144 ALA n 
1 145 THR n 
1 146 SER n 
1 147 LEU n 
1 148 SER n 
1 149 GLY n 
1 150 SER n 
1 151 GLU n 
1 152 THR n 
1 153 THR n 
1 154 PRO n 
1 155 PHE n 
1 156 LYS n 
1 157 HIS n 
1 158 VAL n 
1 159 ALA n 
1 160 LEU n 
1 161 CAS n 
1 162 SER n 
1 163 VAL n 
1 164 GLY n 
1 165 ARG n 
1 166 ARG n 
1 167 ARG n 
1 168 GLY n 
1 169 THR n 
1 170 LEU n 
1 171 ALA n 
1 172 VAL n 
1 173 TYR n 
1 174 GLY n 
1 175 ARG n 
1 176 ASP n 
1 177 PRO n 
1 178 GLU n 
1 179 TRP n 
1 180 VAL n 
1 181 THR n 
1 182 GLN n 
1 183 ARG n 
1 184 PHE n 
1 185 PRO n 
1 186 ASP n 
1 187 LEU n 
1 188 THR n 
1 189 ALA n 
1 190 ALA n 
1 191 ASP n 
1 192 ARG n 
1 193 ASP n 
1 194 GLY n 
1 195 LEU n 
1 196 ARG n 
1 197 ALA n 
1 198 GLN n 
1 199 TRP n 
1 200 GLN n 
1 201 ARG n 
1 202 CAS n 
1 203 GLY n 
1 204 SER n 
1 205 THR n 
1 206 ALA n 
1 207 VAL n 
1 208 ASP n 
1 209 ALA n 
1 210 SER n 
1 211 GLY n 
1 212 ASP n 
1 213 PRO n 
1 214 PHE n 
1 215 ARG n 
1 216 SER n 
1 217 ASP n 
1 218 SER n 
1 219 TYR n 
1 220 GLY n 
1 221 LEU n 
1 222 LEU n 
1 223 GLY n 
1 224 ASN n 
1 225 TYR n 
1 226 VAL n 
1 227 ASP n 
1 228 ALA n 
1 229 LEU n 
1 230 TYR n 
1 231 ILE n 
1 232 ARG n 
1 233 GLU n 
1 234 ARG n 
1 235 LEU n 
1 236 PRO n 
1 237 LYS n 
1 238 LEU n 
1 239 ARG n 
1 240 TYR n 
1 241 ASP n 
1 242 LYS n 
1 243 GLN n 
1 244 LEU n 
1 245 VAL n 
1 246 GLY n 
1 247 VAL n 
1 248 THR n 
1 249 GLU n 
1 250 ARG n 
1 251 GLU n 
1 252 SER n 
1 253 TYR n 
1 254 VAL n 
1 255 LYS n 
1 256 ALA n 
# 
_entity_src_gen.entity_id                          1 
_entity_src_gen.pdbx_src_id                        1 
_entity_src_gen.pdbx_alt_source_flag               sample 
_entity_src_gen.pdbx_seq_type                      ? 
_entity_src_gen.pdbx_beg_seq_num                   ? 
_entity_src_gen.pdbx_end_seq_num                   ? 
_entity_src_gen.gene_src_common_name               'Human cytomegalovirus' 
_entity_src_gen.gene_src_genus                     Cytomegalovirus 
_entity_src_gen.pdbx_gene_src_gene                 ? 
_entity_src_gen.gene_src_species                   ? 
_entity_src_gen.gene_src_strain                    ? 
_entity_src_gen.gene_src_tissue                    ? 
_entity_src_gen.gene_src_tissue_fraction           ? 
_entity_src_gen.gene_src_details                   ? 
_entity_src_gen.pdbx_gene_src_fragment             ? 
_entity_src_gen.pdbx_gene_src_scientific_name      'Human herpesvirus 5' 
_entity_src_gen.pdbx_gene_src_ncbi_taxonomy_id     10359 
_entity_src_gen.pdbx_gene_src_variant              ? 
_entity_src_gen.pdbx_gene_src_cell_line            ? 
_entity_src_gen.pdbx_gene_src_atcc                 ? 
_entity_src_gen.pdbx_gene_src_organ                ? 
_entity_src_gen.pdbx_gene_src_organelle            ? 
_entity_src_gen.pdbx_gene_src_cell                 ? 
_entity_src_gen.pdbx_gene_src_cellular_location    ? 
_entity_src_gen.host_org_common_name               ? 
_entity_src_gen.pdbx_host_org_scientific_name      'Escherichia coli' 
_entity_src_gen.pdbx_host_org_ncbi_taxonomy_id     562 
_entity_src_gen.host_org_genus                     Escherichia 
_entity_src_gen.pdbx_host_org_gene                 ? 
_entity_src_gen.pdbx_host_org_organ                ? 
_entity_src_gen.host_org_species                   ? 
_entity_src_gen.pdbx_host_org_tissue               ? 
_entity_src_gen.pdbx_host_org_tissue_fraction      ? 
_entity_src_gen.pdbx_host_org_strain               ? 
_entity_src_gen.pdbx_host_org_variant              ? 
_entity_src_gen.pdbx_host_org_cell_line            ? 
_entity_src_gen.pdbx_host_org_atcc                 ? 
_entity_src_gen.pdbx_host_org_culture_collection   ? 
_entity_src_gen.pdbx_host_org_cell                 ? 
_entity_src_gen.pdbx_host_org_organelle            ? 
_entity_src_gen.pdbx_host_org_cellular_location    ? 
_entity_src_gen.pdbx_host_org_vector_type          ? 
_entity_src_gen.pdbx_host_org_vector               ? 
_entity_src_gen.host_org_details                   ? 
_entity_src_gen.expression_system_id               ? 
_entity_src_gen.plasmid_name                       ? 
_entity_src_gen.plasmid_details                    ? 
_entity_src_gen.pdbx_description                   ? 
# 
loop_
_chem_comp.id 
_chem_comp.type 
_chem_comp.mon_nstd_flag 
_chem_comp.name 
_chem_comp.pdbx_synonyms 
_chem_comp.formula 
_chem_comp.formula_weight 
ALA 'L-peptide linking' y ALANINE                       ? 'C3 H7 N O2'       89.093  
ARG 'L-peptide linking' y ARGININE                      ? 'C6 H15 N4 O2 1'   175.209 
ASN 'L-peptide linking' y ASPARAGINE                    ? 'C4 H8 N2 O3'      132.118 
ASP 'L-peptide linking' y 'ASPARTIC ACID'               ? 'C4 H7 N O4'       133.103 
CAS 'L-peptide linking' n 'S-(DIMETHYLARSENIC)CYSTEINE' ? 'C5 H12 As N O2 S' 225.141 
CYS 'L-peptide linking' y CYSTEINE                      ? 'C3 H7 N O2 S'     121.158 
GLN 'L-peptide linking' y GLUTAMINE                     ? 'C5 H10 N2 O3'     146.144 
GLU 'L-peptide linking' y 'GLUTAMIC ACID'               ? 'C5 H9 N O4'       147.129 
GLY 'peptide linking'   y GLYCINE                       ? 'C2 H5 N O2'       75.067  
HIS 'L-peptide linking' y HISTIDINE                     ? 'C6 H10 N3 O2 1'   156.162 
HOH non-polymer         . WATER                         ? 'H2 O'             18.015  
ILE 'L-peptide linking' y ISOLEUCINE                    ? 'C6 H13 N O2'      131.173 
LEU 'L-peptide linking' y LEUCINE                       ? 'C6 H13 N O2'      131.173 
LYS 'L-peptide linking' y LYSINE                        ? 'C6 H15 N2 O2 1'   147.195 
MET 'L-peptide linking' y METHIONINE                    ? 'C5 H11 N O2 S'    149.211 
PHE 'L-peptide linking' y PHENYLALANINE                 ? 'C9 H11 N O2'      165.189 
PRO 'L-peptide linking' y PROLINE                       ? 'C5 H9 N O2'       115.130 
SER 'L-peptide linking' y SERINE                        ? 'C3 H7 N O3'       105.093 
THR 'L-peptide linking' y THREONINE                     ? 'C4 H9 N O3'       119.119 
TRP 'L-peptide linking' y TRYPTOPHAN                    ? 'C11 H12 N2 O2'    204.225 
TYR 'L-peptide linking' y TYROSINE                      ? 'C9 H11 N O3'      181.189 
VAL 'L-peptide linking' y VALINE                        ? 'C5 H11 N O2'      117.146 
# 
loop_
_pdbx_poly_seq_scheme.asym_id 
_pdbx_poly_seq_scheme.entity_id 
_pdbx_poly_seq_scheme.seq_id 
_pdbx_poly_seq_scheme.mon_id 
_pdbx_poly_seq_scheme.ndb_seq_num 
_pdbx_poly_seq_scheme.pdb_seq_num 
_pdbx_poly_seq_scheme.auth_seq_num 
_pdbx_poly_seq_scheme.pdb_mon_id 
_pdbx_poly_seq_scheme.auth_mon_id 
_pdbx_poly_seq_scheme.pdb_strand_id 
_pdbx_poly_seq_scheme.pdb_ins_code 
_pdbx_poly_seq_scheme.hetero 
A 1 1   MET 1   1   ?   ?   ?   A . n 
A 1 2   THR 2   2   ?   ?   ?   A . n 
A 1 3   MET 3   3   ?   ?   ?   A . n 
A 1 4   ASP 4   4   ?   ?   ?   A . n 
A 1 5   GLU 5   5   ?   ?   ?   A . n 
A 1 6   GLN 6   6   ?   ?   ?   A . n 
A 1 7   GLN 7   7   ?   ?   ?   A . n 
A 1 8   SER 8   8   ?   ?   ?   A . n 
A 1 9   GLN 9   9   ?   ?   ?   A . n 
A 1 10  ALA 10  10  ?   ?   ?   A . n 
A 1 11  VAL 11  11  11  VAL VAL A . n 
A 1 12  ALA 12  12  12  ALA ALA A . n 
A 1 13  PRO 13  13  13  PRO PRO A . n 
A 1 14  VAL 14  14  14  VAL VAL A . n 
A 1 15  TYR 15  15  15  TYR TYR A . n 
A 1 16  VAL 16  16  16  VAL VAL A . n 
A 1 17  GLY 17  17  17  GLY GLY A . n 
A 1 18  GLY 18  18  18  GLY GLY A . n 
A 1 19  PHE 19  19  19  PHE PHE A . n 
A 1 20  LEU 20  20  20  LEU LEU A . n 
A 1 21  ALA 21  21  21  ALA ALA A . n 
A 1 22  ARG 22  22  22  ARG ARG A . n 
A 1 23  TYR 23  23  23  TYR TYR A . n 
A 1 24  ASP 24  24  24  ASP ASP A . n 
A 1 25  GLN 25  25  ?   ?   ?   A . n 
A 1 26  SER 26  26  ?   ?   ?   A . n 
A 1 27  PRO 27  27  ?   ?   ?   A . n 
A 1 28  ASP 28  28  ?   ?   ?   A . n 
A 1 29  GLU 29  29  ?   ?   ?   A . n 
A 1 30  ALA 30  30  ?   ?   ?   A . n 
A 1 31  GLU 31  31  ?   ?   ?   A . n 
A 1 32  LEU 32  32  ?   ?   ?   A . n 
A 1 33  LEU 33  33  ?   ?   ?   A . n 
A 1 34  LEU 34  34  34  LEU LEU A . n 
A 1 35  PRO 35  35  35  PRO PRO A . n 
A 1 36  ARG 36  36  36  ARG ARG A . n 
A 1 37  ASP 37  37  37  ASP ASP A . n 
A 1 38  VAL 38  38  38  VAL VAL A . n 
A 1 39  VAL 39  39  39  VAL VAL A . n 
A 1 40  GLU 40  40  40  GLU GLU A . n 
A 1 41  HIS 41  41  41  HIS HIS A . n 
A 1 42  TRP 42  42  42  TRP TRP A . n 
A 1 43  LEU 43  43  ?   ?   ?   A . n 
A 1 44  HIS 44  44  ?   ?   ?   A . n 
A 1 45  ALA 45  45  ?   ?   ?   A . n 
A 1 46  GLN 46  46  ?   ?   ?   A . n 
A 1 47  GLY 47  47  ?   ?   ?   A . n 
A 1 48  GLN 48  48  ?   ?   ?   A . n 
A 1 49  GLY 49  49  ?   ?   ?   A . n 
A 1 50  GLN 50  50  ?   ?   ?   A . n 
A 1 51  PRO 51  51  ?   ?   ?   A . n 
A 1 52  SER 52  52  ?   ?   ?   A . n 
A 1 53  LEU 53  53  ?   ?   ?   A . n 
A 1 54  SER 54  54  ?   ?   ?   A . n 
A 1 55  VAL 55  55  55  VAL VAL A . n 
A 1 56  ALA 56  56  56  ALA ALA A . n 
A 1 57  LEU 57  57  57  LEU LEU A . n 
A 1 58  PRO 58  58  58  PRO PRO A . n 
A 1 59  LEU 59  59  59  LEU LEU A . n 
A 1 60  ASN 60  60  60  ASN ASN A . n 
A 1 61  ILE 61  61  61  ILE ILE A . n 
A 1 62  ASN 62  62  62  ASN ASN A . n 
A 1 63  HIS 63  63  63  HIS HIS A . n 
A 1 64  ASP 64  64  64  ASP ASP A . n 
A 1 65  ASP 65  65  65  ASP ASP A . n 
A 1 66  THR 66  66  66  THR THR A . n 
A 1 67  ALA 67  67  67  ALA ALA A . n 
A 1 68  VAL 68  68  68  VAL VAL A . n 
A 1 69  VAL 69  69  69  VAL VAL A . n 
A 1 70  GLY 70  70  70  GLY GLY A . n 
A 1 71  HIS 71  71  71  HIS HIS A . n 
A 1 72  VAL 72  72  72  VAL VAL A . n 
A 1 73  ALA 73  73  73  ALA ALA A . n 
A 1 74  ALA 74  74  74  ALA ALA A . n 
A 1 75  MET 75  75  75  MET MET A . n 
A 1 76  GLN 76  76  76  GLN GLN A . n 
A 1 77  SER 77  77  77  SER SER A . n 
A 1 78  VAL 78  78  78  VAL VAL A . n 
A 1 79  ARG 79  79  79  ARG ARG A . n 
A 1 80  ASP 80  80  80  ASP ASP A . n 
A 1 81  GLY 81  81  81  GLY GLY A . n 
A 1 82  LEU 82  82  82  LEU LEU A . n 
A 1 83  PHE 83  83  83  PHE PHE A . n 
A 1 84  CYS 84  84  84  CYS CYS A . n 
A 1 85  LEU 85  85  85  LEU LEU A . n 
A 1 86  GLY 86  86  86  GLY GLY A . n 
A 1 87  CAS 87  87  87  CAS CAS A . n 
A 1 88  VAL 88  88  88  VAL VAL A . n 
A 1 89  THR 89  89  89  THR THR A . n 
A 1 90  SER 90  90  90  SER SER A . n 
A 1 91  PRO 91  91  91  PRO PRO A . n 
A 1 92  ARG 92  92  92  ARG ARG A . n 
A 1 93  PHE 93  93  93  PHE PHE A . n 
A 1 94  LEU 94  94  94  LEU LEU A . n 
A 1 95  GLU 95  95  95  GLU GLU A . n 
A 1 96  ILE 96  96  96  ILE ILE A . n 
A 1 97  VAL 97  97  97  VAL VAL A . n 
A 1 98  ARG 98  98  98  ARG ARG A . n 
A 1 99  ARG 99  99  99  ARG ARG A . n 
A 1 100 ALA 100 100 100 ALA ALA A . n 
A 1 101 SER 101 101 101 SER SER A . n 
A 1 102 GLU 102 102 102 GLU GLU A . n 
A 1 103 LYS 103 103 103 LYS LYS A . n 
A 1 104 SER 104 104 104 SER SER A . n 
A 1 105 GLU 105 105 105 GLU GLU A . n 
A 1 106 LEU 106 106 106 LEU LEU A . n 
A 1 107 VAL 107 107 107 VAL VAL A . n 
A 1 108 SER 108 108 108 SER SER A . n 
A 1 109 ARG 109 109 109 ARG ARG A . n 
A 1 110 GLY 110 110 110 GLY GLY A . n 
A 1 111 PRO 111 111 111 PRO PRO A . n 
A 1 112 VAL 112 112 112 VAL VAL A . n 
A 1 113 SER 113 113 113 SER SER A . n 
A 1 114 PRO 114 114 114 PRO PRO A . n 
A 1 115 LEU 115 115 115 LEU LEU A . n 
A 1 116 GLN 116 116 116 GLN GLN A . n 
A 1 117 PRO 117 117 117 PRO PRO A . n 
A 1 118 ASP 118 118 118 ASP ASP A . n 
A 1 119 LYS 119 119 119 LYS LYS A . n 
A 1 120 VAL 120 120 120 VAL VAL A . n 
A 1 121 VAL 121 121 121 VAL VAL A . n 
A 1 122 GLU 122 122 122 GLU GLU A . n 
A 1 123 PHE 123 123 123 PHE PHE A . n 
A 1 124 LEU 124 124 124 LEU LEU A . n 
A 1 125 SER 125 125 125 SER SER A . n 
A 1 126 GLY 126 126 126 GLY GLY A . n 
A 1 127 SER 127 127 127 SER SER A . n 
A 1 128 TYR 128 128 128 TYR TYR A . n 
A 1 129 ALA 129 129 129 ALA ALA A . n 
A 1 130 GLY 130 130 130 GLY GLY A . n 
A 1 131 LEU 131 131 131 LEU LEU A . n 
A 1 132 SER 132 132 132 SER SER A . n 
A 1 133 LEU 133 133 133 LEU LEU A . n 
A 1 134 SER 134 134 134 SER SER A . n 
A 1 135 SER 135 135 ?   ?   ?   A . n 
A 1 136 ARG 136 136 ?   ?   ?   A . n 
A 1 137 ARG 137 137 ?   ?   ?   A . n 
A 1 138 CYS 138 138 ?   ?   ?   A . n 
A 1 139 ASP 139 139 ?   ?   ?   A . n 
A 1 140 ASP 140 140 ?   ?   ?   A . n 
A 1 141 VAL 141 141 ?   ?   ?   A . n 
A 1 142 GLU 142 142 ?   ?   ?   A . n 
A 1 143 GLN 143 143 ?   ?   ?   A . n 
A 1 144 ALA 144 144 ?   ?   ?   A . n 
A 1 145 THR 145 145 ?   ?   ?   A . n 
A 1 146 SER 146 146 ?   ?   ?   A . n 
A 1 147 LEU 147 147 ?   ?   ?   A . n 
A 1 148 SER 148 148 ?   ?   ?   A . n 
A 1 149 GLY 149 149 ?   ?   ?   A . n 
A 1 150 SER 150 150 ?   ?   ?   A . n 
A 1 151 GLU 151 151 ?   ?   ?   A . n 
A 1 152 THR 152 152 ?   ?   ?   A . n 
A 1 153 THR 153 153 ?   ?   ?   A . n 
A 1 154 PRO 154 154 ?   ?   ?   A . n 
A 1 155 PHE 155 155 155 PHE PHE A . n 
A 1 156 LYS 156 156 156 LYS LYS A . n 
A 1 157 HIS 157 157 157 HIS HIS A . n 
A 1 158 VAL 158 158 158 VAL VAL A . n 
A 1 159 ALA 159 159 159 ALA ALA A . n 
A 1 160 LEU 160 160 160 LEU LEU A . n 
A 1 161 CAS 161 161 161 CAS CAS A . n 
A 1 162 SER 162 162 162 SER SER A . n 
A 1 163 VAL 163 163 163 VAL VAL A . n 
A 1 164 GLY 164 164 ?   ?   ?   A . n 
A 1 165 ARG 165 165 ?   ?   ?   A . n 
A 1 166 ARG 166 166 ?   ?   ?   A . n 
A 1 167 ARG 167 167 ?   ?   ?   A . n 
A 1 168 GLY 168 168 ?   ?   ?   A . n 
A 1 169 THR 169 169 ?   ?   ?   A . n 
A 1 170 LEU 170 170 170 LEU LEU A . n 
A 1 171 ALA 171 171 171 ALA ALA A . n 
A 1 172 VAL 172 172 172 VAL VAL A . n 
A 1 173 TYR 173 173 173 TYR TYR A . n 
A 1 174 GLY 174 174 174 GLY GLY A . n 
A 1 175 ARG 175 175 175 ARG ARG A . n 
A 1 176 ASP 176 176 176 ASP ASP A . n 
A 1 177 PRO 177 177 177 PRO PRO A . n 
A 1 178 GLU 178 178 178 GLU GLU A . n 
A 1 179 TRP 179 179 179 TRP TRP A . n 
A 1 180 VAL 180 180 180 VAL VAL A . n 
A 1 181 THR 181 181 181 THR THR A . n 
A 1 182 GLN 182 182 182 GLN GLN A . n 
A 1 183 ARG 183 183 183 ARG ARG A . n 
A 1 184 PHE 184 184 184 PHE PHE A . n 
A 1 185 PRO 185 185 185 PRO PRO A . n 
A 1 186 ASP 186 186 186 ASP ASP A . n 
A 1 187 LEU 187 187 187 LEU LEU A . n 
A 1 188 THR 188 188 188 THR THR A . n 
A 1 189 ALA 189 189 189 ALA ALA A . n 
A 1 190 ALA 190 190 190 ALA ALA A . n 
A 1 191 ASP 191 191 191 ASP ASP A . n 
A 1 192 ARG 192 192 192 ARG ARG A . n 
A 1 193 ASP 193 193 193 ASP ASP A . n 
A 1 194 GLY 194 194 194 GLY GLY A . n 
A 1 195 LEU 195 195 195 LEU LEU A . n 
A 1 196 ARG 196 196 196 ARG ARG A . n 
A 1 197 ALA 197 197 197 ALA ALA A . n 
A 1 198 GLN 198 198 198 GLN GLN A . n 
A 1 199 TRP 199 199 199 TRP TRP A . n 
A 1 200 GLN 200 200 200 GLN GLN A . n 
A 1 201 ARG 201 201 201 ARG ARG A . n 
A 1 202 CAS 202 202 202 CAS CAS A . n 
A 1 203 GLY 203 203 203 GLY GLY A . n 
A 1 204 SER 204 204 204 SER SER A . n 
A 1 205 THR 205 205 205 THR THR A . n 
A 1 206 ALA 206 206 206 ALA ALA A . n 
A 1 207 VAL 207 207 207 VAL VAL A . n 
A 1 208 ASP 208 208 208 ASP ASP A . n 
A 1 209 ALA 209 209 209 ALA ALA A . n 
A 1 210 SER 210 210 210 SER SER A . n 
A 1 211 GLY 211 211 211 GLY GLY A . n 
A 1 212 ASP 212 212 212 ASP ASP A . n 
A 1 213 PRO 213 213 213 PRO PRO A . n 
A 1 214 PHE 214 214 214 PHE PHE A . n 
A 1 215 ARG 215 215 215 ARG ARG A . n 
A 1 216 SER 216 216 216 SER SER A . n 
A 1 217 ASP 217 217 217 ASP ASP A . n 
A 1 218 SER 218 218 218 SER SER A . n 
A 1 219 TYR 219 219 219 TYR TYR A . n 
A 1 220 GLY 220 220 220 GLY GLY A . n 
A 1 221 LEU 221 221 221 LEU LEU A . n 
A 1 222 LEU 222 222 222 LEU LEU A . n 
A 1 223 GLY 223 223 223 GLY GLY A . n 
A 1 224 ASN 224 224 224 ASN ASN A . n 
A 1 225 TYR 225 225 225 TYR TYR A . n 
A 1 226 VAL 226 226 226 VAL VAL A . n 
A 1 227 ASP 227 227 227 ASP ASP A . n 
A 1 228 ALA 228 228 228 ALA ALA A . n 
A 1 229 LEU 229 229 229 LEU LEU A . n 
A 1 230 TYR 230 230 230 TYR TYR A . n 
A 1 231 ILE 231 231 ?   ?   ?   A . n 
A 1 232 ARG 232 232 ?   ?   ?   A . n 
A 1 233 GLU 233 233 ?   ?   ?   A . n 
A 1 234 ARG 234 234 ?   ?   ?   A . n 
A 1 235 LEU 235 235 ?   ?   ?   A . n 
A 1 236 PRO 236 236 ?   ?   ?   A . n 
A 1 237 LYS 237 237 ?   ?   ?   A . n 
A 1 238 LEU 238 238 ?   ?   ?   A . n 
A 1 239 ARG 239 239 ?   ?   ?   A . n 
A 1 240 TYR 240 240 ?   ?   ?   A . n 
A 1 241 ASP 241 241 ?   ?   ?   A . n 
A 1 242 LYS 242 242 ?   ?   ?   A . n 
A 1 243 GLN 243 243 ?   ?   ?   A . n 
A 1 244 LEU 244 244 ?   ?   ?   A . n 
A 1 245 VAL 245 245 ?   ?   ?   A . n 
A 1 246 GLY 246 246 ?   ?   ?   A . n 
A 1 247 VAL 247 247 ?   ?   ?   A . n 
A 1 248 THR 248 248 ?   ?   ?   A . n 
A 1 249 GLU 249 249 ?   ?   ?   A . n 
A 1 250 ARG 250 250 ?   ?   ?   A . n 
A 1 251 GLU 251 251 ?   ?   ?   A . n 
A 1 252 SER 252 252 ?   ?   ?   A . n 
A 1 253 TYR 253 253 ?   ?   ?   A . n 
A 1 254 VAL 254 254 ?   ?   ?   A . n 
A 1 255 LYS 255 255 ?   ?   ?   A . n 
A 1 256 ALA 256 256 ?   ?   ?   A . n 
# 
loop_
_pdbx_nonpoly_scheme.asym_id 
_pdbx_nonpoly_scheme.entity_id 
_pdbx_nonpoly_scheme.mon_id 
_pdbx_nonpoly_scheme.ndb_seq_num 
_pdbx_nonpoly_scheme.pdb_seq_num 
_pdbx_nonpoly_scheme.auth_seq_num 
_pdbx_nonpoly_scheme.pdb_mon_id 
_pdbx_nonpoly_scheme.auth_mon_id 
_pdbx_nonpoly_scheme.pdb_strand_id 
_pdbx_nonpoly_scheme.pdb_ins_code 
B 2 HOH 1  257 1  HOH TIP A . 
B 2 HOH 2  258 2  HOH TIP A . 
B 2 HOH 3  259 3  HOH TIP A . 
B 2 HOH 4  260 4  HOH TIP A . 
B 2 HOH 5  261 5  HOH TIP A . 
B 2 HOH 6  262 6  HOH TIP A . 
B 2 HOH 7  263 7  HOH TIP A . 
B 2 HOH 8  264 8  HOH TIP A . 
B 2 HOH 9  265 9  HOH TIP A . 
B 2 HOH 10 266 10 HOH TIP A . 
B 2 HOH 11 267 11 HOH TIP A . 
B 2 HOH 12 268 12 HOH TIP A . 
B 2 HOH 13 269 13 HOH TIP A . 
B 2 HOH 14 270 14 HOH TIP A . 
B 2 HOH 15 271 15 HOH TIP A . 
B 2 HOH 16 272 16 HOH TIP A . 
B 2 HOH 17 273 17 HOH TIP A . 
B 2 HOH 18 274 18 HOH TIP A . 
B 2 HOH 19 275 19 HOH TIP A . 
B 2 HOH 20 276 20 HOH TIP A . 
B 2 HOH 21 277 21 HOH TIP A . 
B 2 HOH 22 278 22 HOH TIP A . 
B 2 HOH 23 279 23 HOH TIP A . 
B 2 HOH 24 280 24 HOH TIP A . 
B 2 HOH 25 281 25 HOH TIP A . 
B 2 HOH 26 282 26 HOH TIP A . 
B 2 HOH 27 283 27 HOH TIP A . 
B 2 HOH 28 284 28 HOH TIP A . 
B 2 HOH 29 285 29 HOH TIP A . 
B 2 HOH 30 286 30 HOH TIP A . 
B 2 HOH 31 287 31 HOH TIP A . 
B 2 HOH 32 288 32 HOH TIP A . 
B 2 HOH 33 289 33 HOH TIP A . 
B 2 HOH 34 290 34 HOH TIP A . 
B 2 HOH 35 291 35 HOH TIP A . 
B 2 HOH 36 292 36 HOH TIP A . 
B 2 HOH 37 293 37 HOH TIP A . 
B 2 HOH 38 294 38 HOH TIP A . 
B 2 HOH 39 295 39 HOH TIP A . 
B 2 HOH 40 296 40 HOH TIP A . 
B 2 HOH 41 297 41 HOH TIP A . 
B 2 HOH 42 298 42 HOH TIP A . 
# 
loop_
_pdbx_unobs_or_zero_occ_atoms.id 
_pdbx_unobs_or_zero_occ_atoms.PDB_model_num 
_pdbx_unobs_or_zero_occ_atoms.polymer_flag 
_pdbx_unobs_or_zero_occ_atoms.occupancy_flag 
_pdbx_unobs_or_zero_occ_atoms.auth_asym_id 
_pdbx_unobs_or_zero_occ_atoms.auth_comp_id 
_pdbx_unobs_or_zero_occ_atoms.auth_seq_id 
_pdbx_unobs_or_zero_occ_atoms.PDB_ins_code 
_pdbx_unobs_or_zero_occ_atoms.auth_atom_id 
_pdbx_unobs_or_zero_occ_atoms.label_alt_id 
_pdbx_unobs_or_zero_occ_atoms.label_asym_id 
_pdbx_unobs_or_zero_occ_atoms.label_comp_id 
_pdbx_unobs_or_zero_occ_atoms.label_seq_id 
_pdbx_unobs_or_zero_occ_atoms.label_atom_id 
1 1 Y 1 A CAS 87  ? CE1 ? A CAS 87  CE1 
2 1 Y 1 A CAS 87  ? CE2 ? A CAS 87  CE2 
3 1 Y 1 A CAS 161 ? CE1 ? A CAS 161 CE1 
4 1 Y 1 A CAS 161 ? CE2 ? A CAS 161 CE2 
5 1 Y 1 A CAS 202 ? CE1 ? A CAS 202 CE1 
6 1 Y 1 A CAS 202 ? CE2 ? A CAS 202 CE2 
# 
loop_
_software.name 
_software.classification 
_software.version 
_software.citation_id 
_software.pdbx_ordinal 
COMO      phasing          .   ? 1 
CNS       refinement       1.0 ? 2 
DENZO     'data reduction' .   ? 3 
SCALEPACK 'data scaling'   .   ? 4 
# 
_cell.entry_id           1JQ6 
_cell.length_a           42.270 
_cell.length_b           108.300 
_cell.length_c           108.500 
_cell.angle_alpha        90.00 
_cell.angle_beta         90.00 
_cell.angle_gamma        90.00 
_cell.Z_PDB              8 
_cell.pdbx_unique_axis   ? 
# 
_symmetry.entry_id                         1JQ6 
_symmetry.space_group_name_H-M             'C 2 2 21' 
_symmetry.pdbx_full_space_group_name_H-M   ? 
_symmetry.cell_setting                     ? 
_symmetry.Int_Tables_number                20 
# 
_exptl.entry_id          1JQ6 
_exptl.method            'X-RAY DIFFRACTION' 
_exptl.crystals_number   1 
# 
_exptl_crystal.id                    1 
_exptl_crystal.density_meas          ? 
_exptl_crystal.density_Matthews      2.18 
_exptl_crystal.density_percent_sol   43.47 
_exptl_crystal.description           ? 
# 
_exptl_crystal_grow.crystal_id      1 
_exptl_crystal_grow.method          'VAPOR DIFFUSION, SITTING DROP' 
_exptl_crystal_grow.temp            294 
_exptl_crystal_grow.temp_details    ? 
_exptl_crystal_grow.pH              7.2 
_exptl_crystal_grow.pdbx_details    
;PEG 8000, sodium cacodylate, magnesium acetate, glycerol, spermine tetrahydrochloride, DTT, pH 7.2, VAPOR DIFFUSION, SITTING DROP, temperature 294K
;
_exptl_crystal_grow.pdbx_pH_range   . 
# 
_diffrn.id                     1 
_diffrn.ambient_temp           100 
_diffrn.ambient_temp_details   ? 
_diffrn.crystal_id             1 
# 
_diffrn_detector.diffrn_id              1 
_diffrn_detector.detector               'IMAGE PLATE' 
_diffrn_detector.type                   FUJI 
_diffrn_detector.pdbx_collection_date   2000-11-09 
_diffrn_detector.details                ? 
# 
_diffrn_radiation.diffrn_id                        1 
_diffrn_radiation.wavelength_id                    1 
_diffrn_radiation.pdbx_monochromatic_or_laue_m_l   M 
_diffrn_radiation.monochromator                    'Si 111 Channel' 
_diffrn_radiation.pdbx_diffrn_protocol             'SINGLE WAVELENGTH' 
_diffrn_radiation.pdbx_scattering_type             x-ray 
# 
_diffrn_radiation_wavelength.id           1 
_diffrn_radiation_wavelength.wavelength   0.976 
_diffrn_radiation_wavelength.wt           1.0 
# 
_diffrn_source.diffrn_id                   1 
_diffrn_source.source                      SYNCHROTRON 
_diffrn_source.type                        'NSLS BEAMLINE X4A' 
_diffrn_source.pdbx_synchrotron_site       NSLS 
_diffrn_source.pdbx_synchrotron_beamline   X4A 
_diffrn_source.pdbx_wavelength             ? 
_diffrn_source.pdbx_wavelength_list        0.976 
# 
_reflns.entry_id                     1JQ6 
_reflns.observed_criterion_sigma_I   2.0 
_reflns.observed_criterion_sigma_F   2.0 
_reflns.d_resolution_low             19.3 
_reflns.d_resolution_high            2.3 
_reflns.number_obs                   10420 
_reflns.number_all                   38153 
_reflns.percent_possible_obs         91 
_reflns.pdbx_Rmerge_I_obs            ? 
_reflns.pdbx_Rsym_value              ? 
_reflns.pdbx_netI_over_sigmaI        ? 
_reflns.B_iso_Wilson_estimate        18.5 
_reflns.pdbx_redundancy              ? 
_reflns.R_free_details               ? 
_reflns.limit_h_max                  ? 
_reflns.limit_h_min                  ? 
_reflns.limit_k_max                  ? 
_reflns.limit_k_min                  ? 
_reflns.limit_l_max                  ? 
_reflns.limit_l_min                  ? 
_reflns.observed_criterion_F_max     ? 
_reflns.observed_criterion_F_min     ? 
_reflns.pdbx_ordinal                 1 
_reflns.pdbx_diffrn_id               1 
# 
_reflns_shell.d_res_high             2.3 
_reflns_shell.d_res_low              2.44 
_reflns_shell.percent_possible_all   93 
_reflns_shell.Rmerge_I_obs           ? 
_reflns_shell.pdbx_Rsym_value        ? 
_reflns_shell.meanI_over_sigI_obs    ? 
_reflns_shell.pdbx_redundancy        ? 
_reflns_shell.percent_possible_obs   ? 
_reflns_shell.number_unique_all      ? 
_reflns_shell.pdbx_ordinal           1 
_reflns_shell.pdbx_diffrn_id         1 
# 
_refine.entry_id                                 1JQ6 
_refine.ls_number_reflns_obs                     10420 
_refine.ls_number_reflns_all                     38153 
_refine.pdbx_ls_sigma_I                          ? 
_refine.pdbx_ls_sigma_F                          2.0 
_refine.pdbx_data_cutoff_high_absF               5293688.41 
_refine.pdbx_data_cutoff_low_absF                0.000000 
_refine.ls_d_res_low                             19.30 
_refine.ls_d_res_high                            2.30 
_refine.ls_percent_reflns_obs                    91.0 
_refine.ls_R_factor_obs                          ? 
_refine.ls_R_factor_all                          0.2360000 
_refine.ls_R_factor_R_work                       0.2290000 
_refine.ls_R_factor_R_free                       0.2860000 
_refine.ls_R_factor_R_free_error                 0.010 
_refine.ls_R_factor_R_free_error_details         ? 
_refine.ls_percent_reflns_R_free                 7.6 
_refine.ls_number_reflns_R_free                  793 
_refine.ls_number_parameters                     ? 
_refine.ls_number_restraints                     ? 
_refine.occupancy_min                            ? 
_refine.occupancy_max                            ? 
_refine.B_iso_mean                               43.2 
_refine.aniso_B[1][1]                            -1.16 
_refine.aniso_B[2][2]                            14.63 
_refine.aniso_B[3][3]                            -13.47 
_refine.aniso_B[1][2]                            0.00 
_refine.aniso_B[1][3]                            0.00 
_refine.aniso_B[2][3]                            0.00 
_refine.solvent_model_details                    'FLAT MODEL' 
_refine.solvent_model_param_ksol                 0.394661 
_refine.solvent_model_param_bsol                 56.4329 
_refine.pdbx_ls_cross_valid_method               THROUGHOUT 
_refine.details                                  ? 
_refine.pdbx_starting_model                      'PDB ENTRY 1WPO (monomer)' 
_refine.pdbx_method_to_determine_struct          'MOLECULAR REPLACEMENT' 
_refine.pdbx_isotropic_thermal_model             RESTRAINED 
_refine.pdbx_stereochemistry_target_values       'Engh & Huber' 
_refine.pdbx_stereochem_target_val_spec_case     ? 
_refine.pdbx_R_Free_selection_details            RANDOM 
_refine.pdbx_overall_ESU_R_Free                  ? 
_refine.overall_SU_B                             ? 
_refine.ls_redundancy_reflns_obs                 ? 
_refine.B_iso_min                                ? 
_refine.B_iso_max                                ? 
_refine.correlation_coeff_Fo_to_Fc               ? 
_refine.correlation_coeff_Fo_to_Fc_free          ? 
_refine.overall_SU_R_Cruickshank_DPI             ? 
_refine.overall_SU_R_free                        ? 
_refine.overall_SU_ML                            ? 
_refine.pdbx_overall_ESU_R                       ? 
_refine.pdbx_data_cutoff_high_rms_absF           ? 
_refine.pdbx_refine_id                           'X-RAY DIFFRACTION' 
_refine.pdbx_diffrn_id                           1 
_refine.pdbx_TLS_residual_ADP_flag               ? 
_refine.pdbx_solvent_vdw_probe_radii             ? 
_refine.pdbx_solvent_ion_probe_radii             ? 
_refine.pdbx_solvent_shrinkage_radii             ? 
_refine.pdbx_overall_phase_error                 ? 
_refine.pdbx_overall_SU_R_free_Cruickshank_DPI   ? 
_refine.pdbx_overall_SU_R_Blow_DPI               ? 
_refine.pdbx_overall_SU_R_free_Blow_DPI          ? 
# 
_refine_analyze.entry_id                        1JQ6 
_refine_analyze.Luzzati_coordinate_error_obs    0.28 
_refine_analyze.Luzzati_sigma_a_obs             0.22 
_refine_analyze.Luzzati_d_res_low_obs           5.00 
_refine_analyze.Luzzati_coordinate_error_free   0.38 
_refine_analyze.Luzzati_sigma_a_free            0.29 
_refine_analyze.Luzzati_d_res_low_free          ? 
_refine_analyze.number_disordered_residues      ? 
_refine_analyze.occupancy_sum_hydrogen          ? 
_refine_analyze.occupancy_sum_non_hydrogen      ? 
_refine_analyze.pdbx_Luzzati_d_res_high_obs     ? 
_refine_analyze.pdbx_refine_id                  'X-RAY DIFFRACTION' 
# 
_refine_hist.pdbx_refine_id                   'X-RAY DIFFRACTION' 
_refine_hist.cycle_id                         LAST 
_refine_hist.pdbx_number_atoms_protein        1336 
_refine_hist.pdbx_number_atoms_nucleic_acid   0 
_refine_hist.pdbx_number_atoms_ligand         0 
_refine_hist.number_atoms_solvent             42 
_refine_hist.number_atoms_total               1378 
_refine_hist.d_res_high                       2.30 
_refine_hist.d_res_low                        19.30 
# 
loop_
_refine_ls_restr.type 
_refine_ls_restr.dev_ideal 
_refine_ls_restr.dev_ideal_target 
_refine_ls_restr.weight 
_refine_ls_restr.number 
_refine_ls_restr.pdbx_refine_id 
_refine_ls_restr.pdbx_restraint_function 
c_bond_d           0.006 ?    ? ? 'X-RAY DIFFRACTION' ? 
c_angle_deg        1.2   ?    ? ? 'X-RAY DIFFRACTION' ? 
c_dihedral_angle_d 23.8  ?    ? ? 'X-RAY DIFFRACTION' ? 
c_improper_angle_d 0.86  ?    ? ? 'X-RAY DIFFRACTION' ? 
c_mcbond_it        1.59  1.50 ? ? 'X-RAY DIFFRACTION' ? 
c_mcangle_it       2.73  2.00 ? ? 'X-RAY DIFFRACTION' ? 
c_scbond_it        2.15  2.00 ? ? 'X-RAY DIFFRACTION' ? 
c_scangle_it       3.16  2.50 ? ? 'X-RAY DIFFRACTION' ? 
# 
_refine_ls_shell.pdbx_total_number_of_bins_used   6 
_refine_ls_shell.d_res_high                       2.30 
_refine_ls_shell.d_res_low                        2.44 
_refine_ls_shell.number_reflns_R_work             1465 
_refine_ls_shell.R_factor_R_work                  0.2490000 
_refine_ls_shell.percent_reflns_obs               84.4 
_refine_ls_shell.R_factor_R_free                  0.2840000 
_refine_ls_shell.R_factor_R_free_error            0.026 
_refine_ls_shell.percent_reflns_R_free            7.5 
_refine_ls_shell.number_reflns_R_free             118 
_refine_ls_shell.number_reflns_obs                1070 
_refine_ls_shell.redundancy_reflns_obs            ? 
_refine_ls_shell.number_reflns_all                ? 
_refine_ls_shell.pdbx_refine_id                   'X-RAY DIFFRACTION' 
_refine_ls_shell.R_factor_all                     ? 
# 
loop_
_pdbx_xplor_file.serial_no 
_pdbx_xplor_file.param_file 
_pdbx_xplor_file.topol_file 
_pdbx_xplor_file.pdbx_refine_id 
1 PROTEIN_REP.PARAM PROTEIN.TOP 'X-RAY DIFFRACTION' 
2 PARAM.DAT         ?           'X-RAY DIFFRACTION' 
3 WATER_REP.PARAM   ?           'X-RAY DIFFRACTION' 
# 
_struct.entry_id                  1JQ6 
_struct.title                     'HUMAN CYTOMEGALOVIRUS PROTEASE DIMER-INTERFACE MUTANT, S225Y' 
_struct.pdbx_model_details        ? 
_struct.pdbx_CASP_flag            ? 
_struct.pdbx_model_type_details   ? 
# 
_struct_keywords.entry_id        1JQ6 
_struct_keywords.pdbx_keywords   HYDROLASE 
_struct_keywords.text            
'Herpesvirus, cytomegalovirus, serine protease, dimerization, enzyme activity regulation, HYDROLASE' 
# 
loop_
_struct_asym.id 
_struct_asym.pdbx_blank_PDB_chainid_flag 
_struct_asym.pdbx_modified 
_struct_asym.entity_id 
_struct_asym.details 
A N N 1 ? 
B N N 2 ? 
# 
_struct_ref.id                         1 
_struct_ref.db_name                    UNP 
_struct_ref.db_code                    VP40_HCMVA 
_struct_ref.entity_id                  1 
_struct_ref.pdbx_seq_one_letter_code   
;MTMDEQQSQAVAPVYVGGFLARYDQSPDEAELLLPRDVVEHWLHAQGQGQPSLSVALPLNINHDDTAVVGHVAAMQSVRD
GLFCLGCVTSPRFLEIVRRASEKSELVSRGPVSPLQPDKVVEFLSGSYAGLSLSSRRCDDVEAATSLSGSETTPFKHVAL
CSVGRRRGTLAVYGRDPEWVTQRFPDLTAADRDGLRAQWQRCGSTAVDASGDPFRSDSYGLLGNSVDALYIRERLPKLRY
DKQLVGVTERESYVKA
;
_struct_ref.pdbx_align_begin           1 
_struct_ref.pdbx_db_accession          P16753 
_struct_ref.pdbx_db_isoform            ? 
# 
_struct_ref_seq.align_id                      1 
_struct_ref_seq.ref_id                        1 
_struct_ref_seq.pdbx_PDB_id_code              1JQ6 
_struct_ref_seq.pdbx_strand_id                A 
_struct_ref_seq.seq_align_beg                 1 
_struct_ref_seq.pdbx_seq_align_beg_ins_code   ? 
_struct_ref_seq.seq_align_end                 256 
_struct_ref_seq.pdbx_seq_align_end_ins_code   ? 
_struct_ref_seq.pdbx_db_accession             P16753 
_struct_ref_seq.db_align_beg                  1 
_struct_ref_seq.pdbx_db_align_beg_ins_code    ? 
_struct_ref_seq.db_align_end                  256 
_struct_ref_seq.pdbx_db_align_end_ins_code    ? 
_struct_ref_seq.pdbx_auth_seq_align_beg       1 
_struct_ref_seq.pdbx_auth_seq_align_end       256 
# 
loop_
_struct_ref_seq_dif.align_id 
_struct_ref_seq_dif.pdbx_pdb_id_code 
_struct_ref_seq_dif.mon_id 
_struct_ref_seq_dif.pdbx_pdb_strand_id 
_struct_ref_seq_dif.seq_num 
_struct_ref_seq_dif.pdbx_pdb_ins_code 
_struct_ref_seq_dif.pdbx_seq_db_name 
_struct_ref_seq_dif.pdbx_seq_db_accession_code 
_struct_ref_seq_dif.db_mon_id 
_struct_ref_seq_dif.pdbx_seq_db_seq_num 
_struct_ref_seq_dif.details 
_struct_ref_seq_dif.pdbx_auth_seq_num 
_struct_ref_seq_dif.pdbx_ordinal 
1 1JQ6 CAS A 87  ? UNP P16753 CYS 87  'modified residue'    87  1 
1 1JQ6 GLN A 143 ? UNP P16753 ALA 143 'engineered mutation' 143 2 
1 1JQ6 CAS A 161 ? UNP P16753 CYS 161 'modified residue'    161 3 
1 1JQ6 CAS A 202 ? UNP P16753 CYS 202 'modified residue'    202 4 
1 1JQ6 TYR A 225 ? UNP P16753 SER 225 'engineered mutation' 225 5 
# 
_pdbx_struct_assembly.id                   1 
_pdbx_struct_assembly.details              author_and_software_defined_assembly 
_pdbx_struct_assembly.method_details       PISA,PQS 
_pdbx_struct_assembly.oligomeric_details   dimeric 
_pdbx_struct_assembly.oligomeric_count     2 
# 
loop_
_pdbx_struct_assembly_prop.biol_id 
_pdbx_struct_assembly_prop.type 
_pdbx_struct_assembly_prop.value 
_pdbx_struct_assembly_prop.details 
1 'ABSA (A^2)' 2260  ? 
1 MORE         -23   ? 
1 'SSA (A^2)'  16690 ? 
# 
_pdbx_struct_assembly_gen.assembly_id       1 
_pdbx_struct_assembly_gen.oper_expression   1,2 
_pdbx_struct_assembly_gen.asym_id_list      A,B 
# 
loop_
_pdbx_struct_oper_list.id 
_pdbx_struct_oper_list.type 
_pdbx_struct_oper_list.name 
_pdbx_struct_oper_list.symmetry_operation 
_pdbx_struct_oper_list.matrix[1][1] 
_pdbx_struct_oper_list.matrix[1][2] 
_pdbx_struct_oper_list.matrix[1][3] 
_pdbx_struct_oper_list.vector[1] 
_pdbx_struct_oper_list.matrix[2][1] 
_pdbx_struct_oper_list.matrix[2][2] 
_pdbx_struct_oper_list.matrix[2][3] 
_pdbx_struct_oper_list.vector[2] 
_pdbx_struct_oper_list.matrix[3][1] 
_pdbx_struct_oper_list.matrix[3][2] 
_pdbx_struct_oper_list.matrix[3][3] 
_pdbx_struct_oper_list.vector[3] 
1 'identity operation'         1_555 x,y,z         1.0000000000 0.0000000000  0.0000000000 0.0000000000  0.0000000000  1.0000000000  0.0000000000  0.0000000000 0.0000000000 0.0000000000  1.0000000000  0.0000000000  
2 'crystal symmetry operation' 3_655 -x+1,y,-z+1/2 0.3864416220 -0.8673613544 0.3136034976 -4.7789515114 -0.8673613544 -0.4573765623 -0.1961911343 5.1365410979 0.3136034976 -0.1961911343 -0.9290650597 35.3343461215 
# 
_struct_biol.id                    1 
_struct_biol.details               
'Monomer in the asymmetric unit, but biological assembly unit is a dimer that can be generated by the two fold axis.' 
_struct_biol.pdbx_parent_biol_id   ? 
# 
loop_
_struct_conf.conf_type_id 
_struct_conf.id 
_struct_conf.pdbx_PDB_helix_id 
_struct_conf.beg_label_comp_id 
_struct_conf.beg_label_asym_id 
_struct_conf.beg_label_seq_id 
_struct_conf.pdbx_beg_PDB_ins_code 
_struct_conf.end_label_comp_id 
_struct_conf.end_label_asym_id 
_struct_conf.end_label_seq_id 
_struct_conf.pdbx_end_PDB_ins_code 
_struct_conf.beg_auth_comp_id 
_struct_conf.beg_auth_asym_id 
_struct_conf.beg_auth_seq_id 
_struct_conf.end_auth_comp_id 
_struct_conf.end_auth_asym_id 
_struct_conf.end_auth_seq_id 
_struct_conf.pdbx_PDB_helix_class 
_struct_conf.details 
_struct_conf.pdbx_PDB_helix_length 
HELX_P HELX_P1 1 PRO A 35  ? GLU A 40  ? PRO A 35  GLU A 40  1 ? 6  
HELX_P HELX_P2 2 SER A 90  ? GLU A 102 ? SER A 90  GLU A 102 1 ? 13 
HELX_P HELX_P3 3 ASP A 118 ? TYR A 128 ? ASP A 118 TYR A 128 1 ? 11 
HELX_P HELX_P4 4 ASP A 176 ? GLN A 182 ? ASP A 176 GLN A 182 1 ? 7  
HELX_P HELX_P5 5 THR A 188 ? GLN A 200 ? THR A 188 GLN A 200 1 ? 13 
HELX_P HELX_P6 6 ARG A 201 ? THR A 205 ? ARG A 201 THR A 205 5 ? 5  
HELX_P HELX_P7 7 ASP A 217 ? TYR A 230 ? ASP A 217 TYR A 230 1 ? 14 
# 
_struct_conf_type.id          HELX_P 
_struct_conf_type.criteria    ? 
_struct_conf_type.reference   ? 
# 
loop_
_struct_conn.id 
_struct_conn.conn_type_id 
_struct_conn.pdbx_leaving_atom_flag 
_struct_conn.pdbx_PDB_id 
_struct_conn.ptnr1_label_asym_id 
_struct_conn.ptnr1_label_comp_id 
_struct_conn.ptnr1_label_seq_id 
_struct_conn.ptnr1_label_atom_id 
_struct_conn.pdbx_ptnr1_label_alt_id 
_struct_conn.pdbx_ptnr1_PDB_ins_code 
_struct_conn.pdbx_ptnr1_standard_comp_id 
_struct_conn.ptnr1_symmetry 
_struct_conn.ptnr2_label_asym_id 
_struct_conn.ptnr2_label_comp_id 
_struct_conn.ptnr2_label_seq_id 
_struct_conn.ptnr2_label_atom_id 
_struct_conn.pdbx_ptnr2_label_alt_id 
_struct_conn.pdbx_ptnr2_PDB_ins_code 
_struct_conn.ptnr1_auth_asym_id 
_struct_conn.ptnr1_auth_comp_id 
_struct_conn.ptnr1_auth_seq_id 
_struct_conn.ptnr2_auth_asym_id 
_struct_conn.ptnr2_auth_comp_id 
_struct_conn.ptnr2_auth_seq_id 
_struct_conn.ptnr2_symmetry 
_struct_conn.pdbx_ptnr3_label_atom_id 
_struct_conn.pdbx_ptnr3_label_seq_id 
_struct_conn.pdbx_ptnr3_label_comp_id 
_struct_conn.pdbx_ptnr3_label_asym_id 
_struct_conn.pdbx_ptnr3_label_alt_id 
_struct_conn.pdbx_ptnr3_PDB_ins_code 
_struct_conn.details 
_struct_conn.pdbx_dist_value 
_struct_conn.pdbx_value_order 
_struct_conn.pdbx_role 
covale1 covale both ? A GLY 86  C ? ? ? 1_555 A CAS 87  N ? ? A GLY 86  A CAS 87  1_555 ? ? ? ? ? ? ? 1.329 ? ? 
covale2 covale both ? A CAS 87  C ? ? ? 1_555 A VAL 88  N ? ? A CAS 87  A VAL 88  1_555 ? ? ? ? ? ? ? 1.326 ? ? 
covale3 covale both ? A LEU 160 C ? ? ? 1_555 A CAS 161 N ? ? A LEU 160 A CAS 161 1_555 ? ? ? ? ? ? ? 1.330 ? ? 
covale4 covale both ? A CAS 161 C ? ? ? 1_555 A SER 162 N ? ? A CAS 161 A SER 162 1_555 ? ? ? ? ? ? ? 1.333 ? ? 
covale5 covale both ? A ARG 201 C ? ? ? 1_555 A CAS 202 N ? ? A ARG 201 A CAS 202 1_555 ? ? ? ? ? ? ? 1.334 ? ? 
covale6 covale both ? A CAS 202 C ? ? ? 1_555 A GLY 203 N ? ? A CAS 202 A GLY 203 1_555 ? ? ? ? ? ? ? 1.328 ? ? 
# 
_struct_conn_type.id          covale 
_struct_conn_type.criteria    ? 
_struct_conn_type.reference   ? 
# 
loop_
_pdbx_modification_feature.ordinal 
_pdbx_modification_feature.label_comp_id 
_pdbx_modification_feature.label_asym_id 
_pdbx_modification_feature.label_seq_id 
_pdbx_modification_feature.label_alt_id 
_pdbx_modification_feature.modified_residue_label_comp_id 
_pdbx_modification_feature.modified_residue_label_asym_id 
_pdbx_modification_feature.modified_residue_label_seq_id 
_pdbx_modification_feature.modified_residue_label_alt_id 
_pdbx_modification_feature.auth_comp_id 
_pdbx_modification_feature.auth_asym_id 
_pdbx_modification_feature.auth_seq_id 
_pdbx_modification_feature.PDB_ins_code 
_pdbx_modification_feature.symmetry 
_pdbx_modification_feature.modified_residue_auth_comp_id 
_pdbx_modification_feature.modified_residue_auth_asym_id 
_pdbx_modification_feature.modified_residue_auth_seq_id 
_pdbx_modification_feature.modified_residue_PDB_ins_code 
_pdbx_modification_feature.modified_residue_symmetry 
_pdbx_modification_feature.comp_id_linking_atom 
_pdbx_modification_feature.modified_residue_id_linking_atom 
_pdbx_modification_feature.modified_residue_id 
_pdbx_modification_feature.ref_pcm_id 
_pdbx_modification_feature.ref_comp_id 
_pdbx_modification_feature.type 
_pdbx_modification_feature.category 
1 CAS A 87  ? . . . . CAS A 87  ? 1_555 . . . . . . . CYS 1 CAS None 'Non-standard residue' 
2 CAS A 161 ? . . . . CAS A 161 ? 1_555 . . . . . . . CYS 1 CAS None 'Non-standard residue' 
3 CAS A 202 ? . . . . CAS A 202 ? 1_555 . . . . . . . CYS 1 CAS None 'Non-standard residue' 
# 
_struct_sheet.id               A 
_struct_sheet.type             ? 
_struct_sheet.number_strands   7 
_struct_sheet.details          ? 
# 
loop_
_struct_sheet_order.sheet_id 
_struct_sheet_order.range_id_1 
_struct_sheet_order.range_id_2 
_struct_sheet_order.offset 
_struct_sheet_order.sense 
A 1 2 ? anti-parallel 
A 2 3 ? parallel      
A 3 4 ? anti-parallel 
A 4 5 ? anti-parallel 
A 5 6 ? anti-parallel 
A 6 7 ? anti-parallel 
# 
loop_
_struct_sheet_range.sheet_id 
_struct_sheet_range.id 
_struct_sheet_range.beg_label_comp_id 
_struct_sheet_range.beg_label_asym_id 
_struct_sheet_range.beg_label_seq_id 
_struct_sheet_range.pdbx_beg_PDB_ins_code 
_struct_sheet_range.end_label_comp_id 
_struct_sheet_range.end_label_asym_id 
_struct_sheet_range.end_label_seq_id 
_struct_sheet_range.pdbx_end_PDB_ins_code 
_struct_sheet_range.beg_auth_comp_id 
_struct_sheet_range.beg_auth_asym_id 
_struct_sheet_range.beg_auth_seq_id 
_struct_sheet_range.end_auth_comp_id 
_struct_sheet_range.end_auth_asym_id 
_struct_sheet_range.end_auth_seq_id 
A 1 GLY A 130 ? LEU A 133 ? GLY A 130 LEU A 133 
A 2 VAL A 158 ? CAS A 161 ? VAL A 158 CAS A 161 
A 3 PRO A 58  ? ILE A 61  ? PRO A 58  ILE A 61  
A 4 ASP A 64  ? SER A 77  ? ASP A 64  SER A 77  
A 5 GLY A 81  ? VAL A 88  ? GLY A 81  VAL A 88  
A 6 VAL A 14  ? ARG A 22  ? VAL A 14  ARG A 22  
A 7 VAL A 172 ? GLY A 174 ? VAL A 172 GLY A 174 
# 
loop_
_pdbx_struct_sheet_hbond.sheet_id 
_pdbx_struct_sheet_hbond.range_id_1 
_pdbx_struct_sheet_hbond.range_id_2 
_pdbx_struct_sheet_hbond.range_1_label_atom_id 
_pdbx_struct_sheet_hbond.range_1_label_comp_id 
_pdbx_struct_sheet_hbond.range_1_label_asym_id 
_pdbx_struct_sheet_hbond.range_1_label_seq_id 
_pdbx_struct_sheet_hbond.range_1_PDB_ins_code 
_pdbx_struct_sheet_hbond.range_1_auth_atom_id 
_pdbx_struct_sheet_hbond.range_1_auth_comp_id 
_pdbx_struct_sheet_hbond.range_1_auth_asym_id 
_pdbx_struct_sheet_hbond.range_1_auth_seq_id 
_pdbx_struct_sheet_hbond.range_2_label_atom_id 
_pdbx_struct_sheet_hbond.range_2_label_comp_id 
_pdbx_struct_sheet_hbond.range_2_label_asym_id 
_pdbx_struct_sheet_hbond.range_2_label_seq_id 
_pdbx_struct_sheet_hbond.range_2_PDB_ins_code 
_pdbx_struct_sheet_hbond.range_2_auth_atom_id 
_pdbx_struct_sheet_hbond.range_2_auth_comp_id 
_pdbx_struct_sheet_hbond.range_2_auth_asym_id 
_pdbx_struct_sheet_hbond.range_2_auth_seq_id 
A 1 2 N GLY A 130 ? N GLY A 130 O CAS A 161 ? O CAS A 161 
A 2 3 O LEU A 160 ? O LEU A 160 N ASN A 60  ? N ASN A 60  
A 3 4 N LEU A 59  ? N LEU A 59  O GLY A 70  ? O GLY A 70  
A 4 5 N GLN A 76  ? N GLN A 76  O PHE A 83  ? O PHE A 83  
A 5 6 O VAL A 88  ? O VAL A 88  N VAL A 14  ? N VAL A 14  
A 6 7 N TYR A 15  ? N TYR A 15  O GLY A 174 ? O GLY A 174 
# 
_pdbx_entry_details.entry_id                   1JQ6 
_pdbx_entry_details.compound_details           ? 
_pdbx_entry_details.source_details             ? 
_pdbx_entry_details.nonpolymer_details         ? 
_pdbx_entry_details.sequence_details           ? 
_pdbx_entry_details.has_ligand_of_interest     ? 
_pdbx_entry_details.has_protein_modification   Y 
# 
loop_
_pdbx_validate_torsion.id 
_pdbx_validate_torsion.PDB_model_num 
_pdbx_validate_torsion.auth_comp_id 
_pdbx_validate_torsion.auth_asym_id 
_pdbx_validate_torsion.auth_seq_id 
_pdbx_validate_torsion.PDB_ins_code 
_pdbx_validate_torsion.label_alt_id 
_pdbx_validate_torsion.phi 
_pdbx_validate_torsion.psi 
1 1 ALA A 21  ? ? -174.35 139.94  
2 1 GLU A 40  ? ? 73.15   121.88  
3 1 ARG A 109 ? ? -62.99  -169.12 
4 1 PRO A 114 ? ? -58.43  -3.07   
5 1 LEU A 187 ? ? -39.40  122.57  
# 
loop_
_pdbx_struct_mod_residue.id 
_pdbx_struct_mod_residue.label_asym_id 
_pdbx_struct_mod_residue.label_comp_id 
_pdbx_struct_mod_residue.label_seq_id 
_pdbx_struct_mod_residue.auth_asym_id 
_pdbx_struct_mod_residue.auth_comp_id 
_pdbx_struct_mod_residue.auth_seq_id 
_pdbx_struct_mod_residue.PDB_ins_code 
_pdbx_struct_mod_residue.parent_comp_id 
_pdbx_struct_mod_residue.details 
1 A CAS 87  A CAS 87  ? CYS 'S-(DIMETHYLARSENIC)CYSTEINE' 
2 A CAS 161 A CAS 161 ? CYS 'S-(DIMETHYLARSENIC)CYSTEINE' 
3 A CAS 202 A CAS 202 ? CYS 'S-(DIMETHYLARSENIC)CYSTEINE' 
# 
loop_
_pdbx_unobs_or_zero_occ_residues.id 
_pdbx_unobs_or_zero_occ_residues.PDB_model_num 
_pdbx_unobs_or_zero_occ_residues.polymer_flag 
_pdbx_unobs_or_zero_occ_residues.occupancy_flag 
_pdbx_unobs_or_zero_occ_residues.auth_asym_id 
_pdbx_unobs_or_zero_occ_residues.auth_comp_id 
_pdbx_unobs_or_zero_occ_residues.auth_seq_id 
_pdbx_unobs_or_zero_occ_residues.PDB_ins_code 
_pdbx_unobs_or_zero_occ_residues.label_asym_id 
_pdbx_unobs_or_zero_occ_residues.label_comp_id 
_pdbx_unobs_or_zero_occ_residues.label_seq_id 
1  1 Y 1 A MET 1   ? A MET 1   
2  1 Y 1 A THR 2   ? A THR 2   
3  1 Y 1 A MET 3   ? A MET 3   
4  1 Y 1 A ASP 4   ? A ASP 4   
5  1 Y 1 A GLU 5   ? A GLU 5   
6  1 Y 1 A GLN 6   ? A GLN 6   
7  1 Y 1 A GLN 7   ? A GLN 7   
8  1 Y 1 A SER 8   ? A SER 8   
9  1 Y 1 A GLN 9   ? A GLN 9   
10 1 Y 1 A ALA 10  ? A ALA 10  
11 1 Y 1 A GLN 25  ? A GLN 25  
12 1 Y 1 A SER 26  ? A SER 26  
13 1 Y 1 A PRO 27  ? A PRO 27  
14 1 Y 1 A ASP 28  ? A ASP 28  
15 1 Y 1 A GLU 29  ? A GLU 29  
16 1 Y 1 A ALA 30  ? A ALA 30  
17 1 Y 1 A GLU 31  ? A GLU 31  
18 1 Y 1 A LEU 32  ? A LEU 32  
19 1 Y 1 A LEU 33  ? A LEU 33  
20 1 Y 1 A LEU 43  ? A LEU 43  
21 1 Y 1 A HIS 44  ? A HIS 44  
22 1 Y 1 A ALA 45  ? A ALA 45  
23 1 Y 1 A GLN 46  ? A GLN 46  
24 1 Y 1 A GLY 47  ? A GLY 47  
25 1 Y 1 A GLN 48  ? A GLN 48  
26 1 Y 1 A GLY 49  ? A GLY 49  
27 1 Y 1 A GLN 50  ? A GLN 50  
28 1 Y 1 A PRO 51  ? A PRO 51  
29 1 Y 1 A SER 52  ? A SER 52  
30 1 Y 1 A LEU 53  ? A LEU 53  
31 1 Y 1 A SER 54  ? A SER 54  
32 1 Y 0 A VAL 55  ? A VAL 55  
33 1 Y 1 A SER 135 ? A SER 135 
34 1 Y 1 A ARG 136 ? A ARG 136 
35 1 Y 1 A ARG 137 ? A ARG 137 
36 1 Y 1 A CYS 138 ? A CYS 138 
37 1 Y 1 A ASP 139 ? A ASP 139 
38 1 Y 1 A ASP 140 ? A ASP 140 
39 1 Y 1 A VAL 141 ? A VAL 141 
40 1 Y 1 A GLU 142 ? A GLU 142 
41 1 Y 1 A GLN 143 ? A GLN 143 
42 1 Y 1 A ALA 144 ? A ALA 144 
43 1 Y 1 A THR 145 ? A THR 145 
44 1 Y 1 A SER 146 ? A SER 146 
45 1 Y 1 A LEU 147 ? A LEU 147 
46 1 Y 1 A SER 148 ? A SER 148 
47 1 Y 1 A GLY 149 ? A GLY 149 
48 1 Y 1 A SER 150 ? A SER 150 
49 1 Y 1 A GLU 151 ? A GLU 151 
50 1 Y 1 A THR 152 ? A THR 152 
51 1 Y 1 A THR 153 ? A THR 153 
52 1 Y 1 A PRO 154 ? A PRO 154 
53 1 Y 1 A GLY 164 ? A GLY 164 
54 1 Y 1 A ARG 165 ? A ARG 165 
55 1 Y 1 A ARG 166 ? A ARG 166 
56 1 Y 1 A ARG 167 ? A ARG 167 
57 1 Y 1 A GLY 168 ? A GLY 168 
58 1 Y 1 A THR 169 ? A THR 169 
59 1 Y 1 A ILE 231 ? A ILE 231 
60 1 Y 1 A ARG 232 ? A ARG 232 
61 1 Y 1 A GLU 233 ? A GLU 233 
62 1 Y 1 A ARG 234 ? A ARG 234 
63 1 Y 1 A LEU 235 ? A LEU 235 
64 1 Y 1 A PRO 236 ? A PRO 236 
65 1 Y 1 A LYS 237 ? A LYS 237 
66 1 Y 1 A LEU 238 ? A LEU 238 
67 1 Y 1 A ARG 239 ? A ARG 239 
68 1 Y 1 A TYR 240 ? A TYR 240 
69 1 Y 1 A ASP 241 ? A ASP 241 
70 1 Y 1 A LYS 242 ? A LYS 242 
71 1 Y 1 A GLN 243 ? A GLN 243 
72 1 Y 1 A LEU 244 ? A LEU 244 
73 1 Y 1 A VAL 245 ? A VAL 245 
74 1 Y 1 A GLY 246 ? A GLY 246 
75 1 Y 1 A VAL 247 ? A VAL 247 
76 1 Y 1 A THR 248 ? A THR 248 
77 1 Y 1 A GLU 249 ? A GLU 249 
78 1 Y 1 A ARG 250 ? A ARG 250 
79 1 Y 1 A GLU 251 ? A GLU 251 
80 1 Y 1 A SER 252 ? A SER 252 
81 1 Y 1 A TYR 253 ? A TYR 253 
82 1 Y 1 A VAL 254 ? A VAL 254 
83 1 Y 1 A LYS 255 ? A LYS 255 
84 1 Y 1 A ALA 256 ? A ALA 256 
# 
loop_
_chem_comp_atom.comp_id 
_chem_comp_atom.atom_id 
_chem_comp_atom.type_symbol 
_chem_comp_atom.pdbx_aromatic_flag 
_chem_comp_atom.pdbx_stereo_config 
_chem_comp_atom.pdbx_ordinal 
ALA N    N  N N 1   
ALA CA   C  N S 2   
ALA C    C  N N 3   
ALA O    O  N N 4   
ALA CB   C  N N 5   
ALA OXT  O  N N 6   
ALA H    H  N N 7   
ALA H2   H  N N 8   
ALA HA   H  N N 9   
ALA HB1  H  N N 10  
ALA HB2  H  N N 11  
ALA HB3  H  N N 12  
ALA HXT  H  N N 13  
ARG N    N  N N 14  
ARG CA   C  N S 15  
ARG C    C  N N 16  
ARG O    O  N N 17  
ARG CB   C  N N 18  
ARG CG   C  N N 19  
ARG CD   C  N N 20  
ARG NE   N  N N 21  
ARG CZ   C  N N 22  
ARG NH1  N  N N 23  
ARG NH2  N  N N 24  
ARG OXT  O  N N 25  
ARG H    H  N N 26  
ARG H2   H  N N 27  
ARG HA   H  N N 28  
ARG HB2  H  N N 29  
ARG HB3  H  N N 30  
ARG HG2  H  N N 31  
ARG HG3  H  N N 32  
ARG HD2  H  N N 33  
ARG HD3  H  N N 34  
ARG HE   H  N N 35  
ARG HH11 H  N N 36  
ARG HH12 H  N N 37  
ARG HH21 H  N N 38  
ARG HH22 H  N N 39  
ARG HXT  H  N N 40  
ASN N    N  N N 41  
ASN CA   C  N S 42  
ASN C    C  N N 43  
ASN O    O  N N 44  
ASN CB   C  N N 45  
ASN CG   C  N N 46  
ASN OD1  O  N N 47  
ASN ND2  N  N N 48  
ASN OXT  O  N N 49  
ASN H    H  N N 50  
ASN H2   H  N N 51  
ASN HA   H  N N 52  
ASN HB2  H  N N 53  
ASN HB3  H  N N 54  
ASN HD21 H  N N 55  
ASN HD22 H  N N 56  
ASN HXT  H  N N 57  
ASP N    N  N N 58  
ASP CA   C  N S 59  
ASP C    C  N N 60  
ASP O    O  N N 61  
ASP CB   C  N N 62  
ASP CG   C  N N 63  
ASP OD1  O  N N 64  
ASP OD2  O  N N 65  
ASP OXT  O  N N 66  
ASP H    H  N N 67  
ASP H2   H  N N 68  
ASP HA   H  N N 69  
ASP HB2  H  N N 70  
ASP HB3  H  N N 71  
ASP HD2  H  N N 72  
ASP HXT  H  N N 73  
CAS N    N  N N 74  
CAS CA   C  N R 75  
CAS CB   C  N N 76  
CAS C    C  N N 77  
CAS O    O  N N 78  
CAS OXT  O  N N 79  
CAS SG   S  N N 80  
CAS AS   AS N N 81  
CAS CE1  C  N N 82  
CAS CE2  C  N N 83  
CAS H    H  N N 84  
CAS H2   H  N N 85  
CAS HA   H  N N 86  
CAS HB2  H  N N 87  
CAS HB3  H  N N 88  
CAS HXT  H  N N 89  
CAS HE11 H  N N 90  
CAS HE12 H  N N 91  
CAS HE13 H  N N 92  
CAS HE21 H  N N 93  
CAS HE22 H  N N 94  
CAS HE23 H  N N 95  
CYS N    N  N N 96  
CYS CA   C  N R 97  
CYS C    C  N N 98  
CYS O    O  N N 99  
CYS CB   C  N N 100 
CYS SG   S  N N 101 
CYS OXT  O  N N 102 
CYS H    H  N N 103 
CYS H2   H  N N 104 
CYS HA   H  N N 105 
CYS HB2  H  N N 106 
CYS HB3  H  N N 107 
CYS HG   H  N N 108 
CYS HXT  H  N N 109 
GLN N    N  N N 110 
GLN CA   C  N S 111 
GLN C    C  N N 112 
GLN O    O  N N 113 
GLN CB   C  N N 114 
GLN CG   C  N N 115 
GLN CD   C  N N 116 
GLN OE1  O  N N 117 
GLN NE2  N  N N 118 
GLN OXT  O  N N 119 
GLN H    H  N N 120 
GLN H2   H  N N 121 
GLN HA   H  N N 122 
GLN HB2  H  N N 123 
GLN HB3  H  N N 124 
GLN HG2  H  N N 125 
GLN HG3  H  N N 126 
GLN HE21 H  N N 127 
GLN HE22 H  N N 128 
GLN HXT  H  N N 129 
GLU N    N  N N 130 
GLU CA   C  N S 131 
GLU C    C  N N 132 
GLU O    O  N N 133 
GLU CB   C  N N 134 
GLU CG   C  N N 135 
GLU CD   C  N N 136 
GLU OE1  O  N N 137 
GLU OE2  O  N N 138 
GLU OXT  O  N N 139 
GLU H    H  N N 140 
GLU H2   H  N N 141 
GLU HA   H  N N 142 
GLU HB2  H  N N 143 
GLU HB3  H  N N 144 
GLU HG2  H  N N 145 
GLU HG3  H  N N 146 
GLU HE2  H  N N 147 
GLU HXT  H  N N 148 
GLY N    N  N N 149 
GLY CA   C  N N 150 
GLY C    C  N N 151 
GLY O    O  N N 152 
GLY OXT  O  N N 153 
GLY H    H  N N 154 
GLY H2   H  N N 155 
GLY HA2  H  N N 156 
GLY HA3  H  N N 157 
GLY HXT  H  N N 158 
HIS N    N  N N 159 
HIS CA   C  N S 160 
HIS C    C  N N 161 
HIS O    O  N N 162 
HIS CB   C  N N 163 
HIS CG   C  Y N 164 
HIS ND1  N  Y N 165 
HIS CD2  C  Y N 166 
HIS CE1  C  Y N 167 
HIS NE2  N  Y N 168 
HIS OXT  O  N N 169 
HIS H    H  N N 170 
HIS H2   H  N N 171 
HIS HA   H  N N 172 
HIS HB2  H  N N 173 
HIS HB3  H  N N 174 
HIS HD1  H  N N 175 
HIS HD2  H  N N 176 
HIS HE1  H  N N 177 
HIS HE2  H  N N 178 
HIS HXT  H  N N 179 
HOH O    O  N N 180 
HOH H1   H  N N 181 
HOH H2   H  N N 182 
ILE N    N  N N 183 
ILE CA   C  N S 184 
ILE C    C  N N 185 
ILE O    O  N N 186 
ILE CB   C  N S 187 
ILE CG1  C  N N 188 
ILE CG2  C  N N 189 
ILE CD1  C  N N 190 
ILE OXT  O  N N 191 
ILE H    H  N N 192 
ILE H2   H  N N 193 
ILE HA   H  N N 194 
ILE HB   H  N N 195 
ILE HG12 H  N N 196 
ILE HG13 H  N N 197 
ILE HG21 H  N N 198 
ILE HG22 H  N N 199 
ILE HG23 H  N N 200 
ILE HD11 H  N N 201 
ILE HD12 H  N N 202 
ILE HD13 H  N N 203 
ILE HXT  H  N N 204 
LEU N    N  N N 205 
LEU CA   C  N S 206 
LEU C    C  N N 207 
LEU O    O  N N 208 
LEU CB   C  N N 209 
LEU CG   C  N N 210 
LEU CD1  C  N N 211 
LEU CD2  C  N N 212 
LEU OXT  O  N N 213 
LEU H    H  N N 214 
LEU H2   H  N N 215 
LEU HA   H  N N 216 
LEU HB2  H  N N 217 
LEU HB3  H  N N 218 
LEU HG   H  N N 219 
LEU HD11 H  N N 220 
LEU HD12 H  N N 221 
LEU HD13 H  N N 222 
LEU HD21 H  N N 223 
LEU HD22 H  N N 224 
LEU HD23 H  N N 225 
LEU HXT  H  N N 226 
LYS N    N  N N 227 
LYS CA   C  N S 228 
LYS C    C  N N 229 
LYS O    O  N N 230 
LYS CB   C  N N 231 
LYS CG   C  N N 232 
LYS CD   C  N N 233 
LYS CE   C  N N 234 
LYS NZ   N  N N 235 
LYS OXT  O  N N 236 
LYS H    H  N N 237 
LYS H2   H  N N 238 
LYS HA   H  N N 239 
LYS HB2  H  N N 240 
LYS HB3  H  N N 241 
LYS HG2  H  N N 242 
LYS HG3  H  N N 243 
LYS HD2  H  N N 244 
LYS HD3  H  N N 245 
LYS HE2  H  N N 246 
LYS HE3  H  N N 247 
LYS HZ1  H  N N 248 
LYS HZ2  H  N N 249 
LYS HZ3  H  N N 250 
LYS HXT  H  N N 251 
MET N    N  N N 252 
MET CA   C  N S 253 
MET C    C  N N 254 
MET O    O  N N 255 
MET CB   C  N N 256 
MET CG   C  N N 257 
MET SD   S  N N 258 
MET CE   C  N N 259 
MET OXT  O  N N 260 
MET H    H  N N 261 
MET H2   H  N N 262 
MET HA   H  N N 263 
MET HB2  H  N N 264 
MET HB3  H  N N 265 
MET HG2  H  N N 266 
MET HG3  H  N N 267 
MET HE1  H  N N 268 
MET HE2  H  N N 269 
MET HE3  H  N N 270 
MET HXT  H  N N 271 
PHE N    N  N N 272 
PHE CA   C  N S 273 
PHE C    C  N N 274 
PHE O    O  N N 275 
PHE CB   C  N N 276 
PHE CG   C  Y N 277 
PHE CD1  C  Y N 278 
PHE CD2  C  Y N 279 
PHE CE1  C  Y N 280 
PHE CE2  C  Y N 281 
PHE CZ   C  Y N 282 
PHE OXT  O  N N 283 
PHE H    H  N N 284 
PHE H2   H  N N 285 
PHE HA   H  N N 286 
PHE HB2  H  N N 287 
PHE HB3  H  N N 288 
PHE HD1  H  N N 289 
PHE HD2  H  N N 290 
PHE HE1  H  N N 291 
PHE HE2  H  N N 292 
PHE HZ   H  N N 293 
PHE HXT  H  N N 294 
PRO N    N  N N 295 
PRO CA   C  N S 296 
PRO C    C  N N 297 
PRO O    O  N N 298 
PRO CB   C  N N 299 
PRO CG   C  N N 300 
PRO CD   C  N N 301 
PRO OXT  O  N N 302 
PRO H    H  N N 303 
PRO HA   H  N N 304 
PRO HB2  H  N N 305 
PRO HB3  H  N N 306 
PRO HG2  H  N N 307 
PRO HG3  H  N N 308 
PRO HD2  H  N N 309 
PRO HD3  H  N N 310 
PRO HXT  H  N N 311 
SER N    N  N N 312 
SER CA   C  N S 313 
SER C    C  N N 314 
SER O    O  N N 315 
SER CB   C  N N 316 
SER OG   O  N N 317 
SER OXT  O  N N 318 
SER H    H  N N 319 
SER H2   H  N N 320 
SER HA   H  N N 321 
SER HB2  H  N N 322 
SER HB3  H  N N 323 
SER HG   H  N N 324 
SER HXT  H  N N 325 
THR N    N  N N 326 
THR CA   C  N S 327 
THR C    C  N N 328 
THR O    O  N N 329 
THR CB   C  N R 330 
THR OG1  O  N N 331 
THR CG2  C  N N 332 
THR OXT  O  N N 333 
THR H    H  N N 334 
THR H2   H  N N 335 
THR HA   H  N N 336 
THR HB   H  N N 337 
THR HG1  H  N N 338 
THR HG21 H  N N 339 
THR HG22 H  N N 340 
THR HG23 H  N N 341 
THR HXT  H  N N 342 
TRP N    N  N N 343 
TRP CA   C  N S 344 
TRP C    C  N N 345 
TRP O    O  N N 346 
TRP CB   C  N N 347 
TRP CG   C  Y N 348 
TRP CD1  C  Y N 349 
TRP CD2  C  Y N 350 
TRP NE1  N  Y N 351 
TRP CE2  C  Y N 352 
TRP CE3  C  Y N 353 
TRP CZ2  C  Y N 354 
TRP CZ3  C  Y N 355 
TRP CH2  C  Y N 356 
TRP OXT  O  N N 357 
TRP H    H  N N 358 
TRP H2   H  N N 359 
TRP HA   H  N N 360 
TRP HB2  H  N N 361 
TRP HB3  H  N N 362 
TRP HD1  H  N N 363 
TRP HE1  H  N N 364 
TRP HE3  H  N N 365 
TRP HZ2  H  N N 366 
TRP HZ3  H  N N 367 
TRP HH2  H  N N 368 
TRP HXT  H  N N 369 
TYR N    N  N N 370 
TYR CA   C  N S 371 
TYR C    C  N N 372 
TYR O    O  N N 373 
TYR CB   C  N N 374 
TYR CG   C  Y N 375 
TYR CD1  C  Y N 376 
TYR CD2  C  Y N 377 
TYR CE1  C  Y N 378 
TYR CE2  C  Y N 379 
TYR CZ   C  Y N 380 
TYR OH   O  N N 381 
TYR OXT  O  N N 382 
TYR H    H  N N 383 
TYR H2   H  N N 384 
TYR HA   H  N N 385 
TYR HB2  H  N N 386 
TYR HB3  H  N N 387 
TYR HD1  H  N N 388 
TYR HD2  H  N N 389 
TYR HE1  H  N N 390 
TYR HE2  H  N N 391 
TYR HH   H  N N 392 
TYR HXT  H  N N 393 
VAL N    N  N N 394 
VAL CA   C  N S 395 
VAL C    C  N N 396 
VAL O    O  N N 397 
VAL CB   C  N N 398 
VAL CG1  C  N N 399 
VAL CG2  C  N N 400 
VAL OXT  O  N N 401 
VAL H    H  N N 402 
VAL H2   H  N N 403 
VAL HA   H  N N 404 
VAL HB   H  N N 405 
VAL HG11 H  N N 406 
VAL HG12 H  N N 407 
VAL HG13 H  N N 408 
VAL HG21 H  N N 409 
VAL HG22 H  N N 410 
VAL HG23 H  N N 411 
VAL HXT  H  N N 412 
# 
loop_
_chem_comp_bond.comp_id 
_chem_comp_bond.atom_id_1 
_chem_comp_bond.atom_id_2 
_chem_comp_bond.value_order 
_chem_comp_bond.pdbx_aromatic_flag 
_chem_comp_bond.pdbx_stereo_config 
_chem_comp_bond.pdbx_ordinal 
ALA N   CA   sing N N 1   
ALA N   H    sing N N 2   
ALA N   H2   sing N N 3   
ALA CA  C    sing N N 4   
ALA CA  CB   sing N N 5   
ALA CA  HA   sing N N 6   
ALA C   O    doub N N 7   
ALA C   OXT  sing N N 8   
ALA CB  HB1  sing N N 9   
ALA CB  HB2  sing N N 10  
ALA CB  HB3  sing N N 11  
ALA OXT HXT  sing N N 12  
ARG N   CA   sing N N 13  
ARG N   H    sing N N 14  
ARG N   H2   sing N N 15  
ARG CA  C    sing N N 16  
ARG CA  CB   sing N N 17  
ARG CA  HA   sing N N 18  
ARG C   O    doub N N 19  
ARG C   OXT  sing N N 20  
ARG CB  CG   sing N N 21  
ARG CB  HB2  sing N N 22  
ARG CB  HB3  sing N N 23  
ARG CG  CD   sing N N 24  
ARG CG  HG2  sing N N 25  
ARG CG  HG3  sing N N 26  
ARG CD  NE   sing N N 27  
ARG CD  HD2  sing N N 28  
ARG CD  HD3  sing N N 29  
ARG NE  CZ   sing N N 30  
ARG NE  HE   sing N N 31  
ARG CZ  NH1  sing N N 32  
ARG CZ  NH2  doub N N 33  
ARG NH1 HH11 sing N N 34  
ARG NH1 HH12 sing N N 35  
ARG NH2 HH21 sing N N 36  
ARG NH2 HH22 sing N N 37  
ARG OXT HXT  sing N N 38  
ASN N   CA   sing N N 39  
ASN N   H    sing N N 40  
ASN N   H2   sing N N 41  
ASN CA  C    sing N N 42  
ASN CA  CB   sing N N 43  
ASN CA  HA   sing N N 44  
ASN C   O    doub N N 45  
ASN C   OXT  sing N N 46  
ASN CB  CG   sing N N 47  
ASN CB  HB2  sing N N 48  
ASN CB  HB3  sing N N 49  
ASN CG  OD1  doub N N 50  
ASN CG  ND2  sing N N 51  
ASN ND2 HD21 sing N N 52  
ASN ND2 HD22 sing N N 53  
ASN OXT HXT  sing N N 54  
ASP N   CA   sing N N 55  
ASP N   H    sing N N 56  
ASP N   H2   sing N N 57  
ASP CA  C    sing N N 58  
ASP CA  CB   sing N N 59  
ASP CA  HA   sing N N 60  
ASP C   O    doub N N 61  
ASP C   OXT  sing N N 62  
ASP CB  CG   sing N N 63  
ASP CB  HB2  sing N N 64  
ASP CB  HB3  sing N N 65  
ASP CG  OD1  doub N N 66  
ASP CG  OD2  sing N N 67  
ASP OD2 HD2  sing N N 68  
ASP OXT HXT  sing N N 69  
CAS N   CA   sing N N 70  
CAS N   H    sing N N 71  
CAS N   H2   sing N N 72  
CAS CA  CB   sing N N 73  
CAS CA  C    sing N N 74  
CAS CA  HA   sing N N 75  
CAS CB  SG   sing N N 76  
CAS CB  HB2  sing N N 77  
CAS CB  HB3  sing N N 78  
CAS C   O    doub N N 79  
CAS C   OXT  sing N N 80  
CAS OXT HXT  sing N N 81  
CAS SG  AS   sing N N 82  
CAS AS  CE1  sing N N 83  
CAS AS  CE2  sing N N 84  
CAS CE1 HE11 sing N N 85  
CAS CE1 HE12 sing N N 86  
CAS CE1 HE13 sing N N 87  
CAS CE2 HE21 sing N N 88  
CAS CE2 HE22 sing N N 89  
CAS CE2 HE23 sing N N 90  
CYS N   CA   sing N N 91  
CYS N   H    sing N N 92  
CYS N   H2   sing N N 93  
CYS CA  C    sing N N 94  
CYS CA  CB   sing N N 95  
CYS CA  HA   sing N N 96  
CYS C   O    doub N N 97  
CYS C   OXT  sing N N 98  
CYS CB  SG   sing N N 99  
CYS CB  HB2  sing N N 100 
CYS CB  HB3  sing N N 101 
CYS SG  HG   sing N N 102 
CYS OXT HXT  sing N N 103 
GLN N   CA   sing N N 104 
GLN N   H    sing N N 105 
GLN N   H2   sing N N 106 
GLN CA  C    sing N N 107 
GLN CA  CB   sing N N 108 
GLN CA  HA   sing N N 109 
GLN C   O    doub N N 110 
GLN C   OXT  sing N N 111 
GLN CB  CG   sing N N 112 
GLN CB  HB2  sing N N 113 
GLN CB  HB3  sing N N 114 
GLN CG  CD   sing N N 115 
GLN CG  HG2  sing N N 116 
GLN CG  HG3  sing N N 117 
GLN CD  OE1  doub N N 118 
GLN CD  NE2  sing N N 119 
GLN NE2 HE21 sing N N 120 
GLN NE2 HE22 sing N N 121 
GLN OXT HXT  sing N N 122 
GLU N   CA   sing N N 123 
GLU N   H    sing N N 124 
GLU N   H2   sing N N 125 
GLU CA  C    sing N N 126 
GLU CA  CB   sing N N 127 
GLU CA  HA   sing N N 128 
GLU C   O    doub N N 129 
GLU C   OXT  sing N N 130 
GLU CB  CG   sing N N 131 
GLU CB  HB2  sing N N 132 
GLU CB  HB3  sing N N 133 
GLU CG  CD   sing N N 134 
GLU CG  HG2  sing N N 135 
GLU CG  HG3  sing N N 136 
GLU CD  OE1  doub N N 137 
GLU CD  OE2  sing N N 138 
GLU OE2 HE2  sing N N 139 
GLU OXT HXT  sing N N 140 
GLY N   CA   sing N N 141 
GLY N   H    sing N N 142 
GLY N   H2   sing N N 143 
GLY CA  C    sing N N 144 
GLY CA  HA2  sing N N 145 
GLY CA  HA3  sing N N 146 
GLY C   O    doub N N 147 
GLY C   OXT  sing N N 148 
GLY OXT HXT  sing N N 149 
HIS N   CA   sing N N 150 
HIS N   H    sing N N 151 
HIS N   H2   sing N N 152 
HIS CA  C    sing N N 153 
HIS CA  CB   sing N N 154 
HIS CA  HA   sing N N 155 
HIS C   O    doub N N 156 
HIS C   OXT  sing N N 157 
HIS CB  CG   sing N N 158 
HIS CB  HB2  sing N N 159 
HIS CB  HB3  sing N N 160 
HIS CG  ND1  sing Y N 161 
HIS CG  CD2  doub Y N 162 
HIS ND1 CE1  doub Y N 163 
HIS ND1 HD1  sing N N 164 
HIS CD2 NE2  sing Y N 165 
HIS CD2 HD2  sing N N 166 
HIS CE1 NE2  sing Y N 167 
HIS CE1 HE1  sing N N 168 
HIS NE2 HE2  sing N N 169 
HIS OXT HXT  sing N N 170 
HOH O   H1   sing N N 171 
HOH O   H2   sing N N 172 
ILE N   CA   sing N N 173 
ILE N   H    sing N N 174 
ILE N   H2   sing N N 175 
ILE CA  C    sing N N 176 
ILE CA  CB   sing N N 177 
ILE CA  HA   sing N N 178 
ILE C   O    doub N N 179 
ILE C   OXT  sing N N 180 
ILE CB  CG1  sing N N 181 
ILE CB  CG2  sing N N 182 
ILE CB  HB   sing N N 183 
ILE CG1 CD1  sing N N 184 
ILE CG1 HG12 sing N N 185 
ILE CG1 HG13 sing N N 186 
ILE CG2 HG21 sing N N 187 
ILE CG2 HG22 sing N N 188 
ILE CG2 HG23 sing N N 189 
ILE CD1 HD11 sing N N 190 
ILE CD1 HD12 sing N N 191 
ILE CD1 HD13 sing N N 192 
ILE OXT HXT  sing N N 193 
LEU N   CA   sing N N 194 
LEU N   H    sing N N 195 
LEU N   H2   sing N N 196 
LEU CA  C    sing N N 197 
LEU CA  CB   sing N N 198 
LEU CA  HA   sing N N 199 
LEU C   O    doub N N 200 
LEU C   OXT  sing N N 201 
LEU CB  CG   sing N N 202 
LEU CB  HB2  sing N N 203 
LEU CB  HB3  sing N N 204 
LEU CG  CD1  sing N N 205 
LEU CG  CD2  sing N N 206 
LEU CG  HG   sing N N 207 
LEU CD1 HD11 sing N N 208 
LEU CD1 HD12 sing N N 209 
LEU CD1 HD13 sing N N 210 
LEU CD2 HD21 sing N N 211 
LEU CD2 HD22 sing N N 212 
LEU CD2 HD23 sing N N 213 
LEU OXT HXT  sing N N 214 
LYS N   CA   sing N N 215 
LYS N   H    sing N N 216 
LYS N   H2   sing N N 217 
LYS CA  C    sing N N 218 
LYS CA  CB   sing N N 219 
LYS CA  HA   sing N N 220 
LYS C   O    doub N N 221 
LYS C   OXT  sing N N 222 
LYS CB  CG   sing N N 223 
LYS CB  HB2  sing N N 224 
LYS CB  HB3  sing N N 225 
LYS CG  CD   sing N N 226 
LYS CG  HG2  sing N N 227 
LYS CG  HG3  sing N N 228 
LYS CD  CE   sing N N 229 
LYS CD  HD2  sing N N 230 
LYS CD  HD3  sing N N 231 
LYS CE  NZ   sing N N 232 
LYS CE  HE2  sing N N 233 
LYS CE  HE3  sing N N 234 
LYS NZ  HZ1  sing N N 235 
LYS NZ  HZ2  sing N N 236 
LYS NZ  HZ3  sing N N 237 
LYS OXT HXT  sing N N 238 
MET N   CA   sing N N 239 
MET N   H    sing N N 240 
MET N   H2   sing N N 241 
MET CA  C    sing N N 242 
MET CA  CB   sing N N 243 
MET CA  HA   sing N N 244 
MET C   O    doub N N 245 
MET C   OXT  sing N N 246 
MET CB  CG   sing N N 247 
MET CB  HB2  sing N N 248 
MET CB  HB3  sing N N 249 
MET CG  SD   sing N N 250 
MET CG  HG2  sing N N 251 
MET CG  HG3  sing N N 252 
MET SD  CE   sing N N 253 
MET CE  HE1  sing N N 254 
MET CE  HE2  sing N N 255 
MET CE  HE3  sing N N 256 
MET OXT HXT  sing N N 257 
PHE N   CA   sing N N 258 
PHE N   H    sing N N 259 
PHE N   H2   sing N N 260 
PHE CA  C    sing N N 261 
PHE CA  CB   sing N N 262 
PHE CA  HA   sing N N 263 
PHE C   O    doub N N 264 
PHE C   OXT  sing N N 265 
PHE CB  CG   sing N N 266 
PHE CB  HB2  sing N N 267 
PHE CB  HB3  sing N N 268 
PHE CG  CD1  doub Y N 269 
PHE CG  CD2  sing Y N 270 
PHE CD1 CE1  sing Y N 271 
PHE CD1 HD1  sing N N 272 
PHE CD2 CE2  doub Y N 273 
PHE CD2 HD2  sing N N 274 
PHE CE1 CZ   doub Y N 275 
PHE CE1 HE1  sing N N 276 
PHE CE2 CZ   sing Y N 277 
PHE CE2 HE2  sing N N 278 
PHE CZ  HZ   sing N N 279 
PHE OXT HXT  sing N N 280 
PRO N   CA   sing N N 281 
PRO N   CD   sing N N 282 
PRO N   H    sing N N 283 
PRO CA  C    sing N N 284 
PRO CA  CB   sing N N 285 
PRO CA  HA   sing N N 286 
PRO C   O    doub N N 287 
PRO C   OXT  sing N N 288 
PRO CB  CG   sing N N 289 
PRO CB  HB2  sing N N 290 
PRO CB  HB3  sing N N 291 
PRO CG  CD   sing N N 292 
PRO CG  HG2  sing N N 293 
PRO CG  HG3  sing N N 294 
PRO CD  HD2  sing N N 295 
PRO CD  HD3  sing N N 296 
PRO OXT HXT  sing N N 297 
SER N   CA   sing N N 298 
SER N   H    sing N N 299 
SER N   H2   sing N N 300 
SER CA  C    sing N N 301 
SER CA  CB   sing N N 302 
SER CA  HA   sing N N 303 
SER C   O    doub N N 304 
SER C   OXT  sing N N 305 
SER CB  OG   sing N N 306 
SER CB  HB2  sing N N 307 
SER CB  HB3  sing N N 308 
SER OG  HG   sing N N 309 
SER OXT HXT  sing N N 310 
THR N   CA   sing N N 311 
THR N   H    sing N N 312 
THR N   H2   sing N N 313 
THR CA  C    sing N N 314 
THR CA  CB   sing N N 315 
THR CA  HA   sing N N 316 
THR C   O    doub N N 317 
THR C   OXT  sing N N 318 
THR CB  OG1  sing N N 319 
THR CB  CG2  sing N N 320 
THR CB  HB   sing N N 321 
THR OG1 HG1  sing N N 322 
THR CG2 HG21 sing N N 323 
THR CG2 HG22 sing N N 324 
THR CG2 HG23 sing N N 325 
THR OXT HXT  sing N N 326 
TRP N   CA   sing N N 327 
TRP N   H    sing N N 328 
TRP N   H2   sing N N 329 
TRP CA  C    sing N N 330 
TRP CA  CB   sing N N 331 
TRP CA  HA   sing N N 332 
TRP C   O    doub N N 333 
TRP C   OXT  sing N N 334 
TRP CB  CG   sing N N 335 
TRP CB  HB2  sing N N 336 
TRP CB  HB3  sing N N 337 
TRP CG  CD1  doub Y N 338 
TRP CG  CD2  sing Y N 339 
TRP CD1 NE1  sing Y N 340 
TRP CD1 HD1  sing N N 341 
TRP CD2 CE2  doub Y N 342 
TRP CD2 CE3  sing Y N 343 
TRP NE1 CE2  sing Y N 344 
TRP NE1 HE1  sing N N 345 
TRP CE2 CZ2  sing Y N 346 
TRP CE3 CZ3  doub Y N 347 
TRP CE3 HE3  sing N N 348 
TRP CZ2 CH2  doub Y N 349 
TRP CZ2 HZ2  sing N N 350 
TRP CZ3 CH2  sing Y N 351 
TRP CZ3 HZ3  sing N N 352 
TRP CH2 HH2  sing N N 353 
TRP OXT HXT  sing N N 354 
TYR N   CA   sing N N 355 
TYR N   H    sing N N 356 
TYR N   H2   sing N N 357 
TYR CA  C    sing N N 358 
TYR CA  CB   sing N N 359 
TYR CA  HA   sing N N 360 
TYR C   O    doub N N 361 
TYR C   OXT  sing N N 362 
TYR CB  CG   sing N N 363 
TYR CB  HB2  sing N N 364 
TYR CB  HB3  sing N N 365 
TYR CG  CD1  doub Y N 366 
TYR CG  CD2  sing Y N 367 
TYR CD1 CE1  sing Y N 368 
TYR CD1 HD1  sing N N 369 
TYR CD2 CE2  doub Y N 370 
TYR CD2 HD2  sing N N 371 
TYR CE1 CZ   doub Y N 372 
TYR CE1 HE1  sing N N 373 
TYR CE2 CZ   sing Y N 374 
TYR CE2 HE2  sing N N 375 
TYR CZ  OH   sing N N 376 
TYR OH  HH   sing N N 377 
TYR OXT HXT  sing N N 378 
VAL N   CA   sing N N 379 
VAL N   H    sing N N 380 
VAL N   H2   sing N N 381 
VAL CA  C    sing N N 382 
VAL CA  CB   sing N N 383 
VAL CA  HA   sing N N 384 
VAL C   O    doub N N 385 
VAL C   OXT  sing N N 386 
VAL CB  CG1  sing N N 387 
VAL CB  CG2  sing N N 388 
VAL CB  HB   sing N N 389 
VAL CG1 HG11 sing N N 390 
VAL CG1 HG12 sing N N 391 
VAL CG1 HG13 sing N N 392 
VAL CG2 HG21 sing N N 393 
VAL CG2 HG22 sing N N 394 
VAL CG2 HG23 sing N N 395 
VAL OXT HXT  sing N N 396 
# 
_pdbx_initial_refinement_model.id               1 
_pdbx_initial_refinement_model.entity_id_list   ? 
_pdbx_initial_refinement_model.type             'experimental model' 
_pdbx_initial_refinement_model.source_name      PDB 
_pdbx_initial_refinement_model.accession_code   1WPO 
_pdbx_initial_refinement_model.details          'PDB ENTRY 1WPO (monomer)' 
# 
_atom_sites.entry_id                    1JQ6 
_atom_sites.fract_transf_matrix[1][1]   0.01036223 
_atom_sites.fract_transf_matrix[1][2]   0.01957179 
_atom_sites.fract_transf_matrix[1][3]   0.00832001 
_atom_sites.fract_transf_matrix[2][1]   0.00768822 
_atom_sites.fract_transf_matrix[2][2]   -0.00480977 
_atom_sites.fract_transf_matrix[2][3]   0.00173902 
_atom_sites.fract_transf_matrix[3][1]   0.00312452 
_atom_sites.fract_transf_matrix[3][2]   0.00193859 
_atom_sites.fract_transf_matrix[3][3]   -0.00845176 
_atom_sites.fract_transf_vector[1]      0.327494 
_atom_sites.fract_transf_vector[2]      0.313721 
_atom_sites.fract_transf_vector[3]      0.401817 
# 
loop_
_atom_type.symbol 
AS 
C  
N  
O  
S  
# 
loop_
_atom_site.group_PDB 
_atom_site.id 
_atom_site.type_symbol 
_atom_site.label_atom_id 
_atom_site.label_alt_id 
_atom_site.label_comp_id 
_atom_site.label_asym_id 
_atom_site.label_entity_id 
_atom_site.label_seq_id 
_atom_site.pdbx_PDB_ins_code 
_atom_site.Cartn_x 
_atom_site.Cartn_y 
_atom_site.Cartn_z 
_atom_site.occupancy 
_atom_site.B_iso_or_equiv 
_atom_site.pdbx_formal_charge 
_atom_site.auth_seq_id 
_atom_site.auth_comp_id 
_atom_site.auth_asym_id 
_atom_site.auth_atom_id 
_atom_site.pdbx_PDB_model_num 
ATOM   1    N  N   . VAL A 1 11  ? -11.445 10.781  -4.886  1.00 49.17 ? 11  VAL A N   1 
ATOM   2    C  CA  . VAL A 1 11  ? -10.233 11.301  -4.175  1.00 48.54 ? 11  VAL A CA  1 
ATOM   3    C  C   . VAL A 1 11  ? -8.970  10.720  -4.796  1.00 46.33 ? 11  VAL A C   1 
ATOM   4    O  O   . VAL A 1 11  ? -9.006  9.654   -5.401  1.00 48.72 ? 11  VAL A O   1 
ATOM   5    C  CB  . VAL A 1 11  ? -10.268 10.935  -2.666  1.00 49.73 ? 11  VAL A CB  1 
ATOM   6    C  CG1 . VAL A 1 11  ? -9.022  11.459  -1.962  1.00 50.28 ? 11  VAL A CG1 1 
ATOM   7    C  CG2 . VAL A 1 11  ? -11.514 11.529  -2.024  1.00 49.67 ? 11  VAL A CG2 1 
ATOM   8    N  N   . ALA A 1 12  ? -7.858  11.434  -4.663  1.00 43.29 ? 12  ALA A N   1 
ATOM   9    C  CA  . ALA A 1 12  ? -6.594  10.965  -5.213  1.00 39.57 ? 12  ALA A CA  1 
ATOM   10   C  C   . ALA A 1 12  ? -6.100  9.780   -4.386  1.00 36.40 ? 12  ALA A C   1 
ATOM   11   O  O   . ALA A 1 12  ? -6.050  9.827   -3.161  1.00 35.58 ? 12  ALA A O   1 
ATOM   12   C  CB  . ALA A 1 12  ? -5.557  12.092  -5.197  1.00 39.50 ? 12  ALA A CB  1 
ATOM   13   N  N   . PRO A 1 13  ? -5.715  8.697   -5.053  1.00 34.85 ? 13  PRO A N   1 
ATOM   14   C  CA  . PRO A 1 13  ? -5.232  7.522   -4.332  1.00 31.90 ? 13  PRO A CA  1 
ATOM   15   C  C   . PRO A 1 13  ? -3.801  7.663   -3.817  1.00 30.15 ? 13  PRO A C   1 
ATOM   16   O  O   . PRO A 1 13  ? -3.070  8.593   -4.168  1.00 27.38 ? 13  PRO A O   1 
ATOM   17   C  CB  . PRO A 1 13  ? -5.325  6.433   -5.388  1.00 32.54 ? 13  PRO A CB  1 
ATOM   18   C  CG  . PRO A 1 13  ? -4.887  7.177   -6.617  1.00 31.20 ? 13  PRO A CG  1 
ATOM   19   C  CD  . PRO A 1 13  ? -5.636  8.492   -6.512  1.00 33.21 ? 13  PRO A CD  1 
ATOM   20   N  N   . VAL A 1 14  ? -3.422  6.733   -2.958  1.00 28.10 ? 14  VAL A N   1 
ATOM   21   C  CA  . VAL A 1 14  ? -2.067  6.679   -2.453  1.00 27.64 ? 14  VAL A CA  1 
ATOM   22   C  C   . VAL A 1 14  ? -1.595  5.305   -2.897  1.00 25.72 ? 14  VAL A C   1 
ATOM   23   O  O   . VAL A 1 14  ? -2.311  4.321   -2.741  1.00 26.18 ? 14  VAL A O   1 
ATOM   24   C  CB  . VAL A 1 14  ? -1.982  6.754   -0.902  1.00 26.95 ? 14  VAL A CB  1 
ATOM   25   C  CG1 . VAL A 1 14  ? -0.553  6.428   -0.458  1.00 25.85 ? 14  VAL A CG1 1 
ATOM   26   C  CG2 . VAL A 1 14  ? -2.369  8.145   -0.407  1.00 24.26 ? 14  VAL A CG2 1 
ATOM   27   N  N   . TYR A 1 15  ? -0.404  5.238   -3.473  1.00 25.35 ? 15  TYR A N   1 
ATOM   28   C  CA  . TYR A 1 15  ? 0.136   3.956   -3.908  1.00 24.06 ? 15  TYR A CA  1 
ATOM   29   C  C   . TYR A 1 15  ? 1.125   3.446   -2.879  1.00 23.36 ? 15  TYR A C   1 
ATOM   30   O  O   . TYR A 1 15  ? 1.778   4.230   -2.198  1.00 21.61 ? 15  TYR A O   1 
ATOM   31   C  CB  . TYR A 1 15  ? 0.819   4.095   -5.274  1.00 25.27 ? 15  TYR A CB  1 
ATOM   32   C  CG  . TYR A 1 15  ? -0.134  4.557   -6.336  1.00 26.99 ? 15  TYR A CG  1 
ATOM   33   C  CD1 . TYR A 1 15  ? -0.456  5.907   -6.465  1.00 27.80 ? 15  TYR A CD1 1 
ATOM   34   C  CD2 . TYR A 1 15  ? -0.790  3.638   -7.155  1.00 29.28 ? 15  TYR A CD2 1 
ATOM   35   C  CE1 . TYR A 1 15  ? -1.411  6.334   -7.373  1.00 28.59 ? 15  TYR A CE1 1 
ATOM   36   C  CE2 . TYR A 1 15  ? -1.753  4.054   -8.074  1.00 29.62 ? 15  TYR A CE2 1 
ATOM   37   C  CZ  . TYR A 1 15  ? -2.058  5.404   -8.174  1.00 31.33 ? 15  TYR A CZ  1 
ATOM   38   O  OH  . TYR A 1 15  ? -3.011  5.825   -9.069  1.00 33.70 ? 15  TYR A OH  1 
ATOM   39   N  N   . VAL A 1 16  ? 1.223   2.128   -2.762  1.00 25.11 ? 16  VAL A N   1 
ATOM   40   C  CA  . VAL A 1 16  ? 2.142   1.515   -1.817  1.00 24.88 ? 16  VAL A CA  1 
ATOM   41   C  C   . VAL A 1 16  ? 2.868   0.339   -2.467  1.00 27.63 ? 16  VAL A C   1 
ATOM   42   O  O   . VAL A 1 16  ? 2.283   -0.433  -3.233  1.00 30.15 ? 16  VAL A O   1 
ATOM   43   C  CB  . VAL A 1 16  ? 1.399   1.041   -0.514  1.00 25.36 ? 16  VAL A CB  1 
ATOM   44   C  CG1 . VAL A 1 16  ? 0.334   0.006   -0.849  1.00 24.91 ? 16  VAL A CG1 1 
ATOM   45   C  CG2 . VAL A 1 16  ? 2.396   0.473   0.498   1.00 23.72 ? 16  VAL A CG2 1 
ATOM   46   N  N   . GLY A 1 17  ? 4.157   0.226   -2.168  1.00 28.81 ? 17  GLY A N   1 
ATOM   47   C  CA  . GLY A 1 17  ? 4.960   -0.846  -2.712  1.00 28.89 ? 17  GLY A CA  1 
ATOM   48   C  C   . GLY A 1 17  ? 5.931   -1.403  -1.686  1.00 30.52 ? 17  GLY A C   1 
ATOM   49   O  O   . GLY A 1 17  ? 6.242   -0.762  -0.681  1.00 31.06 ? 17  GLY A O   1 
ATOM   50   N  N   . GLY A 1 18  ? 6.407   -2.611  -1.952  1.00 31.92 ? 18  GLY A N   1 
ATOM   51   C  CA  . GLY A 1 18  ? 7.353   -3.266  -1.071  1.00 33.73 ? 18  GLY A CA  1 
ATOM   52   C  C   . GLY A 1 18  ? 7.371   -4.757  -1.354  1.00 34.35 ? 18  GLY A C   1 
ATOM   53   O  O   . GLY A 1 18  ? 6.514   -5.265  -2.084  1.00 32.09 ? 18  GLY A O   1 
ATOM   54   N  N   . PHE A 1 19  ? 8.346   -5.461  -0.790  1.00 34.16 ? 19  PHE A N   1 
ATOM   55   C  CA  . PHE A 1 19  ? 8.428   -6.897  -0.990  1.00 34.82 ? 19  PHE A CA  1 
ATOM   56   C  C   . PHE A 1 19  ? 7.520   -7.620  -0.015  1.00 35.83 ? 19  PHE A C   1 
ATOM   57   O  O   . PHE A 1 19  ? 7.417   -7.239  1.145   1.00 37.11 ? 19  PHE A O   1 
ATOM   58   C  CB  . PHE A 1 19  ? 9.862   -7.388  -0.800  1.00 34.37 ? 19  PHE A CB  1 
ATOM   59   C  CG  . PHE A 1 19  ? 10.805  -6.910  -1.855  1.00 34.00 ? 19  PHE A CG  1 
ATOM   60   C  CD1 . PHE A 1 19  ? 11.387  -5.653  -1.764  1.00 33.86 ? 19  PHE A CD1 1 
ATOM   61   C  CD2 . PHE A 1 19  ? 11.093  -7.707  -2.960  1.00 33.20 ? 19  PHE A CD2 1 
ATOM   62   C  CE1 . PHE A 1 19  ? 12.243  -5.196  -2.752  1.00 32.80 ? 19  PHE A CE1 1 
ATOM   63   C  CE2 . PHE A 1 19  ? 11.949  -7.260  -3.956  1.00 33.51 ? 19  PHE A CE2 1 
ATOM   64   C  CZ  . PHE A 1 19  ? 12.527  -6.001  -3.855  1.00 33.94 ? 19  PHE A CZ  1 
ATOM   65   N  N   . LEU A 1 20  ? 6.846   -8.656  -0.499  1.00 38.28 ? 20  LEU A N   1 
ATOM   66   C  CA  . LEU A 1 20  ? 5.960   -9.452  0.339   1.00 41.15 ? 20  LEU A CA  1 
ATOM   67   C  C   . LEU A 1 20  ? 6.781   -10.625 0.856   1.00 44.47 ? 20  LEU A C   1 
ATOM   68   O  O   . LEU A 1 20  ? 6.368   -11.350 1.756   1.00 45.94 ? 20  LEU A O   1 
ATOM   69   C  CB  . LEU A 1 20  ? 4.770   -9.965  -0.472  1.00 39.86 ? 20  LEU A CB  1 
ATOM   70   C  CG  . LEU A 1 20  ? 3.766   -8.924  -0.974  1.00 40.94 ? 20  LEU A CG  1 
ATOM   71   C  CD1 . LEU A 1 20  ? 2.784   -9.584  -1.935  1.00 39.97 ? 20  LEU A CD1 1 
ATOM   72   C  CD2 . LEU A 1 20  ? 3.028   -8.307  0.214   1.00 40.41 ? 20  LEU A CD2 1 
ATOM   73   N  N   . ALA A 1 21  ? 7.961   -10.796 0.273   1.00 47.34 ? 21  ALA A N   1 
ATOM   74   C  CA  . ALA A 1 21  ? 8.860   -11.867 0.661   1.00 51.35 ? 21  ALA A CA  1 
ATOM   75   C  C   . ALA A 1 21  ? 10.176  -11.715 -0.086  1.00 53.75 ? 21  ALA A C   1 
ATOM   76   O  O   . ALA A 1 21  ? 10.188  -11.353 -1.262  1.00 54.25 ? 21  ALA A O   1 
ATOM   77   C  CB  . ALA A 1 21  ? 8.230   -13.220 0.341   1.00 49.58 ? 21  ALA A CB  1 
ATOM   78   N  N   . ARG A 1 22  ? 11.283  -11.965 0.605   1.00 57.92 ? 22  ARG A N   1 
ATOM   79   C  CA  . ARG A 1 22  ? 12.602  -11.886 -0.019  1.00 60.89 ? 22  ARG A CA  1 
ATOM   80   C  C   . ARG A 1 22  ? 12.980  -13.334 -0.311  1.00 62.36 ? 22  ARG A C   1 
ATOM   81   O  O   . ARG A 1 22  ? 12.417  -14.250 0.289   1.00 61.99 ? 22  ARG A O   1 
ATOM   82   C  CB  . ARG A 1 22  ? 13.629  -11.262 0.934   1.00 61.58 ? 22  ARG A CB  1 
ATOM   83   C  CG  . ARG A 1 22  ? 13.106  -10.105 1.785   1.00 63.26 ? 22  ARG A CG  1 
ATOM   84   C  CD  . ARG A 1 22  ? 12.581  -8.922  0.967   1.00 64.68 ? 22  ARG A CD  1 
ATOM   85   N  NE  . ARG A 1 22  ? 13.602  -7.915  0.674   1.00 65.67 ? 22  ARG A NE  1 
ATOM   86   C  CZ  . ARG A 1 22  ? 14.312  -7.866  -0.448  1.00 67.79 ? 22  ARG A CZ  1 
ATOM   87   N  NH1 . ARG A 1 22  ? 14.120  -8.770  -1.397  1.00 68.15 ? 22  ARG A NH1 1 
ATOM   88   N  NH2 . ARG A 1 22  ? 15.210  -6.906  -0.627  1.00 67.73 ? 22  ARG A NH2 1 
ATOM   89   N  N   . TYR A 1 23  ? 13.908  -13.555 -1.236  1.00 64.84 ? 23  TYR A N   1 
ATOM   90   C  CA  . TYR A 1 23  ? 14.310  -14.921 -1.549  1.00 66.46 ? 23  TYR A CA  1 
ATOM   91   C  C   . TYR A 1 23  ? 15.551  -15.327 -0.765  1.00 69.04 ? 23  TYR A C   1 
ATOM   92   O  O   . TYR A 1 23  ? 15.930  -16.501 -0.748  1.00 69.58 ? 23  TYR A O   1 
ATOM   93   C  CB  . TYR A 1 23  ? 14.555  -15.085 -3.053  1.00 64.78 ? 23  TYR A CB  1 
ATOM   94   C  CG  . TYR A 1 23  ? 13.298  -14.954 -3.886  1.00 62.54 ? 23  TYR A CG  1 
ATOM   95   C  CD1 . TYR A 1 23  ? 12.089  -15.494 -3.442  1.00 61.61 ? 23  TYR A CD1 1 
ATOM   96   C  CD2 . TYR A 1 23  ? 13.316  -14.291 -5.112  1.00 61.05 ? 23  TYR A CD2 1 
ATOM   97   C  CE1 . TYR A 1 23  ? 10.927  -15.372 -4.196  1.00 59.46 ? 23  TYR A CE1 1 
ATOM   98   C  CE2 . TYR A 1 23  ? 12.157  -14.165 -5.878  1.00 59.14 ? 23  TYR A CE2 1 
ATOM   99   C  CZ  . TYR A 1 23  ? 10.968  -14.707 -5.411  1.00 60.16 ? 23  TYR A CZ  1 
ATOM   100  O  OH  . TYR A 1 23  ? 9.816   -14.570 -6.151  1.00 60.19 ? 23  TYR A OH  1 
ATOM   101  N  N   . ASP A 1 24  ? 16.172  -14.350 -0.106  1.00 71.30 ? 24  ASP A N   1 
ATOM   102  C  CA  . ASP A 1 24  ? 17.368  -14.593 0.695   1.00 72.89 ? 24  ASP A CA  1 
ATOM   103  C  C   . ASP A 1 24  ? 17.238  -13.976 2.085   1.00 73.69 ? 24  ASP A C   1 
ATOM   104  O  O   . ASP A 1 24  ? 16.223  -14.146 2.762   1.00 73.95 ? 24  ASP A O   1 
ATOM   105  C  CB  . ASP A 1 24  ? 18.599  -14.016 -0.007  1.00 74.30 ? 24  ASP A CB  1 
ATOM   106  C  CG  . ASP A 1 24  ? 18.856  -14.658 -1.355  1.00 75.70 ? 24  ASP A CG  1 
ATOM   107  O  OD1 . ASP A 1 24  ? 19.022  -15.896 -1.402  1.00 77.02 ? 24  ASP A OD1 1 
ATOM   108  O  OD2 . ASP A 1 24  ? 18.893  -13.924 -2.366  1.00 75.77 ? 24  ASP A OD2 1 
ATOM   109  N  N   . LEU A 1 34  ? 9.835   -17.603 1.013   1.00 72.38 ? 34  LEU A N   1 
ATOM   110  C  CA  . LEU A 1 34  ? 9.287   -18.383 -0.093  1.00 72.52 ? 34  LEU A CA  1 
ATOM   111  C  C   . LEU A 1 34  ? 10.273  -18.514 -1.255  1.00 72.39 ? 34  LEU A C   1 
ATOM   112  O  O   . LEU A 1 34  ? 10.880  -17.531 -1.682  1.00 72.92 ? 34  LEU A O   1 
ATOM   113  C  CB  . LEU A 1 34  ? 7.989   -17.751 -0.602  1.00 72.01 ? 34  LEU A CB  1 
ATOM   114  C  CG  . LEU A 1 34  ? 6.755   -17.826 0.300   1.00 72.52 ? 34  LEU A CG  1 
ATOM   115  C  CD1 . LEU A 1 34  ? 7.017   -17.111 1.621   1.00 72.09 ? 34  LEU A CD1 1 
ATOM   116  C  CD2 . LEU A 1 34  ? 5.572   -17.200 -0.429  1.00 72.12 ? 34  LEU A CD2 1 
ATOM   117  N  N   . PRO A 1 35  ? 10.446  -19.740 -1.776  1.00 71.81 ? 35  PRO A N   1 
ATOM   118  C  CA  . PRO A 1 35  ? 11.353  -20.024 -2.892  1.00 71.12 ? 35  PRO A CA  1 
ATOM   119  C  C   . PRO A 1 35  ? 10.876  -19.444 -4.224  1.00 69.97 ? 35  PRO A C   1 
ATOM   120  O  O   . PRO A 1 35  ? 9.683   -19.455 -4.531  1.00 68.59 ? 35  PRO A O   1 
ATOM   121  C  CB  . PRO A 1 35  ? 11.402  -21.553 -2.919  1.00 71.44 ? 35  PRO A CB  1 
ATOM   122  C  CG  . PRO A 1 35  ? 11.108  -21.935 -1.501  1.00 71.85 ? 35  PRO A CG  1 
ATOM   123  C  CD  . PRO A 1 35  ? 9.986   -20.993 -1.156  1.00 71.98 ? 35  PRO A CD  1 
ATOM   124  N  N   . ARG A 1 36  ? 11.830  -18.954 -5.010  1.00 69.52 ? 36  ARG A N   1 
ATOM   125  C  CA  . ARG A 1 36  ? 11.559  -18.355 -6.312  1.00 69.45 ? 36  ARG A CA  1 
ATOM   126  C  C   . ARG A 1 36  ? 10.659  -19.232 -7.182  1.00 70.52 ? 36  ARG A C   1 
ATOM   127  O  O   . ARG A 1 36  ? 9.710   -18.739 -7.793  1.00 71.06 ? 36  ARG A O   1 
ATOM   128  C  CB  . ARG A 1 36  ? 12.882  -18.085 -7.036  1.00 67.68 ? 36  ARG A CB  1 
ATOM   129  C  CG  . ARG A 1 36  ? 12.756  -17.271 -8.310  1.00 65.80 ? 36  ARG A CG  1 
ATOM   130  C  CD  . ARG A 1 36  ? 14.107  -17.124 -8.995  1.00 64.00 ? 36  ARG A CD  1 
ATOM   131  N  NE  . ARG A 1 36  ? 15.101  -16.480 -8.137  1.00 61.44 ? 36  ARG A NE  1 
ATOM   132  C  CZ  . ARG A 1 36  ? 15.145  -15.177 -7.878  1.00 60.74 ? 36  ARG A CZ  1 
ATOM   133  N  NH1 . ARG A 1 36  ? 14.250  -14.356 -8.414  1.00 58.78 ? 36  ARG A NH1 1 
ATOM   134  N  NH2 . ARG A 1 36  ? 16.091  -14.692 -7.082  1.00 59.36 ? 36  ARG A NH2 1 
ATOM   135  N  N   . ASP A 1 37  ? 10.961  -20.527 -7.240  1.00 72.12 ? 37  ASP A N   1 
ATOM   136  C  CA  . ASP A 1 37  ? 10.171  -21.468 -8.033  1.00 73.37 ? 37  ASP A CA  1 
ATOM   137  C  C   . ASP A 1 37  ? 8.763   -21.621 -7.459  1.00 73.78 ? 37  ASP A C   1 
ATOM   138  O  O   . ASP A 1 37  ? 7.787   -21.739 -8.204  1.00 72.98 ? 37  ASP A O   1 
ATOM   139  C  CB  . ASP A 1 37  ? 10.860  -22.839 -8.079  1.00 74.48 ? 37  ASP A CB  1 
ATOM   140  C  CG  . ASP A 1 37  ? 11.114  -23.416 -6.692  1.00 75.42 ? 37  ASP A CG  1 
ATOM   141  O  OD1 . ASP A 1 37  ? 11.879  -22.796 -5.920  1.00 75.58 ? 37  ASP A OD1 1 
ATOM   142  O  OD2 . ASP A 1 37  ? 10.553  -24.489 -6.376  1.00 75.00 ? 37  ASP A OD2 1 
ATOM   143  N  N   . VAL A 1 38  ? 8.668   -21.630 -6.129  1.00 74.26 ? 38  VAL A N   1 
ATOM   144  C  CA  . VAL A 1 38  ? 7.383   -21.753 -5.446  1.00 74.28 ? 38  VAL A CA  1 
ATOM   145  C  C   . VAL A 1 38  ? 6.516   -20.558 -5.828  1.00 73.72 ? 38  VAL A C   1 
ATOM   146  O  O   . VAL A 1 38  ? 5.462   -20.718 -6.446  1.00 73.24 ? 38  VAL A O   1 
ATOM   147  C  CB  . VAL A 1 38  ? 7.561   -21.771 -3.912  1.00 74.70 ? 38  VAL A CB  1 
ATOM   148  C  CG1 . VAL A 1 38  ? 6.201   -21.844 -3.235  1.00 74.66 ? 38  VAL A CG1 1 
ATOM   149  C  CG2 . VAL A 1 38  ? 8.429   -22.952 -3.503  1.00 74.33 ? 38  VAL A CG2 1 
ATOM   150  N  N   . VAL A 1 39  ? 6.967   -19.364 -5.451  1.00 73.04 ? 39  VAL A N   1 
ATOM   151  C  CA  . VAL A 1 39  ? 6.246   -18.138 -5.777  1.00 72.87 ? 39  VAL A CA  1 
ATOM   152  C  C   . VAL A 1 39  ? 6.150   -18.110 -7.297  1.00 73.80 ? 39  VAL A C   1 
ATOM   153  O  O   . VAL A 1 39  ? 5.342   -17.383 -7.876  1.00 73.96 ? 39  VAL A O   1 
ATOM   154  C  CB  . VAL A 1 39  ? 7.014   -16.886 -5.281  1.00 71.84 ? 39  VAL A CB  1 
ATOM   155  C  CG1 . VAL A 1 39  ? 6.274   -15.622 -5.678  1.00 71.13 ? 39  VAL A CG1 1 
ATOM   156  C  CG2 . VAL A 1 39  ? 7.172   -16.937 -3.774  1.00 70.57 ? 39  VAL A CG2 1 
ATOM   157  N  N   . GLU A 1 40  ? 6.989   -18.929 -7.925  1.00 75.23 ? 40  GLU A N   1 
ATOM   158  C  CA  . GLU A 1 40  ? 7.054   -19.063 -9.374  1.00 76.73 ? 40  GLU A CA  1 
ATOM   159  C  C   . GLU A 1 40  ? 7.704   -17.860 -10.027 1.00 77.69 ? 40  GLU A C   1 
ATOM   160  O  O   . GLU A 1 40  ? 7.246   -16.729 -9.864  1.00 77.66 ? 40  GLU A O   1 
ATOM   161  C  CB  . GLU A 1 40  ? 5.655   -19.276 -9.960  1.00 76.65 ? 40  GLU A CB  1 
ATOM   162  C  CG  . GLU A 1 40  ? 4.943   -20.490 -9.397  1.00 77.21 ? 40  GLU A CG  1 
ATOM   163  C  CD  . GLU A 1 40  ? 3.580   -20.701 -10.010 1.00 78.02 ? 40  GLU A CD  1 
ATOM   164  O  OE1 . GLU A 1 40  ? 2.876   -21.636 -9.573  1.00 78.67 ? 40  GLU A OE1 1 
ATOM   165  O  OE2 . GLU A 1 40  ? 3.214   -19.937 -10.930 1.00 78.58 ? 40  GLU A OE2 1 
ATOM   166  N  N   . HIS A 1 41  ? 8.782   -18.109 -10.762 1.00 79.38 ? 41  HIS A N   1 
ATOM   167  C  CA  . HIS A 1 41  ? 9.483   -17.040 -11.450 1.00 80.94 ? 41  HIS A CA  1 
ATOM   168  C  C   . HIS A 1 41  ? 8.920   -16.867 -12.853 1.00 81.30 ? 41  HIS A C   1 
ATOM   169  O  O   . HIS A 1 41  ? 8.985   -17.781 -13.677 1.00 80.68 ? 41  HIS A O   1 
ATOM   170  C  CB  . HIS A 1 41  ? 10.980  -17.339 -11.532 1.00 82.01 ? 41  HIS A CB  1 
ATOM   171  C  CG  . HIS A 1 41  ? 11.752  -16.304 -12.287 1.00 84.45 ? 41  HIS A CG  1 
ATOM   172  N  ND1 . HIS A 1 41  ? 11.688  -14.960 -11.983 1.00 85.56 ? 41  HIS A ND1 1 
ATOM   173  C  CD2 . HIS A 1 41  ? 12.596  -16.412 -13.341 1.00 85.34 ? 41  HIS A CD2 1 
ATOM   174  C  CE1 . HIS A 1 41  ? 12.460  -14.286 -12.817 1.00 86.20 ? 41  HIS A CE1 1 
ATOM   175  N  NE2 . HIS A 1 41  ? 13.022  -15.142 -13.651 1.00 86.53 ? 41  HIS A NE2 1 
ATOM   176  N  N   . TRP A 1 42  ? 8.362   -15.689 -13.114 1.00 81.98 ? 42  TRP A N   1 
ATOM   177  C  CA  . TRP A 1 42  ? 7.784   -15.381 -14.414 1.00 82.26 ? 42  TRP A CA  1 
ATOM   178  C  C   . TRP A 1 42  ? 8.392   -14.111 -14.997 1.00 82.13 ? 42  TRP A C   1 
ATOM   179  O  O   . TRP A 1 42  ? 9.309   -14.172 -15.814 1.00 82.48 ? 42  TRP A O   1 
ATOM   180  C  CB  . TRP A 1 42  ? 6.264   -15.222 -14.296 1.00 82.93 ? 42  TRP A CB  1 
ATOM   181  C  CG  . TRP A 1 42  ? 5.534   -16.521 -14.110 1.00 83.35 ? 42  TRP A CG  1 
ATOM   182  C  CD1 . TRP A 1 42  ? 5.619   -17.368 -13.042 1.00 83.26 ? 42  TRP A CD1 1 
ATOM   183  C  CD2 . TRP A 1 42  ? 4.625   -17.129 -15.035 1.00 83.71 ? 42  TRP A CD2 1 
ATOM   184  N  NE1 . TRP A 1 42  ? 4.818   -18.469 -13.243 1.00 83.91 ? 42  TRP A NE1 1 
ATOM   185  C  CE2 . TRP A 1 42  ? 4.197   -18.348 -14.460 1.00 84.08 ? 42  TRP A CE2 1 
ATOM   186  C  CE3 . TRP A 1 42  ? 4.130   -16.764 -16.296 1.00 83.43 ? 42  TRP A CE3 1 
ATOM   187  C  CZ2 . TRP A 1 42  ? 3.296   -19.207 -15.102 1.00 83.96 ? 42  TRP A CZ2 1 
ATOM   188  C  CZ3 . TRP A 1 42  ? 3.233   -17.619 -16.937 1.00 83.65 ? 42  TRP A CZ3 1 
ATOM   189  C  CH2 . TRP A 1 42  ? 2.827   -18.827 -16.336 1.00 84.02 ? 42  TRP A CH2 1 
ATOM   190  N  N   . VAL A 1 55  ? -10.073 -10.804 -9.377  0.00 51.83 ? 55  VAL A N   1 
ATOM   191  C  CA  . VAL A 1 55  ? -8.844  -11.571 -9.220  0.00 51.84 ? 55  VAL A CA  1 
ATOM   192  C  C   . VAL A 1 55  ? -7.816  -10.792 -8.401  0.00 51.86 ? 55  VAL A C   1 
ATOM   193  O  O   . VAL A 1 55  ? -7.008  -11.379 -7.681  0.00 51.83 ? 55  VAL A O   1 
ATOM   194  C  CB  . VAL A 1 55  ? -8.234  -11.927 -10.596 0.00 51.85 ? 55  VAL A CB  1 
ATOM   195  C  CG1 . VAL A 1 55  ? -7.899  -10.658 -11.363 0.00 51.87 ? 55  VAL A CG1 1 
ATOM   196  C  CG2 . VAL A 1 55  ? -6.996  -12.788 -10.410 0.00 51.87 ? 55  VAL A CG2 1 
ATOM   197  N  N   . ALA A 1 56  ? -7.856  -9.468  -8.516  1.00 51.86 ? 56  ALA A N   1 
ATOM   198  C  CA  . ALA A 1 56  ? -6.938  -8.590  -7.787  1.00 52.28 ? 56  ALA A CA  1 
ATOM   199  C  C   . ALA A 1 56  ? -7.197  -8.654  -6.286  1.00 50.80 ? 56  ALA A C   1 
ATOM   200  O  O   . ALA A 1 56  ? -8.303  -8.393  -5.818  1.00 52.93 ? 56  ALA A O   1 
ATOM   201  C  CB  . ALA A 1 56  ? -7.082  -7.147  -8.274  1.00 52.15 ? 56  ALA A CB  1 
ATOM   202  N  N   . LEU A 1 57  ? -6.159  -8.989  -5.538  1.00 48.83 ? 57  LEU A N   1 
ATOM   203  C  CA  . LEU A 1 57  ? -6.261  -9.101  -4.094  1.00 45.57 ? 57  LEU A CA  1 
ATOM   204  C  C   . LEU A 1 57  ? -6.593  -7.764  -3.455  1.00 42.91 ? 57  LEU A C   1 
ATOM   205  O  O   . LEU A 1 57  ? -6.042  -6.729  -3.828  1.00 40.54 ? 57  LEU A O   1 
ATOM   206  C  CB  . LEU A 1 57  ? -4.937  -9.598  -3.523  1.00 45.84 ? 57  LEU A CB  1 
ATOM   207  C  CG  . LEU A 1 57  ? -4.255  -10.667 -4.370  1.00 46.04 ? 57  LEU A CG  1 
ATOM   208  C  CD1 . LEU A 1 57  ? -2.889  -11.006 -3.789  1.00 47.17 ? 57  LEU A CD1 1 
ATOM   209  C  CD2 . LEU A 1 57  ? -5.151  -11.890 -4.426  1.00 48.38 ? 57  LEU A CD2 1 
ATOM   210  N  N   . PRO A 1 58  ? -7.521  -7.764  -2.489  1.00 41.81 ? 58  PRO A N   1 
ATOM   211  C  CA  . PRO A 1 58  ? -7.835  -6.486  -1.857  1.00 39.27 ? 58  PRO A CA  1 
ATOM   212  C  C   . PRO A 1 58  ? -6.731  -6.125  -0.869  1.00 37.04 ? 58  PRO A C   1 
ATOM   213  O  O   . PRO A 1 58  ? -5.934  -6.973  -0.471  1.00 35.22 ? 58  PRO A O   1 
ATOM   214  C  CB  . PRO A 1 58  ? -9.172  -6.759  -1.169  1.00 39.94 ? 58  PRO A CB  1 
ATOM   215  C  CG  . PRO A 1 58  ? -9.103  -8.219  -0.852  1.00 40.49 ? 58  PRO A CG  1 
ATOM   216  C  CD  . PRO A 1 58  ? -8.497  -8.803  -2.106  1.00 40.59 ? 58  PRO A CD  1 
ATOM   217  N  N   . LEU A 1 59  ? -6.675  -4.852  -0.506  1.00 36.75 ? 59  LEU A N   1 
ATOM   218  C  CA  . LEU A 1 59  ? -5.703  -4.353  0.466   1.00 35.07 ? 59  LEU A CA  1 
ATOM   219  C  C   . LEU A 1 59  ? -6.490  -3.997  1.719   1.00 34.39 ? 59  LEU A C   1 
ATOM   220  O  O   . LEU A 1 59  ? -7.500  -3.287  1.638   1.00 35.29 ? 59  LEU A O   1 
ATOM   221  C  CB  . LEU A 1 59  ? -5.035  -3.084  -0.048  1.00 35.44 ? 59  LEU A CB  1 
ATOM   222  C  CG  . LEU A 1 59  ? -3.606  -3.116  -0.562  1.00 38.02 ? 59  LEU A CG  1 
ATOM   223  C  CD1 . LEU A 1 59  ? -3.226  -1.712  -1.032  1.00 37.52 ? 59  LEU A CD1 1 
ATOM   224  C  CD2 . LEU A 1 59  ? -2.668  -3.588  0.554   1.00 39.40 ? 59  LEU A CD2 1 
ATOM   225  N  N   . ASN A 1 60  ? -6.051  -4.491  2.871   1.00 31.88 ? 60  ASN A N   1 
ATOM   226  C  CA  . ASN A 1 60  ? -6.739  -4.160  4.113   1.00 31.29 ? 60  ASN A CA  1 
ATOM   227  C  C   . ASN A 1 60  ? -5.736  -3.791  5.195   1.00 30.26 ? 60  ASN A C   1 
ATOM   228  O  O   . ASN A 1 60  ? -4.527  -3.864  4.983   1.00 31.11 ? 60  ASN A O   1 
ATOM   229  C  CB  . ASN A 1 60  ? -7.650  -5.310  4.594   1.00 32.13 ? 60  ASN A CB  1 
ATOM   230  C  CG  . ASN A 1 60  ? -6.879  -6.570  4.974   1.00 33.85 ? 60  ASN A CG  1 
ATOM   231  O  OD1 . ASN A 1 60  ? -5.794  -6.505  5.545   1.00 32.30 ? 60  ASN A OD1 1 
ATOM   232  N  ND2 . ASN A 1 60  ? -7.460  -7.728  4.675   1.00 35.36 ? 60  ASN A ND2 1 
ATOM   233  N  N   . ILE A 1 61  ? -6.248  -3.387  6.350   1.00 29.05 ? 61  ILE A N   1 
ATOM   234  C  CA  . ILE A 1 61  ? -5.412  -2.986  7.474   1.00 28.48 ? 61  ILE A CA  1 
ATOM   235  C  C   . ILE A 1 61  ? -5.264  -4.132  8.470   1.00 29.80 ? 61  ILE A C   1 
ATOM   236  O  O   . ILE A 1 61  ? -6.252  -4.647  8.996   1.00 28.14 ? 61  ILE A O   1 
ATOM   237  C  CB  . ILE A 1 61  ? -6.024  -1.764  8.199   1.00 27.17 ? 61  ILE A CB  1 
ATOM   238  C  CG1 . ILE A 1 61  ? -6.237  -0.616  7.203   1.00 27.60 ? 61  ILE A CG1 1 
ATOM   239  C  CG2 . ILE A 1 61  ? -5.137  -1.342  9.341   1.00 26.87 ? 61  ILE A CG2 1 
ATOM   240  C  CD1 . ILE A 1 61  ? -4.958  -0.117  6.475   1.00 23.10 ? 61  ILE A CD1 1 
ATOM   241  N  N   . ASN A 1 62  ? -4.021  -4.526  8.722   1.00 31.26 ? 62  ASN A N   1 
ATOM   242  C  CA  . ASN A 1 62  ? -3.729  -5.606  9.656   1.00 32.70 ? 62  ASN A CA  1 
ATOM   243  C  C   . ASN A 1 62  ? -4.654  -6.815  9.503   1.00 33.76 ? 62  ASN A C   1 
ATOM   244  O  O   . ASN A 1 62  ? -5.174  -7.333  10.490  1.00 36.13 ? 62  ASN A O   1 
ATOM   245  C  CB  . ASN A 1 62  ? -3.788  -5.085  11.099  1.00 32.15 ? 62  ASN A CB  1 
ATOM   246  C  CG  . ASN A 1 62  ? -2.714  -4.053  11.390  1.00 32.45 ? 62  ASN A CG  1 
ATOM   247  O  OD1 . ASN A 1 62  ? -1.549  -4.239  11.033  1.00 34.33 ? 62  ASN A OD1 1 
ATOM   248  N  ND2 . ASN A 1 62  ? -3.095  -2.967  12.050  1.00 31.62 ? 62  ASN A ND2 1 
ATOM   249  N  N   . HIS A 1 63  ? -4.856  -7.264  8.269   1.00 34.98 ? 63  HIS A N   1 
ATOM   250  C  CA  . HIS A 1 63  ? -5.694  -8.434  7.999   1.00 37.02 ? 63  HIS A CA  1 
ATOM   251  C  C   . HIS A 1 63  ? -7.126  -8.310  8.527   1.00 37.48 ? 63  HIS A C   1 
ATOM   252  O  O   . HIS A 1 63  ? -7.748  -9.310  8.847   1.00 38.76 ? 63  HIS A O   1 
ATOM   253  C  CB  . HIS A 1 63  ? -5.052  -9.685  8.610   1.00 36.68 ? 63  HIS A CB  1 
ATOM   254  C  CG  . HIS A 1 63  ? -3.648  -9.938  8.150   1.00 35.73 ? 63  HIS A CG  1 
ATOM   255  N  ND1 . HIS A 1 63  ? -3.352  -10.449 6.905   1.00 36.70 ? 63  HIS A ND1 1 
ATOM   256  C  CD2 . HIS A 1 63  ? -2.459  -9.731  8.763   1.00 36.75 ? 63  HIS A CD2 1 
ATOM   257  C  CE1 . HIS A 1 63  ? -2.042  -10.546 6.770   1.00 36.93 ? 63  HIS A CE1 1 
ATOM   258  N  NE2 . HIS A 1 63  ? -1.476  -10.117 7.884   1.00 37.22 ? 63  HIS A NE2 1 
ATOM   259  N  N   . ASP A 1 64  ? -7.643  -7.087  8.606   1.00 38.80 ? 64  ASP A N   1 
ATOM   260  C  CA  . ASP A 1 64  ? -9.002  -6.834  9.095   1.00 38.46 ? 64  ASP A CA  1 
ATOM   261  C  C   . ASP A 1 64  ? -9.947  -6.621  7.902   1.00 39.42 ? 64  ASP A C   1 
ATOM   262  O  O   . ASP A 1 64  ? -9.912  -5.578  7.244   1.00 39.69 ? 64  ASP A O   1 
ATOM   263  C  CB  . ASP A 1 64  ? -8.972  -5.604  10.014  1.00 37.89 ? 64  ASP A CB  1 
ATOM   264  C  CG  . ASP A 1 64  ? -10.334 -5.241  10.572  1.00 38.23 ? 64  ASP A CG  1 
ATOM   265  O  OD1 . ASP A 1 64  ? -10.393 -4.297  11.395  1.00 35.00 ? 64  ASP A OD1 1 
ATOM   266  O  OD2 . ASP A 1 64  ? -11.338 -5.885  10.191  1.00 37.81 ? 64  ASP A OD2 1 
ATOM   267  N  N   . ASP A 1 65  ? -10.784 -7.621  7.626   1.00 40.34 ? 65  ASP A N   1 
ATOM   268  C  CA  . ASP A 1 65  ? -11.715 -7.569  6.496   1.00 40.25 ? 65  ASP A CA  1 
ATOM   269  C  C   . ASP A 1 65  ? -12.669 -6.387  6.533   1.00 38.61 ? 65  ASP A C   1 
ATOM   270  O  O   . ASP A 1 65  ? -13.254 -6.028  5.514   1.00 38.77 ? 65  ASP A O   1 
ATOM   271  C  CB  . ASP A 1 65  ? -12.534 -8.853  6.419   1.00 44.22 ? 65  ASP A CB  1 
ATOM   272  C  CG  . ASP A 1 65  ? -13.531 -8.964  7.550   1.00 50.62 ? 65  ASP A CG  1 
ATOM   273  O  OD1 . ASP A 1 65  ? -13.101 -9.201  8.706   1.00 52.12 ? 65  ASP A OD1 1 
ATOM   274  O  OD2 . ASP A 1 65  ? -14.745 -8.795  7.285   1.00 53.54 ? 65  ASP A OD2 1 
ATOM   275  N  N   . THR A 1 66  ? -12.840 -5.781  7.702   1.00 37.14 ? 66  THR A N   1 
ATOM   276  C  CA  . THR A 1 66  ? -13.737 -4.635  7.831   1.00 34.88 ? 66  THR A CA  1 
ATOM   277  C  C   . THR A 1 66  ? -12.960 -3.371  7.505   1.00 33.94 ? 66  THR A C   1 
ATOM   278  O  O   . THR A 1 66  ? -13.513 -2.267  7.481   1.00 32.16 ? 66  THR A O   1 
ATOM   279  C  CB  . THR A 1 66  ? -14.310 -4.520  9.265   1.00 35.80 ? 66  THR A CB  1 
ATOM   280  O  OG1 . THR A 1 66  ? -13.259 -4.202  10.191  1.00 35.72 ? 66  THR A OG1 1 
ATOM   281  C  CG2 . THR A 1 66  ? -14.936 -5.841  9.679   1.00 35.44 ? 66  THR A CG2 1 
ATOM   282  N  N   . ALA A 1 67  ? -11.670 -3.554  7.246   1.00 31.07 ? 67  ALA A N   1 
ATOM   283  C  CA  . ALA A 1 67  ? -10.789 -2.445  6.924   1.00 30.87 ? 67  ALA A CA  1 
ATOM   284  C  C   . ALA A 1 67  ? -10.146 -2.597  5.543   1.00 29.57 ? 67  ALA A C   1 
ATOM   285  O  O   . ALA A 1 67  ? -8.927  -2.582  5.407   1.00 30.07 ? 67  ALA A O   1 
ATOM   286  C  CB  . ALA A 1 67  ? -9.704  -2.310  8.020   1.00 29.42 ? 67  ALA A CB  1 
ATOM   287  N  N   . VAL A 1 68  ? -10.972 -2.763  4.517   1.00 30.50 ? 68  VAL A N   1 
ATOM   288  C  CA  . VAL A 1 68  ? -10.464 -2.881  3.154   1.00 29.69 ? 68  VAL A CA  1 
ATOM   289  C  C   . VAL A 1 68  ? -10.312 -1.445  2.659   1.00 28.04 ? 68  VAL A C   1 
ATOM   290  O  O   . VAL A 1 68  ? -11.262 -0.672  2.687   1.00 27.37 ? 68  VAL A O   1 
ATOM   291  C  CB  . VAL A 1 68  ? -11.436 -3.672  2.253   1.00 30.35 ? 68  VAL A CB  1 
ATOM   292  C  CG1 . VAL A 1 68  ? -10.923 -3.709  0.826   1.00 28.31 ? 68  VAL A CG1 1 
ATOM   293  C  CG2 . VAL A 1 68  ? -11.575 -5.095  2.787   1.00 30.05 ? 68  VAL A CG2 1 
ATOM   294  N  N   . VAL A 1 69  ? -9.112  -1.097  2.212   1.00 26.93 ? 69  VAL A N   1 
ATOM   295  C  CA  . VAL A 1 69  ? -8.829  0.266   1.778   1.00 27.31 ? 69  VAL A CA  1 
ATOM   296  C  C   . VAL A 1 69  ? -8.436  0.419   0.313   1.00 26.85 ? 69  VAL A C   1 
ATOM   297  O  O   . VAL A 1 69  ? -8.310  1.545   -0.182  1.00 26.75 ? 69  VAL A O   1 
ATOM   298  C  CB  . VAL A 1 69  ? -7.702  0.876   2.653   1.00 25.43 ? 69  VAL A CB  1 
ATOM   299  C  CG1 . VAL A 1 69  ? -8.134  0.915   4.117   1.00 22.24 ? 69  VAL A CG1 1 
ATOM   300  C  CG2 . VAL A 1 69  ? -6.421  0.037   2.509   1.00 25.42 ? 69  VAL A CG2 1 
ATOM   301  N  N   . GLY A 1 70  ? -8.234  -0.703  -0.370  1.00 28.31 ? 70  GLY A N   1 
ATOM   302  C  CA  . GLY A 1 70  ? -7.854  -0.664  -1.773  1.00 29.41 ? 70  GLY A CA  1 
ATOM   303  C  C   . GLY A 1 70  ? -7.608  -2.047  -2.362  1.00 30.94 ? 70  GLY A C   1 
ATOM   304  O  O   . GLY A 1 70  ? -8.180  -3.045  -1.903  1.00 30.50 ? 70  GLY A O   1 
ATOM   305  N  N   . HIS A 1 71  ? -6.748  -2.114  -3.373  1.00 30.77 ? 71  HIS A N   1 
ATOM   306  C  CA  . HIS A 1 71  ? -6.443  -3.379  -4.026  1.00 31.19 ? 71  HIS A CA  1 
ATOM   307  C  C   . HIS A 1 71  ? -5.012  -3.463  -4.500  1.00 32.54 ? 71  HIS A C   1 
ATOM   308  O  O   . HIS A 1 71  ? -4.330  -2.452  -4.665  1.00 31.30 ? 71  HIS A O   1 
ATOM   309  C  CB  . HIS A 1 71  ? -7.350  -3.592  -5.238  1.00 33.71 ? 71  HIS A CB  1 
ATOM   310  C  CG  . HIS A 1 71  ? -8.795  -3.331  -4.959  1.00 37.76 ? 71  HIS A CG  1 
ATOM   311  N  ND1 . HIS A 1 71  ? -9.330  -2.060  -4.942  1.00 38.45 ? 71  HIS A ND1 1 
ATOM   312  C  CD2 . HIS A 1 71  ? -9.803  -4.170  -4.616  1.00 39.22 ? 71  HIS A CD2 1 
ATOM   313  C  CE1 . HIS A 1 71  ? -10.605 -2.127  -4.600  1.00 41.24 ? 71  HIS A CE1 1 
ATOM   314  N  NE2 . HIS A 1 71  ? -10.917 -3.395  -4.396  1.00 39.69 ? 71  HIS A NE2 1 
ATOM   315  N  N   . VAL A 1 72  ? -4.564  -4.694  -4.718  1.00 33.15 ? 72  VAL A N   1 
ATOM   316  C  CA  . VAL A 1 72  ? -3.231  -4.936  -5.234  1.00 33.26 ? 72  VAL A CA  1 
ATOM   317  C  C   . VAL A 1 72  ? -3.355  -4.624  -6.722  1.00 33.09 ? 72  VAL A C   1 
ATOM   318  O  O   . VAL A 1 72  ? -4.317  -5.044  -7.371  1.00 31.33 ? 72  VAL A O   1 
ATOM   319  C  CB  . VAL A 1 72  ? -2.811  -6.415  -5.046  1.00 33.81 ? 72  VAL A CB  1 
ATOM   320  C  CG1 . VAL A 1 72  ? -1.459  -6.655  -5.682  1.00 34.83 ? 72  VAL A CG1 1 
ATOM   321  C  CG2 . VAL A 1 72  ? -2.767  -6.756  -3.562  1.00 32.38 ? 72  VAL A CG2 1 
ATOM   322  N  N   . ALA A 1 73  ? -2.398  -3.862  -7.242  1.00 32.96 ? 73  ALA A N   1 
ATOM   323  C  CA  . ALA A 1 73  ? -2.387  -3.480  -8.648  1.00 32.98 ? 73  ALA A CA  1 
ATOM   324  C  C   . ALA A 1 73  ? -1.395  -4.338  -9.429  1.00 33.97 ? 73  ALA A C   1 
ATOM   325  O  O   . ALA A 1 73  ? -1.579  -4.594  -10.621 1.00 33.20 ? 73  ALA A O   1 
ATOM   326  C  CB  . ALA A 1 73  ? -2.019  -2.012  -8.785  1.00 32.75 ? 73  ALA A CB  1 
ATOM   327  N  N   . ALA A 1 74  ? -0.343  -4.789  -8.755  1.00 34.35 ? 74  ALA A N   1 
ATOM   328  C  CA  . ALA A 1 74  ? 0.656   -5.598  -9.424  1.00 34.49 ? 74  ALA A CA  1 
ATOM   329  C  C   . ALA A 1 74  ? 1.544   -6.379  -8.477  1.00 34.86 ? 74  ALA A C   1 
ATOM   330  O  O   . ALA A 1 74  ? 1.765   -5.990  -7.333  1.00 33.98 ? 74  ALA A O   1 
ATOM   331  C  CB  . ALA A 1 74  ? 1.517   -4.713  -10.335 1.00 33.47 ? 74  ALA A CB  1 
ATOM   332  N  N   . MET A 1 75  ? 2.046   -7.492  -8.991  1.00 38.09 ? 75  MET A N   1 
ATOM   333  C  CA  . MET A 1 75  ? 2.946   -8.373  -8.271  1.00 41.63 ? 75  MET A CA  1 
ATOM   334  C  C   . MET A 1 75  ? 3.972   -8.854  -9.287  1.00 42.94 ? 75  MET A C   1 
ATOM   335  O  O   . MET A 1 75  ? 3.624   -9.352  -10.354 1.00 42.96 ? 75  MET A O   1 
ATOM   336  C  CB  . MET A 1 75  ? 2.188   -9.561  -7.676  1.00 44.27 ? 75  MET A CB  1 
ATOM   337  C  CG  . MET A 1 75  ? 1.419   -9.226  -6.408  1.00 47.74 ? 75  MET A CG  1 
ATOM   338  S  SD  . MET A 1 75  ? 0.405   -10.598 -5.844  1.00 55.13 ? 75  MET A SD  1 
ATOM   339  C  CE  . MET A 1 75  ? 1.485   -11.359 -4.638  1.00 53.49 ? 75  MET A CE  1 
ATOM   340  N  N   . GLN A 1 76  ? 5.243   -8.690  -8.953  1.00 43.40 ? 76  GLN A N   1 
ATOM   341  C  CA  . GLN A 1 76  ? 6.303   -9.094  -9.845  1.00 44.54 ? 76  GLN A CA  1 
ATOM   342  C  C   . GLN A 1 76  ? 7.369   -9.843  -9.068  1.00 46.08 ? 76  GLN A C   1 
ATOM   343  O  O   . GLN A 1 76  ? 7.813   -9.392  -8.011  1.00 45.13 ? 76  GLN A O   1 
ATOM   344  C  CB  . GLN A 1 76  ? 6.924   -7.862  -10.503 1.00 44.57 ? 76  GLN A CB  1 
ATOM   345  C  CG  . GLN A 1 76  ? 7.930   -8.171  -11.599 1.00 45.54 ? 76  GLN A CG  1 
ATOM   346  C  CD  . GLN A 1 76  ? 7.288   -8.304  -12.965 1.00 45.26 ? 76  GLN A CD  1 
ATOM   347  O  OE1 . GLN A 1 76  ? 6.107   -8.627  -13.082 1.00 43.76 ? 76  GLN A OE1 1 
ATOM   348  N  NE2 . GLN A 1 76  ? 8.070   -8.064  -14.008 1.00 45.94 ? 76  GLN A NE2 1 
ATOM   349  N  N   . SER A 1 77  ? 7.768   -10.999 -9.586  1.00 47.58 ? 77  SER A N   1 
ATOM   350  C  CA  . SER A 1 77  ? 8.816   -11.781 -8.946  1.00 47.66 ? 77  SER A CA  1 
ATOM   351  C  C   . SER A 1 77  ? 10.106  -11.217 -9.507  1.00 47.37 ? 77  SER A C   1 
ATOM   352  O  O   . SER A 1 77  ? 10.314  -11.213 -10.718 1.00 46.50 ? 77  SER A O   1 
ATOM   353  C  CB  . SER A 1 77  ? 8.691   -13.259 -9.312  1.00 49.10 ? 77  SER A CB  1 
ATOM   354  O  OG  . SER A 1 77  ? 9.634   -14.035 -8.599  1.00 51.36 ? 77  SER A OG  1 
ATOM   355  N  N   . VAL A 1 78  ? 10.963  -10.711 -8.632  1.00 48.61 ? 78  VAL A N   1 
ATOM   356  C  CA  . VAL A 1 78  ? 12.222  -10.135 -9.078  1.00 50.54 ? 78  VAL A CA  1 
ATOM   357  C  C   . VAL A 1 78  ? 13.407  -10.841 -8.443  1.00 51.41 ? 78  VAL A C   1 
ATOM   358  O  O   . VAL A 1 78  ? 13.247  -11.819 -7.713  1.00 51.63 ? 78  VAL A O   1 
ATOM   359  C  CB  . VAL A 1 78  ? 12.295  -8.608  -8.764  1.00 49.64 ? 78  VAL A CB  1 
ATOM   360  C  CG1 . VAL A 1 78  ? 11.173  -7.876  -9.485  1.00 50.74 ? 78  VAL A CG1 1 
ATOM   361  C  CG2 . VAL A 1 78  ? 12.195  -8.370  -7.272  1.00 49.09 ? 78  VAL A CG2 1 
ATOM   362  N  N   . ARG A 1 79  ? 14.596  -10.327 -8.733  1.00 53.59 ? 79  ARG A N   1 
ATOM   363  C  CA  . ARG A 1 79  ? 15.844  -10.872 -8.221  1.00 55.24 ? 79  ARG A CA  1 
ATOM   364  C  C   . ARG A 1 79  ? 15.850  -11.024 -6.701  1.00 54.67 ? 79  ARG A C   1 
ATOM   365  O  O   . ARG A 1 79  ? 16.161  -12.093 -6.181  1.00 54.14 ? 79  ARG A O   1 
ATOM   366  C  CB  . ARG A 1 79  ? 16.995  -9.963  -8.652  1.00 57.89 ? 79  ARG A CB  1 
ATOM   367  C  CG  . ARG A 1 79  ? 18.377  -10.524 -8.405  1.00 63.56 ? 79  ARG A CG  1 
ATOM   368  C  CD  . ARG A 1 79  ? 19.439  -9.576  -8.944  1.00 67.87 ? 79  ARG A CD  1 
ATOM   369  N  NE  . ARG A 1 79  ? 19.596  -8.389  -8.105  1.00 72.54 ? 79  ARG A NE  1 
ATOM   370  C  CZ  . ARG A 1 79  ? 20.369  -7.350  -8.415  1.00 74.65 ? 79  ARG A CZ  1 
ATOM   371  N  NH1 . ARG A 1 79  ? 21.058  -7.347  -9.552  1.00 74.99 ? 79  ARG A NH1 1 
ATOM   372  N  NH2 . ARG A 1 79  ? 20.454  -6.316  -7.587  1.00 76.02 ? 79  ARG A NH2 1 
ATOM   373  N  N   . ASP A 1 80  ? 15.495  -9.957  -5.990  1.00 53.32 ? 80  ASP A N   1 
ATOM   374  C  CA  . ASP A 1 80  ? 15.496  -9.989  -4.533  1.00 52.77 ? 80  ASP A CA  1 
ATOM   375  C  C   . ASP A 1 80  ? 14.258  -10.601 -3.888  1.00 50.78 ? 80  ASP A C   1 
ATOM   376  O  O   . ASP A 1 80  ? 14.251  -10.852 -2.682  1.00 50.05 ? 80  ASP A O   1 
ATOM   377  C  CB  . ASP A 1 80  ? 15.709  -8.581  -3.972  1.00 55.43 ? 80  ASP A CB  1 
ATOM   378  C  CG  . ASP A 1 80  ? 17.090  -8.031  -4.272  1.00 57.50 ? 80  ASP A CG  1 
ATOM   379  O  OD1 . ASP A 1 80  ? 17.442  -6.972  -3.713  1.00 61.04 ? 80  ASP A OD1 1 
ATOM   380  O  OD2 . ASP A 1 80  ? 17.826  -8.646  -5.069  1.00 59.76 ? 80  ASP A OD2 1 
ATOM   381  N  N   . GLY A 1 81  ? 13.211  -10.841 -4.670  1.00 48.33 ? 81  GLY A N   1 
ATOM   382  C  CA  . GLY A 1 81  ? 12.015  -11.429 -4.090  1.00 45.71 ? 81  GLY A CA  1 
ATOM   383  C  C   . GLY A 1 81  ? 10.708  -11.103 -4.789  1.00 42.79 ? 81  GLY A C   1 
ATOM   384  O  O   . GLY A 1 81  ? 10.695  -10.719 -5.954  1.00 41.57 ? 81  GLY A O   1 
ATOM   385  N  N   . LEU A 1 82  ? 9.606   -11.276 -4.066  1.00 41.38 ? 82  LEU A N   1 
ATOM   386  C  CA  . LEU A 1 82  ? 8.271   -11.004 -4.590  1.00 40.12 ? 82  LEU A CA  1 
ATOM   387  C  C   . LEU A 1 82  ? 7.882   -9.566  -4.265  1.00 39.46 ? 82  LEU A C   1 
ATOM   388  O  O   . LEU A 1 82  ? 7.627   -9.235  -3.102  1.00 37.67 ? 82  LEU A O   1 
ATOM   389  C  CB  . LEU A 1 82  ? 7.253   -11.953 -3.954  1.00 39.70 ? 82  LEU A CB  1 
ATOM   390  C  CG  . LEU A 1 82  ? 5.787   -11.691 -4.311  1.00 40.45 ? 82  LEU A CG  1 
ATOM   391  C  CD1 . LEU A 1 82  ? 5.589   -11.840 -5.811  1.00 39.93 ? 82  LEU A CD1 1 
ATOM   392  C  CD2 . LEU A 1 82  ? 4.891   -12.652 -3.556  1.00 41.11 ? 82  LEU A CD2 1 
ATOM   393  N  N   . PHE A 1 83  ? 7.838   -8.713  -5.286  1.00 38.28 ? 83  PHE A N   1 
ATOM   394  C  CA  . PHE A 1 83  ? 7.487   -7.310  -5.074  1.00 38.42 ? 83  PHE A CA  1 
ATOM   395  C  C   . PHE A 1 83  ? 6.020   -7.022  -5.400  1.00 38.77 ? 83  PHE A C   1 
ATOM   396  O  O   . PHE A 1 83  ? 5.484   -7.481  -6.407  1.00 37.59 ? 83  PHE A O   1 
ATOM   397  C  CB  . PHE A 1 83  ? 8.408   -6.403  -5.895  1.00 36.25 ? 83  PHE A CB  1 
ATOM   398  C  CG  . PHE A 1 83  ? 8.225   -4.940  -5.614  1.00 35.35 ? 83  PHE A CG  1 
ATOM   399  C  CD1 . PHE A 1 83  ? 7.217   -4.214  -6.248  1.00 33.00 ? 83  PHE A CD1 1 
ATOM   400  C  CD2 . PHE A 1 83  ? 9.044   -4.292  -4.683  1.00 34.43 ? 83  PHE A CD2 1 
ATOM   401  C  CE1 . PHE A 1 83  ? 7.021   -2.860  -5.961  1.00 34.45 ? 83  PHE A CE1 1 
ATOM   402  C  CE2 . PHE A 1 83  ? 8.859   -2.937  -4.384  1.00 32.64 ? 83  PHE A CE2 1 
ATOM   403  C  CZ  . PHE A 1 83  ? 7.847   -2.219  -5.022  1.00 33.11 ? 83  PHE A CZ  1 
ATOM   404  N  N   . CYS A 1 84  ? 5.380   -6.251  -4.529  1.00 39.15 ? 84  CYS A N   1 
ATOM   405  C  CA  . CYS A 1 84  ? 3.975   -5.902  -4.682  1.00 38.63 ? 84  CYS A CA  1 
ATOM   406  C  C   . CYS A 1 84  ? 3.750   -4.394  -4.719  1.00 36.88 ? 84  CYS A C   1 
ATOM   407  O  O   . CYS A 1 84  ? 4.490   -3.621  -4.115  1.00 34.99 ? 84  CYS A O   1 
ATOM   408  C  CB  . CYS A 1 84  ? 3.184   -6.506  -3.519  1.00 41.22 ? 84  CYS A CB  1 
ATOM   409  S  SG  . CYS A 1 84  ? 1.480   -5.933  -3.338  1.00 46.32 ? 84  CYS A SG  1 
ATOM   410  N  N   . LEU A 1 85  ? 2.722   -3.981  -5.445  1.00 35.60 ? 85  LEU A N   1 
ATOM   411  C  CA  . LEU A 1 85  ? 2.384   -2.572  -5.522  1.00 36.05 ? 85  LEU A CA  1 
ATOM   412  C  C   . LEU A 1 85  ? 0.874   -2.451  -5.467  1.00 33.57 ? 85  LEU A C   1 
ATOM   413  O  O   . LEU A 1 85  ? 0.178   -3.062  -6.269  1.00 33.73 ? 85  LEU A O   1 
ATOM   414  C  CB  . LEU A 1 85  ? 2.914   -1.941  -6.812  1.00 35.36 ? 85  LEU A CB  1 
ATOM   415  C  CG  . LEU A 1 85  ? 2.709   -0.425  -6.761  1.00 36.57 ? 85  LEU A CG  1 
ATOM   416  C  CD1 . LEU A 1 85  ? 3.939   0.287   -7.267  1.00 38.60 ? 85  LEU A CD1 1 
ATOM   417  C  CD2 . LEU A 1 85  ? 1.471   -0.055  -7.550  1.00 36.02 ? 85  LEU A CD2 1 
ATOM   418  N  N   . GLY A 1 86  ? 0.377   -1.670  -4.512  1.00 31.42 ? 86  GLY A N   1 
ATOM   419  C  CA  . GLY A 1 86  ? -1.057  -1.505  -4.367  1.00 31.41 ? 86  GLY A CA  1 
ATOM   420  C  C   . GLY A 1 86  ? -1.553  -0.072  -4.394  1.00 31.00 ? 86  GLY A C   1 
ATOM   421  O  O   . GLY A 1 86  ? -0.767  0.878   -4.433  1.00 28.97 ? 86  GLY A O   1 
HETATM 422  N  N   . CAS A 1 87  ? -2.874  0.075   -4.376  1.00 29.96 ? 87  CAS A N   1 
HETATM 423  C  CA  . CAS A 1 87  ? -3.503  1.391   -4.395  1.00 31.88 ? 87  CAS A CA  1 
HETATM 424  C  CB  . CAS A 1 87  ? -4.311  1.642   -5.680  1.00 34.75 ? 87  CAS A CB  1 
HETATM 425  C  C   . CAS A 1 87  ? -4.488  1.509   -3.248  1.00 29.45 ? 87  CAS A C   1 
HETATM 426  O  O   . CAS A 1 87  ? -5.400  0.687   -3.118  1.00 28.02 ? 87  CAS A O   1 
HETATM 427  S  SG  . CAS A 1 87  ? -3.722  0.955   -7.252  1.00 49.23 ? 87  CAS A SG  1 
HETATM 428  AS AS  . CAS A 1 87  ? -5.259  1.518   -8.797  1.00 57.96 ? 87  CAS A AS  1 
ATOM   429  N  N   . VAL A 1 88  ? -4.301  2.536   -2.431  1.00 26.77 ? 88  VAL A N   1 
ATOM   430  C  CA  . VAL A 1 88  ? -5.201  2.821   -1.331  1.00 26.42 ? 88  VAL A CA  1 
ATOM   431  C  C   . VAL A 1 88  ? -6.180  3.825   -1.934  1.00 28.62 ? 88  VAL A C   1 
ATOM   432  O  O   . VAL A 1 88  ? -5.821  4.974   -2.217  1.00 27.26 ? 88  VAL A O   1 
ATOM   433  C  CB  . VAL A 1 88  ? -4.455  3.470   -0.157  1.00 26.72 ? 88  VAL A CB  1 
ATOM   434  C  CG1 . VAL A 1 88  ? -5.437  3.837   0.941   1.00 22.10 ? 88  VAL A CG1 1 
ATOM   435  C  CG2 . VAL A 1 88  ? -3.374  2.518   0.358   1.00 26.41 ? 88  VAL A CG2 1 
ATOM   436  N  N   . THR A 1 89  ? -7.417  3.388   -2.131  1.00 29.60 ? 89  THR A N   1 
ATOM   437  C  CA  . THR A 1 89  ? -8.423  4.238   -2.750  1.00 29.64 ? 89  THR A CA  1 
ATOM   438  C  C   . THR A 1 89  ? -9.547  4.719   -1.856  1.00 30.59 ? 89  THR A C   1 
ATOM   439  O  O   . THR A 1 89  ? -10.190 5.718   -2.162  1.00 30.80 ? 89  THR A O   1 
ATOM   440  C  CB  . THR A 1 89  ? -9.079  3.516   -3.933  1.00 30.42 ? 89  THR A CB  1 
ATOM   441  O  OG1 . THR A 1 89  ? -9.632  2.269   -3.480  1.00 31.06 ? 89  THR A OG1 1 
ATOM   442  C  CG2 . THR A 1 89  ? -8.068  3.255   -5.027  1.00 30.23 ? 89  THR A CG2 1 
ATOM   443  N  N   . SER A 1 90  ? -9.798  4.012   -0.762  1.00 32.32 ? 90  SER A N   1 
ATOM   444  C  CA  . SER A 1 90  ? -10.897 4.379   0.124   1.00 33.99 ? 90  SER A CA  1 
ATOM   445  C  C   . SER A 1 90  ? -10.905 5.826   0.598   1.00 34.15 ? 90  SER A C   1 
ATOM   446  O  O   . SER A 1 90  ? -10.017 6.257   1.326   1.00 37.17 ? 90  SER A O   1 
ATOM   447  C  CB  . SER A 1 90  ? -10.938 3.457   1.338   1.00 34.42 ? 90  SER A CB  1 
ATOM   448  O  OG  . SER A 1 90  ? -11.946 3.876   2.238   1.00 32.98 ? 90  SER A OG  1 
ATOM   449  N  N   . PRO A 1 91  ? -11.926 6.593   0.187   1.00 34.00 ? 91  PRO A N   1 
ATOM   450  C  CA  . PRO A 1 91  ? -12.050 8.002   0.579   1.00 33.23 ? 91  PRO A CA  1 
ATOM   451  C  C   . PRO A 1 91  ? -12.243 8.128   2.091   1.00 34.59 ? 91  PRO A C   1 
ATOM   452  O  O   . PRO A 1 91  ? -11.770 9.082   2.705   1.00 35.26 ? 91  PRO A O   1 
ATOM   453  C  CB  . PRO A 1 91  ? -13.274 8.478   -0.206  1.00 32.84 ? 91  PRO A CB  1 
ATOM   454  C  CG  . PRO A 1 91  ? -13.279 7.574   -1.417  1.00 33.12 ? 91  PRO A CG  1 
ATOM   455  C  CD  . PRO A 1 91  ? -12.947 6.232   -0.813  1.00 32.30 ? 91  PRO A CD  1 
ATOM   456  N  N   . ARG A 1 92  ? -12.935 7.157   2.688   1.00 33.90 ? 92  ARG A N   1 
ATOM   457  C  CA  . ARG A 1 92  ? -13.164 7.172   4.134   1.00 33.52 ? 92  ARG A CA  1 
ATOM   458  C  C   . ARG A 1 92  ? -11.879 6.902   4.906   1.00 32.08 ? 92  ARG A C   1 
ATOM   459  O  O   . ARG A 1 92  ? -11.556 7.614   5.858   1.00 31.77 ? 92  ARG A O   1 
ATOM   460  C  CB  . ARG A 1 92  ? -14.231 6.150   4.511   1.00 36.67 ? 92  ARG A CB  1 
ATOM   461  C  CG  . ARG A 1 92  ? -15.656 6.656   4.313   1.00 41.43 ? 92  ARG A CG  1 
ATOM   462  C  CD  . ARG A 1 92  ? -16.652 5.505   4.230   1.00 45.89 ? 92  ARG A CD  1 
ATOM   463  N  NE  . ARG A 1 92  ? -16.628 4.628   5.400   1.00 48.23 ? 92  ARG A NE  1 
ATOM   464  C  CZ  . ARG A 1 92  ? -17.420 3.568   5.536   1.00 51.40 ? 92  ARG A CZ  1 
ATOM   465  N  NH1 . ARG A 1 92  ? -18.285 3.267   4.573   1.00 53.38 ? 92  ARG A NH1 1 
ATOM   466  N  NH2 . ARG A 1 92  ? -17.359 2.811   6.625   1.00 49.60 ? 92  ARG A NH2 1 
ATOM   467  N  N   . PHE A 1 93  ? -11.140 5.874   4.504   1.00 29.74 ? 93  PHE A N   1 
ATOM   468  C  CA  . PHE A 1 93  ? -9.883  5.577   5.170   1.00 27.78 ? 93  PHE A CA  1 
ATOM   469  C  C   . PHE A 1 93  ? -8.915  6.742   4.987   1.00 26.84 ? 93  PHE A C   1 
ATOM   470  O  O   . PHE A 1 93  ? -8.268  7.165   5.935   1.00 25.82 ? 93  PHE A O   1 
ATOM   471  C  CB  . PHE A 1 93  ? -9.247  4.311   4.602   1.00 26.66 ? 93  PHE A CB  1 
ATOM   472  C  CG  . PHE A 1 93  ? -7.862  4.047   5.129   1.00 25.13 ? 93  PHE A CG  1 
ATOM   473  C  CD1 . PHE A 1 93  ? -7.673  3.654   6.451   1.00 25.20 ? 93  PHE A CD1 1 
ATOM   474  C  CD2 . PHE A 1 93  ? -6.749  4.187   4.302   1.00 23.31 ? 93  PHE A CD2 1 
ATOM   475  C  CE1 . PHE A 1 93  ? -6.392  3.396   6.952   1.00 25.41 ? 93  PHE A CE1 1 
ATOM   476  C  CE2 . PHE A 1 93  ? -5.458  3.931   4.791   1.00 25.58 ? 93  PHE A CE2 1 
ATOM   477  C  CZ  . PHE A 1 93  ? -5.277  3.535   6.118   1.00 22.60 ? 93  PHE A CZ  1 
ATOM   478  N  N   . LEU A 1 94  ? -8.818  7.254   3.763   1.00 27.38 ? 94  LEU A N   1 
ATOM   479  C  CA  . LEU A 1 94  ? -7.916  8.370   3.481   1.00 28.68 ? 94  LEU A CA  1 
ATOM   480  C  C   . LEU A 1 94  ? -8.240  9.631   4.274   1.00 29.53 ? 94  LEU A C   1 
ATOM   481  O  O   . LEU A 1 94  ? -7.337  10.355  4.685   1.00 28.15 ? 94  LEU A O   1 
ATOM   482  C  CB  . LEU A 1 94  ? -7.921  8.692   1.983   1.00 31.12 ? 94  LEU A CB  1 
ATOM   483  C  CG  . LEU A 1 94  ? -6.788  8.174   1.077   1.00 32.02 ? 94  LEU A CG  1 
ATOM   484  C  CD1 . LEU A 1 94  ? -5.817  7.287   1.851   1.00 30.55 ? 94  LEU A CD1 1 
ATOM   485  C  CD2 . LEU A 1 94  ? -7.399  7.437   -0.110  1.00 29.74 ? 94  LEU A CD2 1 
ATOM   486  N  N   . GLU A 1 95  ? -9.528  9.900   4.488   1.00 30.51 ? 95  GLU A N   1 
ATOM   487  C  CA  . GLU A 1 95  ? -9.928  11.082  5.248   1.00 31.16 ? 95  GLU A CA  1 
ATOM   488  C  C   . GLU A 1 95  ? -9.559  10.908  6.725   1.00 31.17 ? 95  GLU A C   1 
ATOM   489  O  O   . GLU A 1 95  ? -9.146  11.859  7.400   1.00 29.77 ? 95  GLU A O   1 
ATOM   490  C  CB  . GLU A 1 95  ? -11.433 11.338  5.105   1.00 32.17 ? 95  GLU A CB  1 
ATOM   491  C  CG  . GLU A 1 95  ? -11.966 12.403  6.065   1.00 34.55 ? 95  GLU A CG  1 
ATOM   492  C  CD  . GLU A 1 95  ? -11.271 13.754  5.924   1.00 37.35 ? 95  GLU A CD  1 
ATOM   493  O  OE1 . GLU A 1 95  ? -11.463 14.622  6.809   1.00 38.29 ? 95  GLU A OE1 1 
ATOM   494  O  OE2 . GLU A 1 95  ? -10.539 13.957  4.929   1.00 40.42 ? 95  GLU A OE2 1 
ATOM   495  N  N   . ILE A 1 96  ? -9.711  9.691   7.230   1.00 29.23 ? 96  ILE A N   1 
ATOM   496  C  CA  . ILE A 1 96  ? -9.353  9.418   8.612   1.00 29.74 ? 96  ILE A CA  1 
ATOM   497  C  C   . ILE A 1 96  ? -7.840  9.608   8.793   1.00 30.85 ? 96  ILE A C   1 
ATOM   498  O  O   . ILE A 1 96  ? -7.391  10.199  9.774   1.00 30.34 ? 96  ILE A O   1 
ATOM   499  C  CB  . ILE A 1 96  ? -9.752  7.984   9.008   1.00 27.85 ? 96  ILE A CB  1 
ATOM   500  C  CG1 . ILE A 1 96  ? -11.281 7.892   9.083   1.00 24.88 ? 96  ILE A CG1 1 
ATOM   501  C  CG2 . ILE A 1 96  ? -9.100  7.598   10.338  1.00 25.89 ? 96  ILE A CG2 1 
ATOM   502  C  CD1 . ILE A 1 96  ? -11.815 6.482   9.137   1.00 24.90 ? 96  ILE A CD1 1 
ATOM   503  N  N   . VAL A 1 97  ? -7.063  9.114   7.834   1.00 30.96 ? 97  VAL A N   1 
ATOM   504  C  CA  . VAL A 1 97  ? -5.608  9.241   7.878   1.00 32.21 ? 97  VAL A CA  1 
ATOM   505  C  C   . VAL A 1 97  ? -5.178  10.709  7.841   1.00 32.27 ? 97  VAL A C   1 
ATOM   506  O  O   . VAL A 1 97  ? -4.292  11.127  8.583   1.00 32.00 ? 97  VAL A O   1 
ATOM   507  C  CB  . VAL A 1 97  ? -4.955  8.472   6.699   1.00 31.90 ? 97  VAL A CB  1 
ATOM   508  C  CG1 . VAL A 1 97  ? -3.533  8.974   6.443   1.00 32.41 ? 97  VAL A CG1 1 
ATOM   509  C  CG2 . VAL A 1 97  ? -4.918  6.986   7.027   1.00 30.43 ? 97  VAL A CG2 1 
ATOM   510  N  N   . ARG A 1 98  ? -5.816  11.479  6.970   1.00 32.33 ? 98  ARG A N   1 
ATOM   511  C  CA  . ARG A 1 98  ? -5.527  12.898  6.832   1.00 31.58 ? 98  ARG A CA  1 
ATOM   512  C  C   . ARG A 1 98  ? -5.713  13.614  8.171   1.00 32.02 ? 98  ARG A C   1 
ATOM   513  O  O   . ARG A 1 98  ? -4.893  14.439  8.564   1.00 31.67 ? 98  ARG A O   1 
ATOM   514  C  CB  . ARG A 1 98  ? -6.469  13.517  5.802   1.00 32.23 ? 98  ARG A CB  1 
ATOM   515  C  CG  . ARG A 1 98  ? -6.040  14.873  5.258   1.00 33.38 ? 98  ARG A CG  1 
ATOM   516  C  CD  . ARG A 1 98  ? -7.262  15.712  4.913   1.00 33.77 ? 98  ARG A CD  1 
ATOM   517  N  NE  . ARG A 1 98  ? -7.650  16.546  6.046   1.00 38.87 ? 98  ARG A NE  1 
ATOM   518  C  CZ  . ARG A 1 98  ? -8.904  16.826  6.376   1.00 40.10 ? 98  ARG A CZ  1 
ATOM   519  N  NH1 . ARG A 1 98  ? -9.904  16.335  5.659   1.00 41.87 ? 98  ARG A NH1 1 
ATOM   520  N  NH2 . ARG A 1 98  ? -9.156  17.586  7.430   1.00 42.63 ? 98  ARG A NH2 1 
ATOM   521  N  N   . ARG A 1 99  ? -6.798  13.296  8.870   1.00 32.84 ? 99  ARG A N   1 
ATOM   522  C  CA  . ARG A 1 99  ? -7.085  13.931  10.151  1.00 33.93 ? 99  ARG A CA  1 
ATOM   523  C  C   . ARG A 1 99  ? -6.156  13.494  11.263  1.00 32.70 ? 99  ARG A C   1 
ATOM   524  O  O   . ARG A 1 99  ? -5.797  14.295  12.117  1.00 34.31 ? 99  ARG A O   1 
ATOM   525  C  CB  . ARG A 1 99  ? -8.539  13.688  10.555  1.00 33.17 ? 99  ARG A CB  1 
ATOM   526  C  CG  . ARG A 1 99  ? -9.505  14.291  9.562   1.00 36.70 ? 99  ARG A CG  1 
ATOM   527  C  CD  . ARG A 1 99  ? -10.908 14.309  10.090  1.00 40.88 ? 99  ARG A CD  1 
ATOM   528  N  NE  . ARG A 1 99  ? -11.033 15.220  11.224  1.00 42.93 ? 99  ARG A NE  1 
ATOM   529  C  CZ  . ARG A 1 99  ? -12.189 15.526  11.799  1.00 41.47 ? 99  ARG A CZ  1 
ATOM   530  N  NH1 . ARG A 1 99  ? -13.315 14.990  11.341  1.00 41.30 ? 99  ARG A NH1 1 
ATOM   531  N  NH2 . ARG A 1 99  ? -12.216 16.361  12.827  1.00 41.54 ? 99  ARG A NH2 1 
ATOM   532  N  N   . ALA A 1 100 ? -5.767  12.228  11.254  1.00 33.40 ? 100 ALA A N   1 
ATOM   533  C  CA  . ALA A 1 100 ? -4.860  11.723  12.268  1.00 33.47 ? 100 ALA A CA  1 
ATOM   534  C  C   . ALA A 1 100 ? -3.459  12.267  11.999  1.00 35.91 ? 100 ALA A C   1 
ATOM   535  O  O   . ALA A 1 100 ? -2.673  12.441  12.928  1.00 36.13 ? 100 ALA A O   1 
ATOM   536  C  CB  . ALA A 1 100 ? -4.845  10.208  12.246  1.00 33.36 ? 100 ALA A CB  1 
ATOM   537  N  N   . SER A 1 101 ? -3.154  12.545  10.730  1.00 38.05 ? 101 SER A N   1 
ATOM   538  C  CA  . SER A 1 101 ? -1.837  13.059  10.355  1.00 40.80 ? 101 SER A CA  1 
ATOM   539  C  C   . SER A 1 101 ? -1.628  14.497  10.808  1.00 43.17 ? 101 SER A C   1 
ATOM   540  O  O   . SER A 1 101 ? -0.523  14.881  11.183  1.00 40.83 ? 101 SER A O   1 
ATOM   541  C  CB  . SER A 1 101 ? -1.620  12.979  8.834   1.00 40.78 ? 101 SER A CB  1 
ATOM   542  O  OG  . SER A 1 101 ? -2.401  13.925  8.121   1.00 39.09 ? 101 SER A OG  1 
ATOM   543  N  N   . GLU A 1 102 ? -2.698  15.286  10.771  1.00 47.69 ? 102 GLU A N   1 
ATOM   544  C  CA  . GLU A 1 102 ? -2.630  16.686  11.165  1.00 52.45 ? 102 GLU A CA  1 
ATOM   545  C  C   . GLU A 1 102 ? -2.396  16.800  12.670  1.00 54.54 ? 102 GLU A C   1 
ATOM   546  O  O   . GLU A 1 102 ? -2.255  17.899  13.206  1.00 54.09 ? 102 GLU A O   1 
ATOM   547  C  CB  . GLU A 1 102 ? -3.936  17.394  10.787  1.00 53.76 ? 102 GLU A CB  1 
ATOM   548  C  CG  . GLU A 1 102 ? -4.338  17.221  9.323   1.00 57.50 ? 102 GLU A CG  1 
ATOM   549  C  CD  . GLU A 1 102 ? -4.143  18.481  8.484   1.00 60.27 ? 102 GLU A CD  1 
ATOM   550  O  OE1 . GLU A 1 102 ? -4.311  18.407  7.241   1.00 59.68 ? 102 GLU A OE1 1 
ATOM   551  O  OE2 . GLU A 1 102 ? -3.831  19.546  9.066   1.00 61.71 ? 102 GLU A OE2 1 
ATOM   552  N  N   . LYS A 1 103 ? -2.338  15.656  13.342  1.00 57.32 ? 103 LYS A N   1 
ATOM   553  C  CA  . LYS A 1 103 ? -2.147  15.628  14.788  1.00 58.92 ? 103 LYS A CA  1 
ATOM   554  C  C   . LYS A 1 103 ? -1.037  14.682  15.243  1.00 59.11 ? 103 LYS A C   1 
ATOM   555  O  O   . LYS A 1 103 ? -1.226  13.941  16.211  1.00 61.76 ? 103 LYS A O   1 
ATOM   556  C  CB  . LYS A 1 103 ? -3.460  15.213  15.466  1.00 60.11 ? 103 LYS A CB  1 
ATOM   557  C  CG  . LYS A 1 103 ? -4.674  16.010  15.008  1.00 61.58 ? 103 LYS A CG  1 
ATOM   558  C  CD  . LYS A 1 103 ? -5.967  15.465  15.594  1.00 62.66 ? 103 LYS A CD  1 
ATOM   559  C  CE  . LYS A 1 103 ? -7.184  16.206  15.040  1.00 64.49 ? 103 LYS A CE  1 
ATOM   560  N  NZ  . LYS A 1 103 ? -7.305  16.102  13.550  1.00 63.34 ? 103 LYS A NZ  1 
ATOM   561  N  N   . SER A 1 104 ? 0.112   14.694  14.569  1.00 57.24 ? 104 SER A N   1 
ATOM   562  C  CA  . SER A 1 104 ? 1.197   13.805  14.974  1.00 56.32 ? 104 SER A CA  1 
ATOM   563  C  C   . SER A 1 104 ? 2.588   14.388  14.756  1.00 56.05 ? 104 SER A C   1 
ATOM   564  O  O   . SER A 1 104 ? 2.799   15.204  13.863  1.00 55.91 ? 104 SER A O   1 
ATOM   565  C  CB  . SER A 1 104 ? 1.083   12.463  14.242  1.00 55.18 ? 104 SER A CB  1 
ATOM   566  O  OG  . SER A 1 104 ? 1.639   12.538  12.948  1.00 52.99 ? 104 SER A OG  1 
ATOM   567  N  N   . GLU A 1 105 ? 3.533   13.946  15.580  1.00 56.23 ? 105 GLU A N   1 
ATOM   568  C  CA  . GLU A 1 105 ? 4.911   14.410  15.510  1.00 57.02 ? 105 GLU A CA  1 
ATOM   569  C  C   . GLU A 1 105 ? 5.667   13.632  14.439  1.00 57.09 ? 105 GLU A C   1 
ATOM   570  O  O   . GLU A 1 105 ? 6.875   13.794  14.271  1.00 56.15 ? 105 GLU A O   1 
ATOM   571  C  CB  . GLU A 1 105 ? 5.611   14.212  16.859  1.00 58.79 ? 105 GLU A CB  1 
ATOM   572  C  CG  . GLU A 1 105 ? 4.747   14.465  18.094  1.00 61.71 ? 105 GLU A CG  1 
ATOM   573  C  CD  . GLU A 1 105 ? 4.119   15.848  18.122  1.00 64.24 ? 105 GLU A CD  1 
ATOM   574  O  OE1 . GLU A 1 105 ? 3.218   16.113  17.297  1.00 65.42 ? 105 GLU A OE1 1 
ATOM   575  O  OE2 . GLU A 1 105 ? 4.524   16.672  18.973  1.00 64.88 ? 105 GLU A OE2 1 
ATOM   576  N  N   . LEU A 1 106 ? 4.950   12.776  13.724  1.00 57.69 ? 106 LEU A N   1 
ATOM   577  C  CA  . LEU A 1 106 ? 5.553   11.972  12.673  1.00 58.88 ? 106 LEU A CA  1 
ATOM   578  C  C   . LEU A 1 106 ? 5.643   12.788  11.394  1.00 60.35 ? 106 LEU A C   1 
ATOM   579  O  O   . LEU A 1 106 ? 6.491   12.541  10.538  1.00 60.21 ? 106 LEU A O   1 
ATOM   580  C  CB  . LEU A 1 106 ? 4.703   10.727  12.420  1.00 58.99 ? 106 LEU A CB  1 
ATOM   581  C  CG  . LEU A 1 106 ? 5.391   9.382   12.620  1.00 58.45 ? 106 LEU A CG  1 
ATOM   582  C  CD1 . LEU A 1 106 ? 4.369   8.268   12.528  1.00 58.87 ? 106 LEU A CD1 1 
ATOM   583  C  CD2 . LEU A 1 106 ? 6.477   9.207   11.577  1.00 59.76 ? 106 LEU A CD2 1 
ATOM   584  N  N   . VAL A 1 107 ? 4.754   13.763  11.273  1.00 62.31 ? 107 VAL A N   1 
ATOM   585  C  CA  . VAL A 1 107 ? 4.708   14.616  10.100  1.00 63.62 ? 107 VAL A CA  1 
ATOM   586  C  C   . VAL A 1 107 ? 5.451   15.922  10.299  1.00 65.38 ? 107 VAL A C   1 
ATOM   587  O  O   . VAL A 1 107 ? 5.356   16.553  11.352  1.00 65.65 ? 107 VAL A O   1 
ATOM   588  C  CB  . VAL A 1 107 ? 3.254   14.945  9.720   1.00 63.36 ? 107 VAL A CB  1 
ATOM   589  C  CG1 . VAL A 1 107 ? 3.219   16.164  8.815   1.00 63.19 ? 107 VAL A CG1 1 
ATOM   590  C  CG2 . VAL A 1 107 ? 2.615   13.745  9.036   1.00 61.70 ? 107 VAL A CG2 1 
ATOM   591  N  N   . SER A 1 108 ? 6.194   16.319  9.271   1.00 67.24 ? 108 SER A N   1 
ATOM   592  C  CA  . SER A 1 108 ? 6.938   17.566  9.300   1.00 68.56 ? 108 SER A CA  1 
ATOM   593  C  C   . SER A 1 108 ? 5.915   18.675  9.081   1.00 69.33 ? 108 SER A C   1 
ATOM   594  O  O   . SER A 1 108 ? 5.499   18.941  7.952   1.00 70.86 ? 108 SER A O   1 
ATOM   595  C  CB  . SER A 1 108 ? 8.003   17.567  8.196   1.00 68.10 ? 108 SER A CB  1 
ATOM   596  O  OG  . SER A 1 108 ? 7.478   17.108  6.961   1.00 65.32 ? 108 SER A OG  1 
ATOM   597  N  N   . ARG A 1 109 ? 5.501   19.307  10.174  1.00 70.60 ? 109 ARG A N   1 
ATOM   598  C  CA  . ARG A 1 109 ? 4.503   20.365  10.115  1.00 71.17 ? 109 ARG A CA  1 
ATOM   599  C  C   . ARG A 1 109 ? 4.966   21.573  9.314   1.00 70.51 ? 109 ARG A C   1 
ATOM   600  O  O   . ARG A 1 109 ? 5.993   21.528  8.636   1.00 70.94 ? 109 ARG A O   1 
ATOM   601  C  CB  . ARG A 1 109 ? 4.103   20.796  11.528  1.00 72.52 ? 109 ARG A CB  1 
ATOM   602  C  CG  . ARG A 1 109 ? 2.888   21.714  11.573  1.00 74.18 ? 109 ARG A CG  1 
ATOM   603  C  CD  . ARG A 1 109 ? 2.429   21.949  12.996  1.00 77.06 ? 109 ARG A CD  1 
ATOM   604  N  NE  . ARG A 1 109 ? 1.981   20.709  13.623  1.00 78.81 ? 109 ARG A NE  1 
ATOM   605  C  CZ  . ARG A 1 109 ? 1.491   20.627  14.855  1.00 79.81 ? 109 ARG A CZ  1 
ATOM   606  N  NH1 . ARG A 1 109 ? 1.381   21.720  15.603  1.00 79.60 ? 109 ARG A NH1 1 
ATOM   607  N  NH2 . ARG A 1 109 ? 1.110   19.453  15.340  1.00 79.02 ? 109 ARG A NH2 1 
ATOM   608  N  N   . GLY A 1 110 ? 4.203   22.657  9.406   1.00 69.19 ? 110 GLY A N   1 
ATOM   609  C  CA  . GLY A 1 110 ? 4.522   23.852  8.660   1.00 67.70 ? 110 GLY A CA  1 
ATOM   610  C  C   . GLY A 1 110 ? 4.087   23.550  7.244   1.00 66.51 ? 110 GLY A C   1 
ATOM   611  O  O   . GLY A 1 110 ? 3.914   22.381  6.907   1.00 65.91 ? 110 GLY A O   1 
ATOM   612  N  N   . PRO A 1 111 ? 3.888   24.563  6.391   1.00 66.11 ? 111 PRO A N   1 
ATOM   613  C  CA  . PRO A 1 111 ? 3.469   24.225  5.028   1.00 64.43 ? 111 PRO A CA  1 
ATOM   614  C  C   . PRO A 1 111 ? 4.480   23.270  4.401   1.00 63.11 ? 111 PRO A C   1 
ATOM   615  O  O   . PRO A 1 111 ? 5.666   23.322  4.725   1.00 63.04 ? 111 PRO A O   1 
ATOM   616  C  CB  . PRO A 1 111 ? 3.439   25.584  4.334   1.00 65.20 ? 111 PRO A CB  1 
ATOM   617  C  CG  . PRO A 1 111 ? 4.523   26.352  5.059   1.00 64.59 ? 111 PRO A CG  1 
ATOM   618  C  CD  . PRO A 1 111 ? 4.257   25.987  6.500   1.00 65.10 ? 111 PRO A CD  1 
ATOM   619  N  N   . VAL A 1 112 ? 4.018   22.383  3.528   1.00 61.75 ? 112 VAL A N   1 
ATOM   620  C  CA  . VAL A 1 112 ? 4.934   21.450  2.876   1.00 60.22 ? 112 VAL A CA  1 
ATOM   621  C  C   . VAL A 1 112 ? 5.115   21.884  1.427   1.00 57.97 ? 112 VAL A C   1 
ATOM   622  O  O   . VAL A 1 112 ? 4.142   22.215  0.748   1.00 56.53 ? 112 VAL A O   1 
ATOM   623  C  CB  . VAL A 1 112 ? 4.405   19.988  2.914   1.00 60.90 ? 112 VAL A CB  1 
ATOM   624  C  CG1 . VAL A 1 112 ? 4.128   19.574  4.352   1.00 62.20 ? 112 VAL A CG1 1 
ATOM   625  C  CG2 . VAL A 1 112 ? 3.146   19.853  2.072   1.00 61.97 ? 112 VAL A CG2 1 
ATOM   626  N  N   . SER A 1 113 ? 6.361   21.903  0.962   1.00 55.92 ? 113 SER A N   1 
ATOM   627  C  CA  . SER A 1 113 ? 6.641   22.302  -0.410  1.00 53.89 ? 113 SER A CA  1 
ATOM   628  C  C   . SER A 1 113 ? 6.401   21.126  -1.354  1.00 52.57 ? 113 SER A C   1 
ATOM   629  O  O   . SER A 1 113 ? 6.471   19.965  -0.944  1.00 51.81 ? 113 SER A O   1 
ATOM   630  C  CB  . SER A 1 113 ? 8.089   22.779  -0.551  1.00 54.03 ? 113 SER A CB  1 
ATOM   631  O  OG  . SER A 1 113 ? 8.995   21.697  -0.445  1.00 53.53 ? 113 SER A OG  1 
ATOM   632  N  N   . PRO A 1 114 ? 6.112   21.422  -2.632  1.00 50.79 ? 114 PRO A N   1 
ATOM   633  C  CA  . PRO A 1 114 ? 5.849   20.451  -3.699  1.00 48.24 ? 114 PRO A CA  1 
ATOM   634  C  C   . PRO A 1 114 ? 6.994   19.474  -3.943  1.00 46.67 ? 114 PRO A C   1 
ATOM   635  O  O   . PRO A 1 114 ? 6.882   18.585  -4.783  1.00 48.97 ? 114 PRO A O   1 
ATOM   636  C  CB  . PRO A 1 114 ? 5.607   21.340  -4.918  1.00 47.90 ? 114 PRO A CB  1 
ATOM   637  C  CG  . PRO A 1 114 ? 4.994   22.558  -4.319  1.00 49.09 ? 114 PRO A CG  1 
ATOM   638  C  CD  . PRO A 1 114 ? 5.875   22.794  -3.117  1.00 49.64 ? 114 PRO A CD  1 
ATOM   639  N  N   . LEU A 1 115 ? 8.098   19.643  -3.229  1.00 43.00 ? 115 LEU A N   1 
ATOM   640  C  CA  . LEU A 1 115 ? 9.248   18.763  -3.409  1.00 40.92 ? 115 LEU A CA  1 
ATOM   641  C  C   . LEU A 1 115 ? 9.324   17.720  -2.310  1.00 39.11 ? 115 LEU A C   1 
ATOM   642  O  O   . LEU A 1 115 ? 10.215  16.874  -2.306  1.00 38.85 ? 115 LEU A O   1 
ATOM   643  C  CB  . LEU A 1 115 ? 10.542  19.585  -3.409  1.00 41.28 ? 115 LEU A CB  1 
ATOM   644  C  CG  . LEU A 1 115 ? 10.719  20.668  -4.474  1.00 42.16 ? 115 LEU A CG  1 
ATOM   645  C  CD1 . LEU A 1 115 ? 11.956  21.488  -4.145  1.00 43.46 ? 115 LEU A CD1 1 
ATOM   646  C  CD2 . LEU A 1 115 ? 10.836  20.037  -5.853  1.00 41.72 ? 115 LEU A CD2 1 
ATOM   647  N  N   . GLN A 1 116 ? 8.385   17.786  -1.376  1.00 37.30 ? 116 GLN A N   1 
ATOM   648  C  CA  . GLN A 1 116 ? 8.367   16.869  -0.248  1.00 38.41 ? 116 GLN A CA  1 
ATOM   649  C  C   . GLN A 1 116 ? 7.091   16.035  -0.218  1.00 35.87 ? 116 GLN A C   1 
ATOM   650  O  O   . GLN A 1 116 ? 6.010   16.530  -0.532  1.00 35.63 ? 116 GLN A O   1 
ATOM   651  C  CB  . GLN A 1 116 ? 8.481   17.675  1.052   1.00 41.71 ? 116 GLN A CB  1 
ATOM   652  C  CG  . GLN A 1 116 ? 8.486   16.844  2.309   1.00 47.30 ? 116 GLN A CG  1 
ATOM   653  C  CD  . GLN A 1 116 ? 9.852   16.266  2.604   1.00 51.53 ? 116 GLN A CD  1 
ATOM   654  O  OE1 . GLN A 1 116 ? 10.623  15.969  1.689   1.00 55.99 ? 116 GLN A OE1 1 
ATOM   655  N  NE2 . GLN A 1 116 ? 10.158  16.091  3.888   1.00 52.00 ? 116 GLN A NE2 1 
ATOM   656  N  N   . PRO A 1 117 ? 7.205   14.751  0.151   1.00 34.53 ? 117 PRO A N   1 
ATOM   657  C  CA  . PRO A 1 117 ? 6.025   13.879  0.217   1.00 33.20 ? 117 PRO A CA  1 
ATOM   658  C  C   . PRO A 1 117 ? 4.981   14.523  1.127   1.00 31.50 ? 117 PRO A C   1 
ATOM   659  O  O   . PRO A 1 117 ? 5.325   15.038  2.183   1.00 31.48 ? 117 PRO A O   1 
ATOM   660  C  CB  . PRO A 1 117 ? 6.593   12.593  0.799   1.00 32.58 ? 117 PRO A CB  1 
ATOM   661  C  CG  . PRO A 1 117 ? 7.965   12.549  0.183   1.00 32.49 ? 117 PRO A CG  1 
ATOM   662  C  CD  . PRO A 1 117 ? 8.442   13.979  0.366   1.00 32.36 ? 117 PRO A CD  1 
ATOM   663  N  N   . ASP A 1 118 ? 3.715   14.508  0.724   1.00 32.54 ? 118 ASP A N   1 
ATOM   664  C  CA  . ASP A 1 118 ? 2.676   15.126  1.541   1.00 32.65 ? 118 ASP A CA  1 
ATOM   665  C  C   . ASP A 1 118 ? 2.494   14.472  2.923   1.00 33.18 ? 118 ASP A C   1 
ATOM   666  O  O   . ASP A 1 118 ? 3.070   13.427  3.219   1.00 34.40 ? 118 ASP A O   1 
ATOM   667  C  CB  . ASP A 1 118 ? 1.336   15.175  0.775   1.00 33.55 ? 118 ASP A CB  1 
ATOM   668  C  CG  . ASP A 1 118 ? 0.819   13.800  0.383   1.00 35.56 ? 118 ASP A CG  1 
ATOM   669  O  OD1 . ASP A 1 118 ? 0.999   13.399  -0.787  1.00 34.40 ? 118 ASP A OD1 1 
ATOM   670  O  OD2 . ASP A 1 118 ? 0.233   13.120  1.251   1.00 38.43 ? 118 ASP A OD2 1 
ATOM   671  N  N   . LYS A 1 119 ? 1.689   15.119  3.756   1.00 34.46 ? 119 LYS A N   1 
ATOM   672  C  CA  . LYS A 1 119 ? 1.404   14.695  5.132   1.00 36.92 ? 119 LYS A CA  1 
ATOM   673  C  C   . LYS A 1 119 ? 0.778   13.306  5.262   1.00 34.57 ? 119 LYS A C   1 
ATOM   674  O  O   . LYS A 1 119 ? 1.165   12.515  6.124   1.00 34.07 ? 119 LYS A O   1 
ATOM   675  C  CB  . LYS A 1 119 ? 0.489   15.739  5.786   1.00 39.82 ? 119 LYS A CB  1 
ATOM   676  C  CG  . LYS A 1 119 ? 0.618   15.862  7.290   1.00 44.73 ? 119 LYS A CG  1 
ATOM   677  C  CD  . LYS A 1 119 ? -0.145  17.084  7.829   1.00 49.15 ? 119 LYS A CD  1 
ATOM   678  C  CE  . LYS A 1 119 ? 0.250   18.386  7.108   1.00 50.07 ? 119 LYS A CE  1 
ATOM   679  N  NZ  . LYS A 1 119 ? 1.677   18.768  7.316   1.00 50.27 ? 119 LYS A NZ  1 
ATOM   680  N  N   . VAL A 1 120 ? -0.193  13.014  4.408   1.00 33.81 ? 120 VAL A N   1 
ATOM   681  C  CA  . VAL A 1 120 ? -0.861  11.723  4.427   1.00 31.15 ? 120 VAL A CA  1 
ATOM   682  C  C   . VAL A 1 120 ? 0.118   10.623  4.039   1.00 31.13 ? 120 VAL A C   1 
ATOM   683  O  O   . VAL A 1 120 ? 0.142   9.563   4.657   1.00 30.15 ? 120 VAL A O   1 
ATOM   684  C  CB  . VAL A 1 120 ? -2.064  11.728  3.471   1.00 32.38 ? 120 VAL A CB  1 
ATOM   685  C  CG1 . VAL A 1 120 ? -2.641  10.316  3.320   1.00 29.99 ? 120 VAL A CG1 1 
ATOM   686  C  CG2 . VAL A 1 120 ? -3.115  12.682  4.004   1.00 31.11 ? 120 VAL A CG2 1 
ATOM   687  N  N   . VAL A 1 121 ? 0.928   10.875  3.018   1.00 29.79 ? 121 VAL A N   1 
ATOM   688  C  CA  . VAL A 1 121 ? 1.903   9.883   2.597   1.00 30.08 ? 121 VAL A CA  1 
ATOM   689  C  C   . VAL A 1 121 ? 2.879   9.612   3.745   1.00 30.29 ? 121 VAL A C   1 
ATOM   690  O  O   . VAL A 1 121 ? 3.145   8.461   4.081   1.00 28.13 ? 121 VAL A O   1 
ATOM   691  C  CB  . VAL A 1 121 ? 2.671   10.351  1.331   1.00 30.29 ? 121 VAL A CB  1 
ATOM   692  C  CG1 . VAL A 1 121 ? 3.897   9.482   1.103   1.00 31.73 ? 121 VAL A CG1 1 
ATOM   693  C  CG2 . VAL A 1 121 ? 1.763   10.262  0.122   1.00 29.60 ? 121 VAL A CG2 1 
ATOM   694  N  N   . GLU A 1 122 ? 3.393   10.672  4.362   1.00 32.38 ? 122 GLU A N   1 
ATOM   695  C  CA  . GLU A 1 122 ? 4.325   10.508  5.474   1.00 33.56 ? 122 GLU A CA  1 
ATOM   696  C  C   . GLU A 1 122 ? 3.720   9.796   6.692   1.00 32.09 ? 122 GLU A C   1 
ATOM   697  O  O   . GLU A 1 122 ? 4.396   8.994   7.331   1.00 32.79 ? 122 GLU A O   1 
ATOM   698  C  CB  . GLU A 1 122 ? 4.917   11.866  5.878   1.00 37.12 ? 122 GLU A CB  1 
ATOM   699  C  CG  . GLU A 1 122 ? 5.968   12.377  4.894   1.00 41.57 ? 122 GLU A CG  1 
ATOM   700  C  CD  . GLU A 1 122 ? 6.547   13.743  5.270   1.00 47.64 ? 122 GLU A CD  1 
ATOM   701  O  OE1 . GLU A 1 122 ? 7.401   14.258  4.503   1.00 48.32 ? 122 GLU A OE1 1 
ATOM   702  O  OE2 . GLU A 1 122 ? 6.148   14.303  6.318   1.00 49.60 ? 122 GLU A OE2 1 
ATOM   703  N  N   . PHE A 1 123 ? 2.458   10.077  7.012   1.00 30.47 ? 123 PHE A N   1 
ATOM   704  C  CA  . PHE A 1 123 ? 1.806   9.424   8.146   1.00 28.98 ? 123 PHE A CA  1 
ATOM   705  C  C   . PHE A 1 123 ? 1.623   7.924   7.904   1.00 29.67 ? 123 PHE A C   1 
ATOM   706  O  O   . PHE A 1 123 ? 1.873   7.107   8.794   1.00 28.67 ? 123 PHE A O   1 
ATOM   707  C  CB  . PHE A 1 123 ? 0.433   10.041  8.428   1.00 29.26 ? 123 PHE A CB  1 
ATOM   708  C  CG  . PHE A 1 123 ? -0.217  9.515   9.683   1.00 28.42 ? 123 PHE A CG  1 
ATOM   709  C  CD1 . PHE A 1 123 ? 0.258   9.894   10.939  1.00 27.91 ? 123 PHE A CD1 1 
ATOM   710  C  CD2 . PHE A 1 123 ? -1.269  8.606   9.614   1.00 28.48 ? 123 PHE A CD2 1 
ATOM   711  C  CE1 . PHE A 1 123 ? -0.303  9.374   12.109  1.00 28.41 ? 123 PHE A CE1 1 
ATOM   712  C  CE2 . PHE A 1 123 ? -1.839  8.076   10.784  1.00 26.91 ? 123 PHE A CE2 1 
ATOM   713  C  CZ  . PHE A 1 123 ? -1.355  8.461   12.033  1.00 26.16 ? 123 PHE A CZ  1 
ATOM   714  N  N   . LEU A 1 124 ? 1.171   7.564   6.705   1.00 29.66 ? 124 LEU A N   1 
ATOM   715  C  CA  . LEU A 1 124 ? 0.973   6.161   6.362   1.00 28.53 ? 124 LEU A CA  1 
ATOM   716  C  C   . LEU A 1 124 ? 2.302   5.399   6.434   1.00 29.52 ? 124 LEU A C   1 
ATOM   717  O  O   . LEU A 1 124 ? 2.356   4.243   6.871   1.00 28.15 ? 124 LEU A O   1 
ATOM   718  C  CB  . LEU A 1 124 ? 0.381   6.041   4.953   1.00 27.58 ? 124 LEU A CB  1 
ATOM   719  C  CG  . LEU A 1 124 ? -1.127  6.289   4.804   1.00 26.07 ? 124 LEU A CG  1 
ATOM   720  C  CD1 . LEU A 1 124 ? -1.495  6.457   3.334   1.00 20.26 ? 124 LEU A CD1 1 
ATOM   721  C  CD2 . LEU A 1 124 ? -1.886  5.124   5.413   1.00 22.40 ? 124 LEU A CD2 1 
ATOM   722  N  N   . SER A 1 125 ? 3.374   6.055   6.006   1.00 31.16 ? 125 SER A N   1 
ATOM   723  C  CA  . SER A 1 125 ? 4.699   5.446   6.020   1.00 34.22 ? 125 SER A CA  1 
ATOM   724  C  C   . SER A 1 125 ? 5.111   5.162   7.455   1.00 35.27 ? 125 SER A C   1 
ATOM   725  O  O   . SER A 1 125 ? 5.950   4.300   7.702   1.00 36.94 ? 125 SER A O   1 
ATOM   726  C  CB  . SER A 1 125 ? 5.723   6.378   5.376   1.00 36.19 ? 125 SER A CB  1 
ATOM   727  O  OG  . SER A 1 125 ? 5.309   6.766   4.079   1.00 41.51 ? 125 SER A OG  1 
ATOM   728  N  N   . GLY A 1 126 ? 4.523   5.898   8.395   1.00 33.79 ? 126 GLY A N   1 
ATOM   729  C  CA  . GLY A 1 126 ? 4.853   5.698   9.792   1.00 33.97 ? 126 GLY A CA  1 
ATOM   730  C  C   . GLY A 1 126 ? 3.911   4.764   10.535  1.00 33.42 ? 126 GLY A C   1 
ATOM   731  O  O   . GLY A 1 126 ? 4.338   4.035   11.423  1.00 34.41 ? 126 GLY A O   1 
ATOM   732  N  N   . SER A 1 127 ? 2.634   4.764   10.173  1.00 31.33 ? 127 SER A N   1 
ATOM   733  C  CA  . SER A 1 127 ? 1.673   3.910   10.860  1.00 31.03 ? 127 SER A CA  1 
ATOM   734  C  C   . SER A 1 127 ? 1.597   2.479   10.330  1.00 30.20 ? 127 SER A C   1 
ATOM   735  O  O   . SER A 1 127 ? 1.343   1.545   11.087  1.00 28.00 ? 127 SER A O   1 
ATOM   736  C  CB  . SER A 1 127 ? 0.284   4.555   10.839  1.00 30.26 ? 127 SER A CB  1 
ATOM   737  O  OG  . SER A 1 127 ? 0.010   5.123   9.579   1.00 35.26 ? 127 SER A OG  1 
ATOM   738  N  N   . TYR A 1 128 ? 1.811   2.302   9.033   1.00 30.46 ? 128 TYR A N   1 
ATOM   739  C  CA  . TYR A 1 128 ? 1.773   0.963   8.460   1.00 30.34 ? 128 TYR A CA  1 
ATOM   740  C  C   . TYR A 1 128 ? 3.015   0.785   7.604   1.00 31.37 ? 128 TYR A C   1 
ATOM   741  O  O   . TYR A 1 128 ? 2.953   0.754   6.379   1.00 32.58 ? 128 TYR A O   1 
ATOM   742  C  CB  . TYR A 1 128 ? 0.496   0.783   7.644   1.00 29.28 ? 128 TYR A CB  1 
ATOM   743  C  CG  . TYR A 1 128 ? -0.746  1.162   8.419   1.00 28.67 ? 128 TYR A CG  1 
ATOM   744  C  CD1 . TYR A 1 128 ? -1.391  2.377   8.185   1.00 30.01 ? 128 TYR A CD1 1 
ATOM   745  C  CD2 . TYR A 1 128 ? -1.268  0.314   9.402   1.00 29.52 ? 128 TYR A CD2 1 
ATOM   746  C  CE1 . TYR A 1 128 ? -2.524  2.741   8.902   1.00 28.55 ? 128 TYR A CE1 1 
ATOM   747  C  CE2 . TYR A 1 128 ? -2.402  0.666   10.132  1.00 27.53 ? 128 TYR A CE2 1 
ATOM   748  C  CZ  . TYR A 1 128 ? -3.028  1.884   9.872   1.00 30.21 ? 128 TYR A CZ  1 
ATOM   749  O  OH  . TYR A 1 128 ? -4.167  2.243   10.556  1.00 27.95 ? 128 TYR A OH  1 
ATOM   750  N  N   . ALA A 1 129 ? 4.149   0.662   8.284   1.00 32.86 ? 129 ALA A N   1 
ATOM   751  C  CA  . ALA A 1 129 ? 5.443   0.530   7.634   1.00 35.30 ? 129 ALA A CA  1 
ATOM   752  C  C   . ALA A 1 129 ? 5.693   -0.779  6.890   1.00 35.71 ? 129 ALA A C   1 
ATOM   753  O  O   . ALA A 1 129 ? 6.703   -0.912  6.199   1.00 38.67 ? 129 ALA A O   1 
ATOM   754  C  CB  . ALA A 1 129 ? 6.545   0.756   8.654   1.00 33.02 ? 129 ALA A CB  1 
ATOM   755  N  N   . GLY A 1 130 ? 4.784   -1.736  7.009   1.00 34.63 ? 130 GLY A N   1 
ATOM   756  C  CA  . GLY A 1 130 ? 5.013   -2.994  6.336   1.00 34.51 ? 130 GLY A CA  1 
ATOM   757  C  C   . GLY A 1 130 ? 3.866   -3.576  5.543   1.00 35.57 ? 130 GLY A C   1 
ATOM   758  O  O   . GLY A 1 130 ? 2.717   -3.150  5.664   1.00 36.27 ? 130 GLY A O   1 
ATOM   759  N  N   . LEU A 1 131 ? 4.206   -4.558  4.715   1.00 36.65 ? 131 LEU A N   1 
ATOM   760  C  CA  . LEU A 1 131 ? 3.245   -5.263  3.876   1.00 39.67 ? 131 LEU A CA  1 
ATOM   761  C  C   . LEU A 1 131 ? 3.227   -6.712  4.339   1.00 41.10 ? 131 LEU A C   1 
ATOM   762  O  O   . LEU A 1 131 ? 4.277   -7.287  4.617   1.00 40.92 ? 131 LEU A O   1 
ATOM   763  C  CB  . LEU A 1 131 ? 3.666   -5.175  2.408   1.00 39.08 ? 131 LEU A CB  1 
ATOM   764  C  CG  . LEU A 1 131 ? 2.868   -4.229  1.505   1.00 39.07 ? 131 LEU A CG  1 
ATOM   765  C  CD1 . LEU A 1 131 ? 2.463   -2.969  2.259   1.00 37.70 ? 131 LEU A CD1 1 
ATOM   766  C  CD2 . LEU A 1 131 ? 3.709   -3.894  0.281   1.00 37.30 ? 131 LEU A CD2 1 
ATOM   767  N  N   . SER A 1 132 ? 2.037   -7.296  4.433   1.00 42.74 ? 132 SER A N   1 
ATOM   768  C  CA  . SER A 1 132 ? 1.906   -8.673  4.896   1.00 45.00 ? 132 SER A CA  1 
ATOM   769  C  C   . SER A 1 132 ? 0.941   -9.477  4.034   1.00 46.03 ? 132 SER A C   1 
ATOM   770  O  O   . SER A 1 132 ? -0.244  -9.151  3.931   1.00 44.63 ? 132 SER A O   1 
ATOM   771  C  CB  . SER A 1 132 ? 1.435   -8.682  6.352   1.00 45.73 ? 132 SER A CB  1 
ATOM   772  O  OG  . SER A 1 132 ? 1.311   -10.002 6.844   1.00 49.12 ? 132 SER A OG  1 
ATOM   773  N  N   . LEU A 1 133 ? 1.461   -10.531 3.415   1.00 47.70 ? 133 LEU A N   1 
ATOM   774  C  CA  . LEU A 1 133 ? 0.652   -11.387 2.557   1.00 50.04 ? 133 LEU A CA  1 
ATOM   775  C  C   . LEU A 1 133 ? -0.081  -12.445 3.375   1.00 52.66 ? 133 LEU A C   1 
ATOM   776  O  O   . LEU A 1 133 ? 0.340   -12.790 4.477   1.00 52.72 ? 133 LEU A O   1 
ATOM   777  C  CB  . LEU A 1 133 ? 1.539   -12.069 1.515   1.00 49.38 ? 133 LEU A CB  1 
ATOM   778  C  CG  . LEU A 1 133 ? 0.810   -12.881 0.444   1.00 49.41 ? 133 LEU A CG  1 
ATOM   779  C  CD1 . LEU A 1 133 ? -0.086  -11.964 -0.380  1.00 51.01 ? 133 LEU A CD1 1 
ATOM   780  C  CD2 . LEU A 1 133 ? 1.823   -13.573 -0.443  1.00 49.32 ? 133 LEU A CD2 1 
ATOM   781  N  N   . SER A 1 134 ? -1.187  -12.948 2.834   1.00 56.66 ? 134 SER A N   1 
ATOM   782  C  CA  . SER A 1 134 ? -1.974  -13.980 3.501   1.00 60.00 ? 134 SER A CA  1 
ATOM   783  C  C   . SER A 1 134 ? -2.001  -15.250 2.656   1.00 60.86 ? 134 SER A C   1 
ATOM   784  O  O   . SER A 1 134 ? -2.884  -15.427 1.819   1.00 63.00 ? 134 SER A O   1 
ATOM   785  C  CB  . SER A 1 134 ? -3.405  -13.493 3.735   1.00 61.16 ? 134 SER A CB  1 
ATOM   786  O  OG  . SER A 1 134 ? -3.423  -12.374 4.599   1.00 65.22 ? 134 SER A OG  1 
ATOM   787  N  N   . PHE A 1 155 ? -2.918  -16.662 -3.132  1.00 58.77 ? 155 PHE A N   1 
ATOM   788  C  CA  . PHE A 1 155 ? -2.979  -15.382 -2.436  1.00 57.76 ? 155 PHE A CA  1 
ATOM   789  C  C   . PHE A 1 155 ? -4.418  -15.046 -2.091  1.00 55.15 ? 155 PHE A C   1 
ATOM   790  O  O   . PHE A 1 155 ? -5.315  -15.231 -2.908  1.00 54.71 ? 155 PHE A O   1 
ATOM   791  C  CB  . PHE A 1 155 ? -2.425  -14.257 -3.313  1.00 60.50 ? 155 PHE A CB  1 
ATOM   792  C  CG  . PHE A 1 155 ? -1.058  -14.528 -3.864  1.00 63.25 ? 155 PHE A CG  1 
ATOM   793  C  CD1 . PHE A 1 155 ? 0.005   -14.808 -3.015  1.00 64.05 ? 155 PHE A CD1 1 
ATOM   794  C  CD2 . PHE A 1 155 ? -0.833  -14.493 -5.238  1.00 64.90 ? 155 PHE A CD2 1 
ATOM   795  C  CE1 . PHE A 1 155 ? 1.278   -15.055 -3.521  1.00 65.26 ? 155 PHE A CE1 1 
ATOM   796  C  CE2 . PHE A 1 155 ? 0.437   -14.739 -5.759  1.00 66.38 ? 155 PHE A CE2 1 
ATOM   797  C  CZ  . PHE A 1 155 ? 1.495   -15.020 -4.897  1.00 66.48 ? 155 PHE A CZ  1 
ATOM   798  N  N   . LYS A 1 156 ? -4.631  -14.545 -0.881  1.00 52.78 ? 156 LYS A N   1 
ATOM   799  C  CA  . LYS A 1 156 ? -5.964  -14.164 -0.443  1.00 50.81 ? 156 LYS A CA  1 
ATOM   800  C  C   . LYS A 1 156 ? -6.078  -12.629 -0.446  1.00 47.83 ? 156 LYS A C   1 
ATOM   801  O  O   . LYS A 1 156 ? -7.021  -12.069 -1.006  1.00 47.71 ? 156 LYS A O   1 
ATOM   802  C  CB  . LYS A 1 156 ? -6.233  -14.719 0.957   1.00 53.31 ? 156 LYS A CB  1 
ATOM   803  C  CG  . LYS A 1 156 ? -7.696  -14.633 1.380   1.00 56.88 ? 156 LYS A CG  1 
ATOM   804  C  CD  . LYS A 1 156 ? -7.934  -15.277 2.744   1.00 59.57 ? 156 LYS A CD  1 
ATOM   805  C  CE  . LYS A 1 156 ? -7.125  -14.586 3.842   1.00 61.67 ? 156 LYS A CE  1 
ATOM   806  N  NZ  . LYS A 1 156 ? -7.458  -15.107 5.201   1.00 61.35 ? 156 LYS A NZ  1 
ATOM   807  N  N   . HIS A 1 157 ? -5.113  -11.959 0.179   1.00 42.82 ? 157 HIS A N   1 
ATOM   808  C  CA  . HIS A 1 157 ? -5.090  -10.498 0.230   1.00 39.72 ? 157 HIS A CA  1 
ATOM   809  C  C   . HIS A 1 157 ? -3.753  -9.981  0.764   1.00 37.55 ? 157 HIS A C   1 
ATOM   810  O  O   . HIS A 1 157 ? -2.890  -10.756 1.169   1.00 34.85 ? 157 HIS A O   1 
ATOM   811  C  CB  . HIS A 1 157 ? -6.224  -9.966  1.118   1.00 39.38 ? 157 HIS A CB  1 
ATOM   812  C  CG  . HIS A 1 157 ? -6.047  -10.260 2.576   1.00 37.67 ? 157 HIS A CG  1 
ATOM   813  N  ND1 . HIS A 1 157 ? -6.867  -11.124 3.268   1.00 38.11 ? 157 HIS A ND1 1 
ATOM   814  C  CD2 . HIS A 1 157 ? -5.145  -9.798  3.477   1.00 37.78 ? 157 HIS A CD2 1 
ATOM   815  C  CE1 . HIS A 1 157 ? -6.479  -11.181 4.530   1.00 37.70 ? 157 HIS A CE1 1 
ATOM   816  N  NE2 . HIS A 1 157 ? -5.436  -10.386 4.684   1.00 36.65 ? 157 HIS A NE2 1 
ATOM   817  N  N   . VAL A 1 158 ? -3.583  -8.662  0.745   1.00 36.76 ? 158 VAL A N   1 
ATOM   818  C  CA  . VAL A 1 158 ? -2.372  -8.042  1.272   1.00 34.97 ? 158 VAL A CA  1 
ATOM   819  C  C   . VAL A 1 158 ? -2.810  -7.061  2.355   1.00 34.19 ? 158 VAL A C   1 
ATOM   820  O  O   . VAL A 1 158 ? -3.785  -6.331  2.184   1.00 34.50 ? 158 VAL A O   1 
ATOM   821  C  CB  . VAL A 1 158 ? -1.572  -7.277  0.182   1.00 35.00 ? 158 VAL A CB  1 
ATOM   822  C  CG1 . VAL A 1 158 ? -0.366  -6.583  0.805   1.00 32.88 ? 158 VAL A CG1 1 
ATOM   823  C  CG2 . VAL A 1 158 ? -1.101  -8.235  -0.892  1.00 34.96 ? 158 VAL A CG2 1 
ATOM   824  N  N   . ALA A 1 159 ? -2.095  -7.052  3.473   1.00 33.27 ? 159 ALA A N   1 
ATOM   825  C  CA  . ALA A 1 159 ? -2.434  -6.149  4.567   1.00 33.57 ? 159 ALA A CA  1 
ATOM   826  C  C   . ALA A 1 159 ? -1.345  -5.124  4.825   1.00 32.94 ? 159 ALA A C   1 
ATOM   827  O  O   . ALA A 1 159 ? -0.158  -5.443  4.776   1.00 32.91 ? 159 ALA A O   1 
ATOM   828  C  CB  . ALA A 1 159 ? -2.692  -6.951  5.853   1.00 33.05 ? 159 ALA A CB  1 
ATOM   829  N  N   . LEU A 1 160 ? -1.747  -3.882  5.075   1.00 32.14 ? 160 LEU A N   1 
ATOM   830  C  CA  . LEU A 1 160 ? -0.769  -2.863  5.409   1.00 32.16 ? 160 LEU A CA  1 
ATOM   831  C  C   . LEU A 1 160 ? -0.567  -3.217  6.882   1.00 33.88 ? 160 LEU A C   1 
ATOM   832  O  O   . LEU A 1 160 ? -1.530  -3.262  7.646   1.00 32.56 ? 160 LEU A O   1 
ATOM   833  C  CB  . LEU A 1 160 ? -1.352  -1.458  5.237   1.00 32.15 ? 160 LEU A CB  1 
ATOM   834  C  CG  . LEU A 1 160 ? -1.733  -1.028  3.810   1.00 33.42 ? 160 LEU A CG  1 
ATOM   835  C  CD1 . LEU A 1 160 ? -2.155  0.426   3.837   1.00 32.53 ? 160 LEU A CD1 1 
ATOM   836  C  CD2 . LEU A 1 160 ? -0.556  -1.205  2.849   1.00 32.60 ? 160 LEU A CD2 1 
HETATM 837  N  N   . CAS A 1 161 ? 0.675   -3.494  7.267   1.00 35.24 ? 161 CAS A N   1 
HETATM 838  C  CA  . CAS A 1 161 ? 0.973   -3.919  8.625   1.00 37.89 ? 161 CAS A CA  1 
HETATM 839  C  CB  . CAS A 1 161 ? 1.875   -5.159  8.574   1.00 43.55 ? 161 CAS A CB  1 
HETATM 840  C  C   . CAS A 1 161 ? 1.611   -2.858  9.507   1.00 38.20 ? 161 CAS A C   1 
HETATM 841  O  O   . CAS A 1 161 ? 2.613   -2.249  9.131   1.00 37.62 ? 161 CAS A O   1 
HETATM 842  S  SG  . CAS A 1 161 ? 1.989   -6.069  10.128  1.00 52.00 ? 161 CAS A SG  1 
HETATM 843  AS AS  . CAS A 1 161 ? 0.174   -7.368  10.253  1.00 58.54 ? 161 CAS A AS  1 
ATOM   844  N  N   . SER A 1 162 ? 1.042   -2.661  10.696  1.00 37.88 ? 162 SER A N   1 
ATOM   845  C  CA  . SER A 1 162 ? 1.562   -1.673  11.632  1.00 40.32 ? 162 SER A CA  1 
ATOM   846  C  C   . SER A 1 162 ? 2.605   -2.224  12.600  1.00 42.17 ? 162 SER A C   1 
ATOM   847  O  O   . SER A 1 162 ? 3.240   -1.459  13.320  1.00 44.40 ? 162 SER A O   1 
ATOM   848  C  CB  . SER A 1 162 ? 0.419   -1.054  12.438  1.00 41.59 ? 162 SER A CB  1 
ATOM   849  O  OG  . SER A 1 162 ? -0.180  -1.997  13.307  1.00 43.05 ? 162 SER A OG  1 
ATOM   850  N  N   . VAL A 1 163 ? 2.786   -3.542  12.617  1.00 43.93 ? 163 VAL A N   1 
ATOM   851  C  CA  . VAL A 1 163 ? 3.753   -4.166  13.515  1.00 47.58 ? 163 VAL A CA  1 
ATOM   852  C  C   . VAL A 1 163 ? 3.818   -5.683  13.309  1.00 49.40 ? 163 VAL A C   1 
ATOM   853  O  O   . VAL A 1 163 ? 4.461   -6.172  12.379  1.00 51.96 ? 163 VAL A O   1 
ATOM   854  C  CB  . VAL A 1 163 ? 3.391   -3.894  14.999  1.00 48.57 ? 163 VAL A CB  1 
ATOM   855  C  CG1 . VAL A 1 163 ? 2.082   -4.603  15.357  1.00 45.71 ? 163 VAL A CG1 1 
ATOM   856  C  CG2 . VAL A 1 163 ? 4.533   -4.354  15.911  1.00 49.89 ? 163 VAL A CG2 1 
ATOM   857  N  N   . LEU A 1 170 ? 10.168  -0.990  4.733   1.00 48.38 ? 170 LEU A N   1 
ATOM   858  C  CA  . LEU A 1 170 ? 9.645   -2.105  3.952   1.00 47.44 ? 170 LEU A CA  1 
ATOM   859  C  C   . LEU A 1 170 ? 8.597   -1.619  2.938   1.00 45.50 ? 170 LEU A C   1 
ATOM   860  O  O   . LEU A 1 170 ? 8.749   -1.828  1.735   1.00 46.91 ? 170 LEU A O   1 
ATOM   861  C  CB  . LEU A 1 170 ? 9.045   -3.159  4.891   1.00 46.78 ? 170 LEU A CB  1 
ATOM   862  C  CG  . LEU A 1 170 ? 8.666   -4.525  4.308   1.00 48.18 ? 170 LEU A CG  1 
ATOM   863  C  CD1 . LEU A 1 170 ? 8.374   -5.504  5.445   1.00 49.96 ? 170 LEU A CD1 1 
ATOM   864  C  CD2 . LEU A 1 170 ? 7.456   -4.392  3.398   1.00 47.70 ? 170 LEU A CD2 1 
ATOM   865  N  N   . ALA A 1 171 ? 7.532   -0.985  3.416   1.00 41.99 ? 171 ALA A N   1 
ATOM   866  C  CA  . ALA A 1 171 ? 6.500   -0.477  2.512   1.00 38.93 ? 171 ALA A CA  1 
ATOM   867  C  C   . ALA A 1 171 ? 6.736   1.005   2.238   1.00 37.00 ? 171 ALA A C   1 
ATOM   868  O  O   . ALA A 1 171 ? 6.932   1.792   3.164   1.00 37.87 ? 171 ALA A O   1 
ATOM   869  C  CB  . ALA A 1 171 ? 5.125   -0.675  3.121   1.00 37.36 ? 171 ALA A CB  1 
ATOM   870  N  N   . VAL A 1 172 ? 6.738   1.373   0.961   1.00 34.57 ? 172 VAL A N   1 
ATOM   871  C  CA  . VAL A 1 172 ? 6.925   2.765   0.562   1.00 30.59 ? 172 VAL A CA  1 
ATOM   872  C  C   . VAL A 1 172 ? 5.602   3.293   -0.020  1.00 30.70 ? 172 VAL A C   1 
ATOM   873  O  O   . VAL A 1 172 ? 4.957   2.620   -0.831  1.00 28.70 ? 172 VAL A O   1 
ATOM   874  C  CB  . VAL A 1 172 ? 8.055   2.899   -0.498  1.00 31.50 ? 172 VAL A CB  1 
ATOM   875  C  CG1 . VAL A 1 172 ? 8.094   4.318   -1.055  1.00 30.37 ? 172 VAL A CG1 1 
ATOM   876  C  CG2 . VAL A 1 172 ? 9.401   2.561   0.127   1.00 30.28 ? 172 VAL A CG2 1 
ATOM   877  N  N   . TYR A 1 173 ? 5.203   4.486   0.414   1.00 26.94 ? 173 TYR A N   1 
ATOM   878  C  CA  . TYR A 1 173 ? 3.971   5.118   -0.044  1.00 25.38 ? 173 TYR A CA  1 
ATOM   879  C  C   . TYR A 1 173 ? 4.264   6.370   -0.887  1.00 25.95 ? 173 TYR A C   1 
ATOM   880  O  O   . TYR A 1 173 ? 5.234   7.097   -0.640  1.00 26.70 ? 173 TYR A O   1 
ATOM   881  C  CB  . TYR A 1 173 ? 3.116   5.519   1.162   1.00 26.87 ? 173 TYR A CB  1 
ATOM   882  C  CG  . TYR A 1 173 ? 2.631   4.366   2.029   1.00 27.38 ? 173 TYR A CG  1 
ATOM   883  C  CD1 . TYR A 1 173 ? 1.336   3.862   1.888   1.00 25.17 ? 173 TYR A CD1 1 
ATOM   884  C  CD2 . TYR A 1 173 ? 3.461   3.793   2.999   1.00 26.84 ? 173 TYR A CD2 1 
ATOM   885  C  CE1 . TYR A 1 173 ? 0.881   2.822   2.690   1.00 26.38 ? 173 TYR A CE1 1 
ATOM   886  C  CE2 . TYR A 1 173 ? 3.014   2.752   3.806   1.00 24.56 ? 173 TYR A CE2 1 
ATOM   887  C  CZ  . TYR A 1 173 ? 1.720   2.271   3.646   1.00 26.35 ? 173 TYR A CZ  1 
ATOM   888  O  OH  . TYR A 1 173 ? 1.252   1.248   4.441   1.00 25.82 ? 173 TYR A OH  1 
ATOM   889  N  N   . GLY A 1 174 ? 3.422   6.611   -1.884  1.00 22.00 ? 174 GLY A N   1 
ATOM   890  C  CA  . GLY A 1 174 ? 3.582   7.768   -2.735  1.00 20.96 ? 174 GLY A CA  1 
ATOM   891  C  C   . GLY A 1 174 ? 2.303   8.035   -3.511  1.00 23.53 ? 174 GLY A C   1 
ATOM   892  O  O   . GLY A 1 174 ? 1.338   7.280   -3.419  1.00 24.02 ? 174 GLY A O   1 
ATOM   893  N  N   . ARG A 1 175 ? 2.295   9.111   -4.283  1.00 23.31 ? 175 ARG A N   1 
ATOM   894  C  CA  . ARG A 1 175 ? 1.122   9.473   -5.073  1.00 26.09 ? 175 ARG A CA  1 
ATOM   895  C  C   . ARG A 1 175 ? 1.241   9.001   -6.519  1.00 25.00 ? 175 ARG A C   1 
ATOM   896  O  O   . ARG A 1 175 ? 0.336   9.213   -7.310  1.00 24.37 ? 175 ARG A O   1 
ATOM   897  C  CB  . ARG A 1 175 ? 0.935   10.994  -5.058  1.00 25.74 ? 175 ARG A CB  1 
ATOM   898  C  CG  . ARG A 1 175 ? 0.634   11.560  -3.691  1.00 26.63 ? 175 ARG A CG  1 
ATOM   899  C  CD  . ARG A 1 175 ? -0.702  11.051  -3.172  1.00 26.86 ? 175 ARG A CD  1 
ATOM   900  N  NE  . ARG A 1 175 ? -1.079  11.727  -1.938  1.00 28.68 ? 175 ARG A NE  1 
ATOM   901  C  CZ  . ARG A 1 175 ? -2.286  11.682  -1.390  1.00 27.01 ? 175 ARG A CZ  1 
ATOM   902  N  NH1 . ARG A 1 175 ? -3.252  10.984  -1.967  1.00 27.22 ? 175 ARG A NH1 1 
ATOM   903  N  NH2 . ARG A 1 175 ? -2.524  12.349  -0.266  1.00 27.22 ? 175 ARG A NH2 1 
ATOM   904  N  N   . ASP A 1 176 ? 2.355   8.347   -6.837  1.00 25.08 ? 176 ASP A N   1 
ATOM   905  C  CA  . ASP A 1 176 ? 2.655   7.864   -8.179  1.00 22.67 ? 176 ASP A CA  1 
ATOM   906  C  C   . ASP A 1 176 ? 3.376   6.518   -8.095  1.00 24.19 ? 176 ASP A C   1 
ATOM   907  O  O   . ASP A 1 176 ? 4.390   6.392   -7.417  1.00 23.21 ? 176 ASP A O   1 
ATOM   908  C  CB  . ASP A 1 176 ? 3.548   8.906   -8.877  1.00 24.27 ? 176 ASP A CB  1 
ATOM   909  C  CG  . ASP A 1 176 ? 4.078   8.450   -10.237 1.00 28.05 ? 176 ASP A CG  1 
ATOM   910  O  OD1 . ASP A 1 176 ? 4.986   9.131   -10.753 1.00 33.42 ? 176 ASP A OD1 1 
ATOM   911  O  OD2 . ASP A 1 176 ? 3.611   7.438   -10.802 1.00 27.95 ? 176 ASP A OD2 1 
ATOM   912  N  N   . PRO A 1 177 ? 2.863   5.495   -8.791  1.00 27.83 ? 177 PRO A N   1 
ATOM   913  C  CA  . PRO A 1 177 ? 3.502   4.172   -8.767  1.00 28.64 ? 177 PRO A CA  1 
ATOM   914  C  C   . PRO A 1 177 ? 4.959   4.233   -9.257  1.00 30.12 ? 177 PRO A C   1 
ATOM   915  O  O   . PRO A 1 177 ? 5.823   3.545   -8.715  1.00 30.83 ? 177 PRO A O   1 
ATOM   916  C  CB  . PRO A 1 177 ? 2.630   3.333   -9.705  1.00 28.71 ? 177 PRO A CB  1 
ATOM   917  C  CG  . PRO A 1 177 ? 1.316   4.052   -9.716  1.00 31.20 ? 177 PRO A CG  1 
ATOM   918  C  CD  . PRO A 1 177 ? 1.671   5.500   -9.661  1.00 26.61 ? 177 PRO A CD  1 
ATOM   919  N  N   . GLU A 1 178 ? 5.224   5.043   -10.283 1.00 30.13 ? 178 GLU A N   1 
ATOM   920  C  CA  . GLU A 1 178 ? 6.584   5.172   -10.822 1.00 32.08 ? 178 GLU A CA  1 
ATOM   921  C  C   . GLU A 1 178 ? 7.547   5.638   -9.735  1.00 32.20 ? 178 GLU A C   1 
ATOM   922  O  O   . GLU A 1 178 ? 8.607   5.043   -9.537  1.00 32.75 ? 178 GLU A O   1 
ATOM   923  C  CB  . GLU A 1 178 ? 6.635   6.178   -11.981 1.00 35.56 ? 178 GLU A CB  1 
ATOM   924  C  CG  . GLU A 1 178 ? 5.878   5.774   -13.232 1.00 38.55 ? 178 GLU A CG  1 
ATOM   925  C  CD  . GLU A 1 178 ? 6.497   4.585   -13.946 1.00 42.04 ? 178 GLU A CD  1 
ATOM   926  O  OE1 . GLU A 1 178 ? 5.865   4.075   -14.895 1.00 40.45 ? 178 GLU A OE1 1 
ATOM   927  O  OE2 . GLU A 1 178 ? 7.614   4.165   -13.564 1.00 42.64 ? 178 GLU A OE2 1 
ATOM   928  N  N   . TRP A 1 179 ? 7.171   6.716   -9.046  1.00 30.83 ? 179 TRP A N   1 
ATOM   929  C  CA  . TRP A 1 179 ? 7.979   7.270   -7.964  1.00 29.86 ? 179 TRP A CA  1 
ATOM   930  C  C   . TRP A 1 179 ? 8.188   6.206   -6.883  1.00 30.66 ? 179 TRP A C   1 
ATOM   931  O  O   . TRP A 1 179 ? 9.297   6.031   -6.372  1.00 32.57 ? 179 TRP A O   1 
ATOM   932  C  CB  . TRP A 1 179 ? 7.273   8.486   -7.349  1.00 29.58 ? 179 TRP A CB  1 
ATOM   933  C  CG  . TRP A 1 179 ? 8.075   9.205   -6.289  1.00 30.66 ? 179 TRP A CG  1 
ATOM   934  C  CD1 . TRP A 1 179 ? 8.968   10.222  -6.486  1.00 29.64 ? 179 TRP A CD1 1 
ATOM   935  C  CD2 . TRP A 1 179 ? 8.059   8.956   -4.871  1.00 29.15 ? 179 TRP A CD2 1 
ATOM   936  N  NE1 . TRP A 1 179 ? 9.506   10.622  -5.284  1.00 29.35 ? 179 TRP A NE1 1 
ATOM   937  C  CE2 . TRP A 1 179 ? 8.970   9.865   -4.277  1.00 28.69 ? 179 TRP A CE2 1 
ATOM   938  C  CE3 . TRP A 1 179 ? 7.370   8.057   -4.050  1.00 26.23 ? 179 TRP A CE3 1 
ATOM   939  C  CZ2 . TRP A 1 179 ? 9.205   9.903   -2.893  1.00 27.55 ? 179 TRP A CZ2 1 
ATOM   940  C  CZ3 . TRP A 1 179 ? 7.604   8.094   -2.666  1.00 27.87 ? 179 TRP A CZ3 1 
ATOM   941  C  CH2 . TRP A 1 179 ? 8.517   9.013   -2.107  1.00 25.94 ? 179 TRP A CH2 1 
ATOM   942  N  N   . VAL A 1 180 ? 7.114   5.507   -6.530  1.00 29.49 ? 180 VAL A N   1 
ATOM   943  C  CA  . VAL A 1 180 ? 7.185   4.467   -5.513  1.00 29.10 ? 180 VAL A CA  1 
ATOM   944  C  C   . VAL A 1 180 ? 8.195   3.395   -5.907  1.00 30.13 ? 180 VAL A C   1 
ATOM   945  O  O   . VAL A 1 180 ? 9.085   3.039   -5.130  1.00 29.19 ? 180 VAL A O   1 
ATOM   946  C  CB  . VAL A 1 180 ? 5.806   3.784   -5.295  1.00 27.71 ? 180 VAL A CB  1 
ATOM   947  C  CG1 . VAL A 1 180 ? 5.987   2.485   -4.508  1.00 25.71 ? 180 VAL A CG1 1 
ATOM   948  C  CG2 . VAL A 1 180 ? 4.873   4.719   -4.534  1.00 23.97 ? 180 VAL A CG2 1 
ATOM   949  N  N   . THR A 1 181 ? 8.039   2.886   -7.121  1.00 30.83 ? 181 THR A N   1 
ATOM   950  C  CA  . THR A 1 181 ? 8.911   1.847   -7.643  1.00 34.75 ? 181 THR A CA  1 
ATOM   951  C  C   . THR A 1 181 ? 10.365  2.313   -7.732  1.00 35.99 ? 181 THR A C   1 
ATOM   952  O  O   . THR A 1 181 ? 11.288  1.538   -7.491  1.00 33.13 ? 181 THR A O   1 
ATOM   953  C  CB  . THR A 1 181 ? 8.415   1.385   -9.024  1.00 35.80 ? 181 THR A CB  1 
ATOM   954  O  OG1 . THR A 1 181 ? 7.242   0.577   -8.851  1.00 38.96 ? 181 THR A OG1 1 
ATOM   955  C  CG2 . THR A 1 181 ? 9.469   0.577   -9.727  1.00 40.76 ? 181 THR A CG2 1 
ATOM   956  N  N   . GLN A 1 182 ? 10.550  3.587   -8.067  1.00 37.57 ? 182 GLN A N   1 
ATOM   957  C  CA  . GLN A 1 182 ? 11.876  4.181   -8.180  1.00 38.62 ? 182 GLN A CA  1 
ATOM   958  C  C   . GLN A 1 182 ? 12.526  4.355   -6.816  1.00 40.29 ? 182 GLN A C   1 
ATOM   959  O  O   . GLN A 1 182 ? 13.676  4.788   -6.718  1.00 40.14 ? 182 GLN A O   1 
ATOM   960  C  CB  . GLN A 1 182 ? 11.787  5.538   -8.869  1.00 38.36 ? 182 GLN A CB  1 
ATOM   961  C  CG  . GLN A 1 182 ? 11.740  5.468   -10.382 1.00 40.12 ? 182 GLN A CG  1 
ATOM   962  C  CD  . GLN A 1 182 ? 11.492  6.828   -11.002 1.00 40.52 ? 182 GLN A CD  1 
ATOM   963  O  OE1 . GLN A 1 182 ? 11.813  7.856   -10.404 1.00 44.00 ? 182 GLN A OE1 1 
ATOM   964  N  NE2 . GLN A 1 182 ? 10.927  6.845   -12.206 1.00 37.41 ? 182 GLN A NE2 1 
ATOM   965  N  N   . ARG A 1 183 ? 11.782  4.025   -5.766  1.00 41.12 ? 183 ARG A N   1 
ATOM   966  C  CA  . ARG A 1 183 ? 12.297  4.134   -4.409  1.00 41.45 ? 183 ARG A CA  1 
ATOM   967  C  C   . ARG A 1 183 ? 13.038  2.839   -4.052  1.00 41.75 ? 183 ARG A C   1 
ATOM   968  O  O   . ARG A 1 183 ? 13.699  2.763   -3.018  1.00 41.82 ? 183 ARG A O   1 
ATOM   969  C  CB  . ARG A 1 183 ? 11.146  4.366   -3.428  1.00 42.36 ? 183 ARG A CB  1 
ATOM   970  C  CG  . ARG A 1 183 ? 11.283  5.597   -2.543  1.00 44.81 ? 183 ARG A CG  1 
ATOM   971  C  CD  . ARG A 1 183 ? 11.182  6.878   -3.343  1.00 46.67 ? 183 ARG A CD  1 
ATOM   972  N  NE  . ARG A 1 183 ? 12.420  7.178   -4.058  1.00 49.63 ? 183 ARG A NE  1 
ATOM   973  C  CZ  . ARG A 1 183 ? 12.471  7.811   -5.227  1.00 51.65 ? 183 ARG A CZ  1 
ATOM   974  N  NH1 . ARG A 1 183 ? 11.349  8.207   -5.818  1.00 50.05 ? 183 ARG A NH1 1 
ATOM   975  N  NH2 . ARG A 1 183 ? 13.645  8.050   -5.805  1.00 51.03 ? 183 ARG A NH2 1 
ATOM   976  N  N   . PHE A 1 184 ? 12.920  1.824   -4.906  1.00 41.07 ? 184 PHE A N   1 
ATOM   977  C  CA  . PHE A 1 184 ? 13.594  0.543   -4.680  1.00 42.08 ? 184 PHE A CA  1 
ATOM   978  C  C   . PHE A 1 184 ? 14.695  0.333   -5.717  1.00 43.94 ? 184 PHE A C   1 
ATOM   979  O  O   . PHE A 1 184 ? 14.425  -0.067  -6.851  1.00 41.47 ? 184 PHE A O   1 
ATOM   980  C  CB  . PHE A 1 184 ? 12.605  -0.627  -4.758  1.00 40.29 ? 184 PHE A CB  1 
ATOM   981  C  CG  . PHE A 1 184 ? 11.605  -0.653  -3.640  1.00 38.97 ? 184 PHE A CG  1 
ATOM   982  C  CD1 . PHE A 1 184 ? 10.458  0.131   -3.695  1.00 37.25 ? 184 PHE A CD1 1 
ATOM   983  C  CD2 . PHE A 1 184 ? 11.825  -1.448  -2.517  1.00 37.81 ? 184 PHE A CD2 1 
ATOM   984  C  CE1 . PHE A 1 184 ? 9.541   0.126   -2.648  1.00 34.94 ? 184 PHE A CE1 1 
ATOM   985  C  CE2 . PHE A 1 184 ? 10.914  -1.457  -1.463  1.00 38.40 ? 184 PHE A CE2 1 
ATOM   986  C  CZ  . PHE A 1 184 ? 9.767   -0.665  -1.532  1.00 36.48 ? 184 PHE A CZ  1 
ATOM   987  N  N   . PRO A 1 185 ? 15.959  0.583   -5.328  1.00 47.17 ? 185 PRO A N   1 
ATOM   988  C  CA  . PRO A 1 185 ? 17.152  0.446   -6.177  1.00 49.42 ? 185 PRO A CA  1 
ATOM   989  C  C   . PRO A 1 185 ? 17.237  -0.862  -6.961  1.00 50.51 ? 185 PRO A C   1 
ATOM   990  O  O   . PRO A 1 185 ? 17.427  -0.851  -8.177  1.00 50.64 ? 185 PRO A O   1 
ATOM   991  C  CB  . PRO A 1 185 ? 18.301  0.595   -5.183  1.00 49.37 ? 185 PRO A CB  1 
ATOM   992  C  CG  . PRO A 1 185 ? 17.726  1.512   -4.146  1.00 49.76 ? 185 PRO A CG  1 
ATOM   993  C  CD  . PRO A 1 185 ? 16.342  0.951   -3.952  1.00 48.12 ? 185 PRO A CD  1 
ATOM   994  N  N   . ASP A 1 186 ? 17.094  -1.983  -6.260  1.00 52.07 ? 186 ASP A N   1 
ATOM   995  C  CA  . ASP A 1 186 ? 17.160  -3.300  -6.885  1.00 54.24 ? 186 ASP A CA  1 
ATOM   996  C  C   . ASP A 1 186 ? 16.376  -3.375  -8.189  1.00 54.41 ? 186 ASP A C   1 
ATOM   997  O  O   . ASP A 1 186 ? 16.945  -3.638  -9.249  1.00 55.76 ? 186 ASP A O   1 
ATOM   998  C  CB  . ASP A 1 186 ? 16.635  -4.371  -5.927  1.00 56.70 ? 186 ASP A CB  1 
ATOM   999  C  CG  . ASP A 1 186 ? 17.370  -4.380  -4.605  1.00 59.25 ? 186 ASP A CG  1 
ATOM   1000 O  OD1 . ASP A 1 186 ? 18.619  -4.337  -4.617  1.00 61.55 ? 186 ASP A OD1 1 
ATOM   1001 O  OD2 . ASP A 1 186 ? 16.698  -4.439  -3.552  1.00 61.22 ? 186 ASP A OD2 1 
ATOM   1002 N  N   . LEU A 1 187 ? 15.067  -3.151  -8.101  1.00 54.42 ? 187 LEU A N   1 
ATOM   1003 C  CA  . LEU A 1 187 ? 14.181  -3.193  -9.263  1.00 52.35 ? 187 LEU A CA  1 
ATOM   1004 C  C   . LEU A 1 187 ? 14.807  -2.578  -10.501 1.00 51.19 ? 187 LEU A C   1 
ATOM   1005 O  O   . LEU A 1 187 ? 15.201  -1.412  -10.496 1.00 52.20 ? 187 LEU A O   1 
ATOM   1006 C  CB  . LEU A 1 187 ? 12.872  -2.467  -8.951  1.00 52.33 ? 187 LEU A CB  1 
ATOM   1007 C  CG  . LEU A 1 187 ? 11.700  -3.285  -8.406  1.00 51.98 ? 187 LEU A CG  1 
ATOM   1008 C  CD1 . LEU A 1 187 ? 12.167  -4.264  -7.349  1.00 50.73 ? 187 LEU A CD1 1 
ATOM   1009 C  CD2 . LEU A 1 187 ? 10.652  -2.319  -7.858  1.00 51.45 ? 187 LEU A CD2 1 
ATOM   1010 N  N   . THR A 1 188 ? 14.888  -3.372  -11.563 1.00 49.54 ? 188 THR A N   1 
ATOM   1011 C  CA  . THR A 1 188 ? 15.460  -2.924  -12.827 1.00 48.61 ? 188 THR A CA  1 
ATOM   1012 C  C   . THR A 1 188 ? 14.355  -2.385  -13.722 1.00 48.24 ? 188 THR A C   1 
ATOM   1013 O  O   . THR A 1 188 ? 13.172  -2.518  -13.404 1.00 46.69 ? 188 THR A O   1 
ATOM   1014 C  CB  . THR A 1 188 ? 16.135  -4.079  -13.570 1.00 49.22 ? 188 THR A CB  1 
ATOM   1015 O  OG1 . THR A 1 188 ? 15.152  -5.069  -13.895 1.00 49.32 ? 188 THR A OG1 1 
ATOM   1016 C  CG2 . THR A 1 188 ? 17.224  -4.715  -12.703 1.00 50.51 ? 188 THR A CG2 1 
ATOM   1017 N  N   . ALA A 1 189 ? 14.744  -1.783  -14.845 1.00 47.29 ? 189 ALA A N   1 
ATOM   1018 C  CA  . ALA A 1 189 ? 13.772  -1.234  -15.785 1.00 47.23 ? 189 ALA A CA  1 
ATOM   1019 C  C   . ALA A 1 189 ? 12.798  -2.326  -16.208 1.00 47.76 ? 189 ALA A C   1 
ATOM   1020 O  O   . ALA A 1 189 ? 11.586  -2.112  -16.234 1.00 48.69 ? 189 ALA A O   1 
ATOM   1021 C  CB  . ALA A 1 189 ? 14.481  -0.659  -17.005 1.00 46.41 ? 189 ALA A CB  1 
ATOM   1022 N  N   . ALA A 1 190 ? 13.331  -3.503  -16.528 1.00 47.34 ? 190 ALA A N   1 
ATOM   1023 C  CA  . ALA A 1 190 ? 12.501  -4.629  -16.938 1.00 47.61 ? 190 ALA A CA  1 
ATOM   1024 C  C   . ALA A 1 190 ? 11.525  -4.980  -15.817 1.00 47.27 ? 190 ALA A C   1 
ATOM   1025 O  O   . ALA A 1 190 ? 10.393  -5.387  -16.076 1.00 47.81 ? 190 ALA A O   1 
ATOM   1026 C  CB  . ALA A 1 190 ? 13.374  -5.834  -17.281 1.00 47.06 ? 190 ALA A CB  1 
ATOM   1027 N  N   . ASP A 1 191 ? 11.972  -4.829  -14.573 1.00 47.96 ? 191 ASP A N   1 
ATOM   1028 C  CA  . ASP A 1 191 ? 11.121  -5.100  -13.415 1.00 48.09 ? 191 ASP A CA  1 
ATOM   1029 C  C   . ASP A 1 191 ? 9.981   -4.080  -13.403 1.00 47.62 ? 191 ASP A C   1 
ATOM   1030 O  O   . ASP A 1 191 ? 8.808   -4.443  -13.329 1.00 44.96 ? 191 ASP A O   1 
ATOM   1031 C  CB  . ASP A 1 191 ? 11.922  -4.971  -12.118 1.00 50.07 ? 191 ASP A CB  1 
ATOM   1032 C  CG  . ASP A 1 191 ? 12.871  -6.139  -11.889 1.00 51.61 ? 191 ASP A CG  1 
ATOM   1033 O  OD1 . ASP A 1 191 ? 13.723  -6.031  -10.984 1.00 51.42 ? 191 ASP A OD1 1 
ATOM   1034 O  OD2 . ASP A 1 191 ? 12.757  -7.161  -12.596 1.00 53.26 ? 191 ASP A OD2 1 
ATOM   1035 N  N   . ARG A 1 192 ? 10.350  -2.802  -13.478 1.00 48.06 ? 192 ARG A N   1 
ATOM   1036 C  CA  . ARG A 1 192 ? 9.391   -1.702  -13.489 1.00 48.54 ? 192 ARG A CA  1 
ATOM   1037 C  C   . ARG A 1 192 ? 8.423   -1.854  -14.651 1.00 48.43 ? 192 ARG A C   1 
ATOM   1038 O  O   . ARG A 1 192 ? 7.236   -1.561  -14.521 1.00 47.86 ? 192 ARG A O   1 
ATOM   1039 C  CB  . ARG A 1 192 ? 10.117  -0.365  -13.625 1.00 50.15 ? 192 ARG A CB  1 
ATOM   1040 C  CG  . ARG A 1 192 ? 11.116  -0.066  -12.527 1.00 53.97 ? 192 ARG A CG  1 
ATOM   1041 C  CD  . ARG A 1 192 ? 11.872  1.219   -12.833 1.00 57.98 ? 192 ARG A CD  1 
ATOM   1042 N  NE  . ARG A 1 192 ? 13.305  1.073   -12.592 1.00 61.85 ? 192 ARG A NE  1 
ATOM   1043 C  CZ  . ARG A 1 192 ? 14.246  1.444   -13.456 1.00 64.05 ? 192 ARG A CZ  1 
ATOM   1044 N  NH1 . ARG A 1 192 ? 13.900  1.986   -14.618 1.00 64.21 ? 192 ARG A NH1 1 
ATOM   1045 N  NH2 . ARG A 1 192 ? 15.531  1.263   -13.168 1.00 64.68 ? 192 ARG A NH2 1 
ATOM   1046 N  N   . ASP A 1 193 ? 8.937   -2.299  -15.793 1.00 48.02 ? 193 ASP A N   1 
ATOM   1047 C  CA  . ASP A 1 193 ? 8.103   -2.491  -16.967 1.00 47.79 ? 193 ASP A CA  1 
ATOM   1048 C  C   . ASP A 1 193 ? 7.093   -3.614  -16.735 1.00 45.96 ? 193 ASP A C   1 
ATOM   1049 O  O   . ASP A 1 193 ? 5.955   -3.549  -17.210 1.00 45.05 ? 193 ASP A O   1 
ATOM   1050 C  CB  . ASP A 1 193 ? 8.979   -2.779  -18.192 1.00 50.73 ? 193 ASP A CB  1 
ATOM   1051 C  CG  . ASP A 1 193 ? 9.532   -1.506  -18.822 1.00 53.99 ? 193 ASP A CG  1 
ATOM   1052 O  OD1 . ASP A 1 193 ? 8.726   -0.732  -19.383 1.00 56.79 ? 193 ASP A OD1 1 
ATOM   1053 O  OD2 . ASP A 1 193 ? 10.761  -1.269  -18.754 1.00 54.41 ? 193 ASP A OD2 1 
ATOM   1054 N  N   . GLY A 1 194 ? 7.507   -4.640  -15.998 1.00 43.08 ? 194 GLY A N   1 
ATOM   1055 C  CA  . GLY A 1 194 ? 6.599   -5.734  -15.698 1.00 40.90 ? 194 GLY A CA  1 
ATOM   1056 C  C   . GLY A 1 194 ? 5.509   -5.239  -14.756 1.00 40.07 ? 194 GLY A C   1 
ATOM   1057 O  O   . GLY A 1 194 ? 4.339   -5.618  -14.882 1.00 37.65 ? 194 GLY A O   1 
ATOM   1058 N  N   . LEU A 1 195 ? 5.901   -4.384  -13.808 1.00 38.12 ? 195 LEU A N   1 
ATOM   1059 C  CA  . LEU A 1 195 ? 4.965   -3.806  -12.851 1.00 36.62 ? 195 LEU A CA  1 
ATOM   1060 C  C   . LEU A 1 195 ? 3.992   -2.838  -13.543 1.00 35.76 ? 195 LEU A C   1 
ATOM   1061 O  O   . LEU A 1 195 ? 2.798   -2.815  -13.239 1.00 33.66 ? 195 LEU A O   1 
ATOM   1062 C  CB  . LEU A 1 195 ? 5.714   -3.046  -11.748 1.00 37.16 ? 195 LEU A CB  1 
ATOM   1063 C  CG  . LEU A 1 195 ? 6.246   -3.706  -10.461 1.00 37.43 ? 195 LEU A CG  1 
ATOM   1064 C  CD1 . LEU A 1 195 ? 5.450   -4.964  -10.142 1.00 34.52 ? 195 LEU A CD1 1 
ATOM   1065 C  CD2 . LEU A 1 195 ? 7.715   -4.017  -10.601 1.00 38.35 ? 195 LEU A CD2 1 
ATOM   1066 N  N   . ARG A 1 196 ? 4.513   -2.047  -14.476 1.00 33.90 ? 196 ARG A N   1 
ATOM   1067 C  CA  . ARG A 1 196 ? 3.714   -1.064  -15.196 1.00 35.48 ? 196 ARG A CA  1 
ATOM   1068 C  C   . ARG A 1 196 ? 2.615   -1.700  -16.048 1.00 36.84 ? 196 ARG A C   1 
ATOM   1069 O  O   . ARG A 1 196 ? 1.458   -1.287  -15.995 1.00 37.23 ? 196 ARG A O   1 
ATOM   1070 C  CB  . ARG A 1 196 ? 4.624   -0.202  -16.079 1.00 37.39 ? 196 ARG A CB  1 
ATOM   1071 C  CG  . ARG A 1 196 ? 3.919   0.980   -16.748 1.00 40.27 ? 196 ARG A CG  1 
ATOM   1072 C  CD  . ARG A 1 196 ? 4.871   1.811   -17.606 1.00 39.55 ? 196 ARG A CD  1 
ATOM   1073 N  NE  . ARG A 1 196 ? 6.022   2.274   -16.839 1.00 41.91 ? 196 ARG A NE  1 
ATOM   1074 C  CZ  . ARG A 1 196 ? 7.215   1.691   -16.846 1.00 41.78 ? 196 ARG A CZ  1 
ATOM   1075 N  NH1 . ARG A 1 196 ? 7.431   0.618   -17.589 1.00 44.67 ? 196 ARG A NH1 1 
ATOM   1076 N  NH2 . ARG A 1 196 ? 8.190   2.169   -16.091 1.00 43.20 ? 196 ARG A NH2 1 
ATOM   1077 N  N   . ALA A 1 197 ? 2.981   -2.707  -16.832 1.00 37.08 ? 197 ALA A N   1 
ATOM   1078 C  CA  . ALA A 1 197 ? 2.024   -3.392  -17.685 1.00 36.71 ? 197 ALA A CA  1 
ATOM   1079 C  C   . ALA A 1 197 ? 0.832   -3.860  -16.862 1.00 36.76 ? 197 ALA A C   1 
ATOM   1080 O  O   . ALA A 1 197 ? -0.306  -3.873  -17.345 1.00 37.71 ? 197 ALA A O   1 
ATOM   1081 C  CB  . ALA A 1 197 ? 2.693   -4.579  -18.368 1.00 38.10 ? 197 ALA A CB  1 
ATOM   1082 N  N   . GLN A 1 198 ? 1.090   -4.238  -15.614 1.00 34.07 ? 198 GLN A N   1 
ATOM   1083 C  CA  . GLN A 1 198 ? 0.023   -4.694  -14.742 1.00 32.62 ? 198 GLN A CA  1 
ATOM   1084 C  C   . GLN A 1 198 ? -0.852  -3.566  -14.194 1.00 32.16 ? 198 GLN A C   1 
ATOM   1085 O  O   . GLN A 1 198 ? -2.057  -3.559  -14.437 1.00 31.63 ? 198 GLN A O   1 
ATOM   1086 C  CB  . GLN A 1 198 ? 0.586   -5.516  -13.584 1.00 34.09 ? 198 GLN A CB  1 
ATOM   1087 C  CG  . GLN A 1 198 ? 1.250   -6.814  -14.011 1.00 35.01 ? 198 GLN A CG  1 
ATOM   1088 C  CD  . GLN A 1 198 ? 1.905   -7.522  -12.846 1.00 35.60 ? 198 GLN A CD  1 
ATOM   1089 O  OE1 . GLN A 1 198 ? 1.231   -7.982  -11.927 1.00 34.66 ? 198 GLN A OE1 1 
ATOM   1090 N  NE2 . GLN A 1 198 ? 3.230   -7.592  -12.866 1.00 38.21 ? 198 GLN A NE2 1 
ATOM   1091 N  N   . TRP A 1 199 ? -0.280  -2.605  -13.468 1.00 31.75 ? 199 TRP A N   1 
ATOM   1092 C  CA  . TRP A 1 199 ? -1.147  -1.560  -12.944 1.00 31.96 ? 199 TRP A CA  1 
ATOM   1093 C  C   . TRP A 1 199 ? -1.794  -0.665  -13.985 1.00 32.38 ? 199 TRP A C   1 
ATOM   1094 O  O   . TRP A 1 199 ? -2.815  -0.055  -13.703 1.00 32.96 ? 199 TRP A O   1 
ATOM   1095 C  CB  . TRP A 1 199 ? -0.486  -0.696  -11.849 1.00 31.41 ? 199 TRP A CB  1 
ATOM   1096 C  CG  . TRP A 1 199 ? 0.968   -0.372  -11.937 1.00 32.04 ? 199 TRP A CG  1 
ATOM   1097 C  CD1 . TRP A 1 199 ? 1.998   -1.009  -11.279 1.00 34.23 ? 199 TRP A CD1 1 
ATOM   1098 C  CD2 . TRP A 1 199 ? 1.557   0.749   -12.602 1.00 30.28 ? 199 TRP A CD2 1 
ATOM   1099 N  NE1 . TRP A 1 199 ? 3.185   -0.339  -11.493 1.00 30.95 ? 199 TRP A NE1 1 
ATOM   1100 C  CE2 . TRP A 1 199 ? 2.943   0.740   -12.299 1.00 30.38 ? 199 TRP A CE2 1 
ATOM   1101 C  CE3 . TRP A 1 199 ? 1.050   1.763   -13.415 1.00 27.22 ? 199 TRP A CE3 1 
ATOM   1102 C  CZ2 . TRP A 1 199 ? 3.816   1.704   -12.783 1.00 31.64 ? 199 TRP A CZ2 1 
ATOM   1103 C  CZ3 . TRP A 1 199 ? 1.915   2.718   -13.893 1.00 30.00 ? 199 TRP A CZ3 1 
ATOM   1104 C  CH2 . TRP A 1 199 ? 3.288   2.683   -13.577 1.00 33.46 ? 199 TRP A CH2 1 
ATOM   1105 N  N   . GLN A 1 200 ? -1.227  -0.583  -15.184 1.00 34.63 ? 200 GLN A N   1 
ATOM   1106 C  CA  . GLN A 1 200 ? -1.844  0.238   -16.224 1.00 37.07 ? 200 GLN A CA  1 
ATOM   1107 C  C   . GLN A 1 200 ? -3.228  -0.308  -16.599 1.00 36.41 ? 200 GLN A C   1 
ATOM   1108 O  O   . GLN A 1 200 ? -4.065  0.419   -17.134 1.00 35.32 ? 200 GLN A O   1 
ATOM   1109 C  CB  . GLN A 1 200 ? -0.951  0.319   -17.464 1.00 39.44 ? 200 GLN A CB  1 
ATOM   1110 C  CG  . GLN A 1 200 ? 0.354   1.073   -17.209 1.00 46.73 ? 200 GLN A CG  1 
ATOM   1111 C  CD  . GLN A 1 200 ? 1.077   1.469   -18.483 1.00 49.61 ? 200 GLN A CD  1 
ATOM   1112 O  OE1 . GLN A 1 200 ? 1.258   0.651   -19.391 1.00 52.75 ? 200 GLN A OE1 1 
ATOM   1113 N  NE2 . GLN A 1 200 ? 1.506   2.727   -18.554 1.00 50.88 ? 200 GLN A NE2 1 
ATOM   1114 N  N   . ARG A 1 201 ? -3.468  -1.583  -16.300 1.00 35.75 ? 201 ARG A N   1 
ATOM   1115 C  CA  . ARG A 1 201 ? -4.757  -2.200  -16.591 1.00 36.75 ? 201 ARG A CA  1 
ATOM   1116 C  C   . ARG A 1 201 ? -5.865  -1.639  -15.706 1.00 36.46 ? 201 ARG A C   1 
ATOM   1117 O  O   . ARG A 1 201 ? -7.036  -1.661  -16.088 1.00 35.06 ? 201 ARG A O   1 
ATOM   1118 C  CB  . ARG A 1 201 ? -4.681  -3.718  -16.415 1.00 38.95 ? 201 ARG A CB  1 
ATOM   1119 C  CG  . ARG A 1 201 ? -3.932  -4.418  -17.529 1.00 42.65 ? 201 ARG A CG  1 
ATOM   1120 C  CD  . ARG A 1 201 ? -3.622  -5.854  -17.165 1.00 46.17 ? 201 ARG A CD  1 
ATOM   1121 N  NE  . ARG A 1 201 ? -2.286  -6.217  -17.629 1.00 49.93 ? 201 ARG A NE  1 
ATOM   1122 C  CZ  . ARG A 1 201 ? -1.541  -7.167  -17.083 1.00 50.31 ? 201 ARG A CZ  1 
ATOM   1123 N  NH1 . ARG A 1 201 ? -2.004  -7.858  -16.049 1.00 49.04 ? 201 ARG A NH1 1 
ATOM   1124 N  NH2 . ARG A 1 201 ? -0.324  -7.411  -17.556 1.00 51.68 ? 201 ARG A NH2 1 
HETATM 1125 N  N   . CAS A 1 202 ? -5.490  -1.129  -14.532 1.00 35.81 ? 202 CAS A N   1 
HETATM 1126 C  CA  . CAS A 1 202 ? -6.451  -0.557  -13.587 1.00 36.42 ? 202 CAS A CA  1 
HETATM 1127 C  CB  . CAS A 1 202 ? -5.731  -0.118  -12.305 1.00 40.56 ? 202 CAS A CB  1 
HETATM 1128 C  C   . CAS A 1 202 ? -7.232  0.623   -14.161 1.00 35.01 ? 202 CAS A C   1 
HETATM 1129 O  O   . CAS A 1 202 ? -8.345  0.910   -13.724 1.00 34.60 ? 202 CAS A O   1 
HETATM 1130 S  SG  . CAS A 1 202 ? -5.034  -1.488  -11.366 1.00 42.95 ? 202 CAS A SG  1 
HETATM 1131 AS AS  . CAS A 1 202 ? -6.715  -2.885  -10.889 1.00 56.97 ? 202 CAS A AS  1 
ATOM   1132 N  N   . GLY A 1 203 ? -6.645  1.299   -15.142 1.00 33.40 ? 203 GLY A N   1 
ATOM   1133 C  CA  . GLY A 1 203 ? -7.303  2.436   -15.761 1.00 34.54 ? 203 GLY A CA  1 
ATOM   1134 C  C   . GLY A 1 203 ? -8.572  2.069   -16.512 1.00 35.70 ? 203 GLY A C   1 
ATOM   1135 O  O   . GLY A 1 203 ? -9.384  2.942   -16.821 1.00 34.48 ? 203 GLY A O   1 
ATOM   1136 N  N   . SER A 1 204 ? -8.736  0.783   -16.826 1.00 34.77 ? 204 SER A N   1 
ATOM   1137 C  CA  . SER A 1 204 ? -9.930  0.320   -17.520 1.00 35.18 ? 204 SER A CA  1 
ATOM   1138 C  C   . SER A 1 204 ? -10.427 -0.959  -16.863 1.00 35.58 ? 204 SER A C   1 
ATOM   1139 O  O   . SER A 1 204 ? -10.986 -1.847  -17.512 1.00 32.91 ? 204 SER A O   1 
ATOM   1140 C  CB  . SER A 1 204 ? -9.666  0.118   -19.028 1.00 35.35 ? 204 SER A CB  1 
ATOM   1141 O  OG  . SER A 1 204 ? -8.541  -0.709  -19.289 1.00 36.36 ? 204 SER A OG  1 
ATOM   1142 N  N   . THR A 1 205 ? -10.199 -1.038  -15.554 1.00 35.01 ? 205 THR A N   1 
ATOM   1143 C  CA  . THR A 1 205 ? -10.642 -2.167  -14.746 1.00 34.43 ? 205 THR A CA  1 
ATOM   1144 C  C   . THR A 1 205 ? -11.622 -1.572  -13.754 1.00 37.29 ? 205 THR A C   1 
ATOM   1145 O  O   . THR A 1 205 ? -11.391 -0.485  -13.224 1.00 36.94 ? 205 THR A O   1 
ATOM   1146 C  CB  . THR A 1 205 ? -9.473  -2.813  -13.974 1.00 35.78 ? 205 THR A CB  1 
ATOM   1147 O  OG1 . THR A 1 205 ? -8.546  -3.384  -14.903 1.00 31.07 ? 205 THR A OG1 1 
ATOM   1148 C  CG2 . THR A 1 205 ? -9.983  -3.904  -13.037 1.00 33.90 ? 205 THR A CG2 1 
ATOM   1149 N  N   . ALA A 1 206 ? -12.730 -2.265  -13.519 1.00 40.47 ? 206 ALA A N   1 
ATOM   1150 C  CA  . ALA A 1 206 ? -13.745 -1.776  -12.592 1.00 43.66 ? 206 ALA A CA  1 
ATOM   1151 C  C   . ALA A 1 206 ? -13.392 -2.048  -11.125 1.00 45.51 ? 206 ALA A C   1 
ATOM   1152 O  O   . ALA A 1 206 ? -13.395 -3.193  -10.681 1.00 45.84 ? 206 ALA A O   1 
ATOM   1153 C  CB  . ALA A 1 206 ? -15.102 -2.403  -12.929 1.00 40.84 ? 206 ALA A CB  1 
ATOM   1154 N  N   . VAL A 1 207 ? -13.082 -0.993  -10.378 1.00 48.97 ? 207 VAL A N   1 
ATOM   1155 C  CA  . VAL A 1 207 ? -12.764 -1.138  -8.959  1.00 53.24 ? 207 VAL A CA  1 
ATOM   1156 C  C   . VAL A 1 207 ? -13.558 -0.128  -8.138  1.00 54.74 ? 207 VAL A C   1 
ATOM   1157 O  O   . VAL A 1 207 ? -13.785 1.002   -8.578  1.00 54.23 ? 207 VAL A O   1 
ATOM   1158 C  CB  . VAL A 1 207 ? -11.249 -0.950  -8.681  1.00 53.86 ? 207 VAL A CB  1 
ATOM   1159 C  CG1 . VAL A 1 207 ? -10.460 -2.095  -9.312  1.00 54.99 ? 207 VAL A CG1 1 
ATOM   1160 C  CG2 . VAL A 1 207 ? -10.774 0.396   -9.216  1.00 54.30 ? 207 VAL A CG2 1 
ATOM   1161 N  N   . ASP A 1 208 ? -13.985 -0.540  -6.949  1.00 58.11 ? 208 ASP A N   1 
ATOM   1162 C  CA  . ASP A 1 208 ? -14.765 0.332   -6.073  1.00 60.14 ? 208 ASP A CA  1 
ATOM   1163 C  C   . ASP A 1 208 ? -16.071 0.728   -6.759  1.00 60.31 ? 208 ASP A C   1 
ATOM   1164 O  O   . ASP A 1 208 ? -16.710 1.708   -6.377  1.00 60.74 ? 208 ASP A O   1 
ATOM   1165 C  CB  . ASP A 1 208 ? -13.966 1.600   -5.718  1.00 61.51 ? 208 ASP A CB  1 
ATOM   1166 C  CG  . ASP A 1 208 ? -12.864 1.342   -4.693  1.00 63.43 ? 208 ASP A CG  1 
ATOM   1167 O  OD1 . ASP A 1 208 ? -12.093 0.375   -4.871  1.00 63.08 ? 208 ASP A OD1 1 
ATOM   1168 O  OD2 . ASP A 1 208 ? -12.762 2.117   -3.711  1.00 65.09 ? 208 ASP A OD2 1 
ATOM   1169 N  N   . ALA A 1 209 ? -16.463 -0.037  -7.772  1.00 60.82 ? 209 ALA A N   1 
ATOM   1170 C  CA  . ALA A 1 209 ? -17.691 0.256   -8.505  1.00 60.86 ? 209 ALA A CA  1 
ATOM   1171 C  C   . ALA A 1 209 ? -18.904 0.246   -7.580  1.00 60.03 ? 209 ALA A C   1 
ATOM   1172 O  O   . ALA A 1 209 ? -19.783 1.100   -7.696  1.00 60.12 ? 209 ALA A O   1 
ATOM   1173 C  CB  . ALA A 1 209 ? -17.883 -0.746  -9.645  1.00 60.72 ? 209 ALA A CB  1 
ATOM   1174 N  N   . SER A 1 210 ? -18.949 -0.715  -6.661  1.00 59.05 ? 210 SER A N   1 
ATOM   1175 C  CA  . SER A 1 210 ? -20.068 -0.802  -5.726  1.00 58.22 ? 210 SER A CA  1 
ATOM   1176 C  C   . SER A 1 210 ? -19.843 0.150   -4.556  1.00 57.17 ? 210 SER A C   1 
ATOM   1177 O  O   . SER A 1 210 ? -20.570 0.109   -3.563  1.00 57.69 ? 210 SER A O   1 
ATOM   1178 C  CB  . SER A 1 210 ? -20.233 -2.228  -5.194  1.00 58.81 ? 210 SER A CB  1 
ATOM   1179 O  OG  . SER A 1 210 ? -19.263 -2.519  -4.205  1.00 59.08 ? 210 SER A OG  1 
ATOM   1180 N  N   . GLY A 1 211 ? -18.822 0.996   -4.678  1.00 54.87 ? 211 GLY A N   1 
ATOM   1181 C  CA  . GLY A 1 211 ? -18.530 1.964   -3.638  1.00 50.57 ? 211 GLY A CA  1 
ATOM   1182 C  C   . GLY A 1 211 ? -17.325 1.674   -2.765  1.00 48.40 ? 211 GLY A C   1 
ATOM   1183 O  O   . GLY A 1 211 ? -16.675 0.632   -2.879  1.00 48.00 ? 211 GLY A O   1 
ATOM   1184 N  N   . ASP A 1 212 ? -17.041 2.628   -1.881  1.00 46.15 ? 212 ASP A N   1 
ATOM   1185 C  CA  . ASP A 1 212 ? -15.940 2.556   -0.930  1.00 41.89 ? 212 ASP A CA  1 
ATOM   1186 C  C   . ASP A 1 212 ? -16.002 1.209   -0.231  1.00 40.32 ? 212 ASP A C   1 
ATOM   1187 O  O   . ASP A 1 212 ? -17.005 0.879   0.387   1.00 40.97 ? 212 ASP A O   1 
ATOM   1188 C  CB  . ASP A 1 212 ? -16.101 3.672   0.103   1.00 42.27 ? 212 ASP A CB  1 
ATOM   1189 C  CG  . ASP A 1 212 ? -14.868 3.865   0.956   1.00 40.63 ? 212 ASP A CG  1 
ATOM   1190 O  OD1 . ASP A 1 212 ? -14.119 2.888   1.163   1.00 39.66 ? 212 ASP A OD1 1 
ATOM   1191 O  OD2 . ASP A 1 212 ? -14.661 5.000   1.431   1.00 41.12 ? 212 ASP A OD2 1 
ATOM   1192 N  N   . PRO A 1 213 ? -14.924 0.415   -0.310  1.00 39.13 ? 213 PRO A N   1 
ATOM   1193 C  CA  . PRO A 1 213 ? -14.880 -0.908  0.325   1.00 37.70 ? 213 PRO A CA  1 
ATOM   1194 C  C   . PRO A 1 213 ? -14.607 -0.909  1.837   1.00 37.37 ? 213 PRO A C   1 
ATOM   1195 O  O   . PRO A 1 213 ? -14.644 -1.967  2.471   1.00 35.69 ? 213 PRO A O   1 
ATOM   1196 C  CB  . PRO A 1 213 ? -13.774 -1.608  -0.448  1.00 37.57 ? 213 PRO A CB  1 
ATOM   1197 C  CG  . PRO A 1 213 ? -12.805 -0.492  -0.666  1.00 37.84 ? 213 PRO A CG  1 
ATOM   1198 C  CD  . PRO A 1 213 ? -13.701 0.656   -1.096  1.00 36.30 ? 213 PRO A CD  1 
ATOM   1199 N  N   . PHE A 1 214 ? -14.338 0.270   2.399   1.00 35.78 ? 214 PHE A N   1 
ATOM   1200 C  CA  . PHE A 1 214 ? -14.024 0.420   3.824   1.00 36.25 ? 214 PHE A CA  1 
ATOM   1201 C  C   . PHE A 1 214 ? -15.270 0.330   4.718   1.00 38.22 ? 214 PHE A C   1 
ATOM   1202 O  O   . PHE A 1 214 ? -16.221 1.093   4.553   1.00 40.68 ? 214 PHE A O   1 
ATOM   1203 C  CB  . PHE A 1 214 ? -13.315 1.765   4.041   1.00 34.56 ? 214 PHE A CB  1 
ATOM   1204 C  CG  . PHE A 1 214 ? -12.628 1.893   5.378   1.00 34.70 ? 214 PHE A CG  1 
ATOM   1205 C  CD1 . PHE A 1 214 ? -13.072 2.824   6.320   1.00 33.93 ? 214 PHE A CD1 1 
ATOM   1206 C  CD2 . PHE A 1 214 ? -11.520 1.109   5.685   1.00 31.90 ? 214 PHE A CD2 1 
ATOM   1207 C  CE1 . PHE A 1 214 ? -12.420 2.970   7.541   1.00 31.82 ? 214 PHE A CE1 1 
ATOM   1208 C  CE2 . PHE A 1 214 ? -10.857 1.248   6.905   1.00 32.01 ? 214 PHE A CE2 1 
ATOM   1209 C  CZ  . PHE A 1 214 ? -11.307 2.178   7.832   1.00 32.69 ? 214 PHE A CZ  1 
ATOM   1210 N  N   . ARG A 1 215 ? -15.260 -0.598  5.670   1.00 37.63 ? 215 ARG A N   1 
ATOM   1211 C  CA  . ARG A 1 215 ? -16.407 -0.768  6.564   1.00 39.38 ? 215 ARG A CA  1 
ATOM   1212 C  C   . ARG A 1 215 ? -16.101 -0.494  8.044   1.00 37.71 ? 215 ARG A C   1 
ATOM   1213 O  O   . ARG A 1 215 ? -16.635 -1.150  8.933   1.00 36.28 ? 215 ARG A O   1 
ATOM   1214 C  CB  . ARG A 1 215 ? -16.990 -2.178  6.401   1.00 39.40 ? 215 ARG A CB  1 
ATOM   1215 C  CG  . ARG A 1 215 ? -17.611 -2.425  5.025   1.00 43.71 ? 215 ARG A CG  1 
ATOM   1216 C  CD  . ARG A 1 215 ? -18.844 -1.545  4.812   1.00 47.77 ? 215 ARG A CD  1 
ATOM   1217 N  NE  . ARG A 1 215 ? -19.369 -1.628  3.448   1.00 52.12 ? 215 ARG A NE  1 
ATOM   1218 C  CZ  . ARG A 1 215 ? -18.817 -1.029  2.394   1.00 54.68 ? 215 ARG A CZ  1 
ATOM   1219 N  NH1 . ARG A 1 215 ? -17.718 -0.293  2.542   1.00 54.28 ? 215 ARG A NH1 1 
ATOM   1220 N  NH2 . ARG A 1 215 ? -19.358 -1.169  1.188   1.00 54.40 ? 215 ARG A NH2 1 
ATOM   1221 N  N   . SER A 1 216 ? -15.257 0.494   8.305   1.00 35.55 ? 216 SER A N   1 
ATOM   1222 C  CA  . SER A 1 216 ? -14.905 0.820   9.678   1.00 35.02 ? 216 SER A CA  1 
ATOM   1223 C  C   . SER A 1 216 ? -14.924 2.338   9.856   1.00 33.55 ? 216 SER A C   1 
ATOM   1224 O  O   . SER A 1 216 ? -15.463 3.057   9.024   1.00 33.25 ? 216 SER A O   1 
ATOM   1225 C  CB  . SER A 1 216 ? -13.512 0.253   9.989   1.00 34.51 ? 216 SER A CB  1 
ATOM   1226 O  OG  . SER A 1 216 ? -13.234 0.265   11.375  1.00 36.58 ? 216 SER A OG  1 
ATOM   1227 N  N   . ASP A 1 217 ? -14.365 2.823   10.955  1.00 32.85 ? 217 ASP A N   1 
ATOM   1228 C  CA  . ASP A 1 217 ? -14.294 4.262   11.188  1.00 33.03 ? 217 ASP A CA  1 
ATOM   1229 C  C   . ASP A 1 217 ? -13.073 4.564   12.038  1.00 30.06 ? 217 ASP A C   1 
ATOM   1230 O  O   . ASP A 1 217 ? -12.256 3.672   12.279  1.00 29.03 ? 217 ASP A O   1 
ATOM   1231 C  CB  . ASP A 1 217 ? -15.569 4.803   11.849  1.00 35.21 ? 217 ASP A CB  1 
ATOM   1232 C  CG  . ASP A 1 217 ? -15.925 4.092   13.147  1.00 37.85 ? 217 ASP A CG  1 
ATOM   1233 O  OD1 . ASP A 1 217 ? -15.034 3.514   13.806  1.00 40.18 ? 217 ASP A OD1 1 
ATOM   1234 O  OD2 . ASP A 1 217 ? -17.116 4.130   13.511  1.00 40.22 ? 217 ASP A OD2 1 
ATOM   1235 N  N   . SER A 1 218 ? -12.931 5.811   12.472  1.00 28.16 ? 218 SER A N   1 
ATOM   1236 C  CA  . SER A 1 218 ? -11.773 6.196   13.279  1.00 29.58 ? 218 SER A CA  1 
ATOM   1237 C  C   . SER A 1 218 ? -11.673 5.333   14.540  1.00 30.17 ? 218 SER A C   1 
ATOM   1238 O  O   . SER A 1 218 ? -10.581 4.915   14.932  1.00 31.78 ? 218 SER A O   1 
ATOM   1239 C  CB  . SER A 1 218 ? -11.846 7.682   13.662  1.00 26.62 ? 218 SER A CB  1 
ATOM   1240 O  OG  . SER A 1 218 ? -12.972 7.952   14.476  1.00 27.03 ? 218 SER A OG  1 
ATOM   1241 N  N   . TYR A 1 219 ? -12.813 5.059   15.163  1.00 29.83 ? 219 TYR A N   1 
ATOM   1242 C  CA  . TYR A 1 219 ? -12.835 4.240   16.372  1.00 29.88 ? 219 TYR A CA  1 
ATOM   1243 C  C   . TYR A 1 219 ? -12.312 2.827   16.084  1.00 29.88 ? 219 TYR A C   1 
ATOM   1244 O  O   . TYR A 1 219 ? -11.489 2.287   16.839  1.00 27.89 ? 219 TYR A O   1 
ATOM   1245 C  CB  . TYR A 1 219 ? -14.264 4.205   16.936  1.00 26.89 ? 219 TYR A CB  1 
ATOM   1246 C  CG  . TYR A 1 219 ? -14.775 5.591   17.269  1.00 27.94 ? 219 TYR A CG  1 
ATOM   1247 C  CD1 . TYR A 1 219 ? -14.261 6.305   18.355  1.00 24.89 ? 219 TYR A CD1 1 
ATOM   1248 C  CD2 . TYR A 1 219 ? -15.737 6.215   16.466  1.00 30.39 ? 219 TYR A CD2 1 
ATOM   1249 C  CE1 . TYR A 1 219 ? -14.693 7.611   18.635  1.00 26.81 ? 219 TYR A CE1 1 
ATOM   1250 C  CE2 . TYR A 1 219 ? -16.176 7.525   16.735  1.00 28.32 ? 219 TYR A CE2 1 
ATOM   1251 C  CZ  . TYR A 1 219 ? -15.651 8.213   17.821  1.00 28.15 ? 219 TYR A CZ  1 
ATOM   1252 O  OH  . TYR A 1 219 ? -16.096 9.490   18.097  1.00 30.99 ? 219 TYR A OH  1 
ATOM   1253 N  N   . GLY A 1 220 ? -12.776 2.249   14.974  1.00 28.96 ? 220 GLY A N   1 
ATOM   1254 C  CA  . GLY A 1 220 ? -12.343 0.921   14.578  1.00 28.52 ? 220 GLY A CA  1 
ATOM   1255 C  C   . GLY A 1 220 ? -10.857 0.819   14.270  1.00 29.58 ? 220 GLY A C   1 
ATOM   1256 O  O   . GLY A 1 220 ? -10.225 -0.191  14.592  1.00 27.61 ? 220 GLY A O   1 
ATOM   1257 N  N   . LEU A 1 221 ? -10.290 1.852   13.643  1.00 30.72 ? 221 LEU A N   1 
ATOM   1258 C  CA  . LEU A 1 221 ? -8.865  1.834   13.310  1.00 31.48 ? 221 LEU A CA  1 
ATOM   1259 C  C   . LEU A 1 221 ? -8.028  1.825   14.577  1.00 31.60 ? 221 LEU A C   1 
ATOM   1260 O  O   . LEU A 1 221 ? -6.969  1.203   14.627  1.00 32.76 ? 221 LEU A O   1 
ATOM   1261 C  CB  . LEU A 1 221 ? -8.472  3.048   12.451  1.00 33.54 ? 221 LEU A CB  1 
ATOM   1262 C  CG  . LEU A 1 221 ? -8.700  2.975   10.939  1.00 33.49 ? 221 LEU A CG  1 
ATOM   1263 C  CD1 . LEU A 1 221 ? -8.047  4.178   10.272  1.00 32.97 ? 221 LEU A CD1 1 
ATOM   1264 C  CD2 . LEU A 1 221 ? -8.105  1.679   10.384  1.00 32.63 ? 221 LEU A CD2 1 
ATOM   1265 N  N   . LEU A 1 222 ? -8.509  2.528   15.597  1.00 30.97 ? 222 LEU A N   1 
ATOM   1266 C  CA  . LEU A 1 222 ? -7.824  2.587   16.886  1.00 29.45 ? 222 LEU A CA  1 
ATOM   1267 C  C   . LEU A 1 222 ? -7.845  1.194   17.501  1.00 29.33 ? 222 LEU A C   1 
ATOM   1268 O  O   . LEU A 1 222 ? -6.822  0.695   17.978  1.00 30.55 ? 222 LEU A O   1 
ATOM   1269 C  CB  . LEU A 1 222 ? -8.536  3.584   17.806  1.00 31.17 ? 222 LEU A CB  1 
ATOM   1270 C  CG  . LEU A 1 222 ? -7.853  3.961   19.122  1.00 32.94 ? 222 LEU A CG  1 
ATOM   1271 C  CD1 . LEU A 1 222 ? -6.397  4.375   18.851  1.00 29.97 ? 222 LEU A CD1 1 
ATOM   1272 C  CD2 . LEU A 1 222 ? -8.630  5.104   19.779  1.00 31.05 ? 222 LEU A CD2 1 
ATOM   1273 N  N   . GLY A 1 223 ? -9.019  0.567   17.486  1.00 26.70 ? 223 GLY A N   1 
ATOM   1274 C  CA  . GLY A 1 223 ? -9.138  -0.775  18.014  1.00 26.41 ? 223 GLY A CA  1 
ATOM   1275 C  C   . GLY A 1 223 ? -8.216  -1.701  17.242  1.00 27.64 ? 223 GLY A C   1 
ATOM   1276 O  O   . GLY A 1 223 ? -7.431  -2.438  17.833  1.00 27.14 ? 223 GLY A O   1 
ATOM   1277 N  N   . ASN A 1 224 ? -8.312  -1.642  15.912  1.00 28.36 ? 224 ASN A N   1 
ATOM   1278 C  CA  . ASN A 1 224 ? -7.496  -2.445  15.007  1.00 28.64 ? 224 ASN A CA  1 
ATOM   1279 C  C   . ASN A 1 224 ? -5.995  -2.258  15.318  1.00 30.55 ? 224 ASN A C   1 
ATOM   1280 O  O   . ASN A 1 224 ? -5.244  -3.231  15.382  1.00 30.56 ? 224 ASN A O   1 
ATOM   1281 C  CB  . ASN A 1 224 ? -7.844  -2.028  13.569  1.00 31.49 ? 224 ASN A CB  1 
ATOM   1282 C  CG  . ASN A 1 224 ? -6.912  -2.616  12.515  1.00 29.01 ? 224 ASN A CG  1 
ATOM   1283 O  OD1 . ASN A 1 224 ? -5.719  -2.332  12.487  1.00 31.49 ? 224 ASN A OD1 1 
ATOM   1284 N  ND2 . ASN A 1 224 ? -7.469  -3.418  11.628  1.00 29.42 ? 224 ASN A ND2 1 
ATOM   1285 N  N   . TYR A 1 225 ? -5.570  -1.016  15.539  1.00 31.53 ? 225 TYR A N   1 
ATOM   1286 C  CA  . TYR A 1 225 ? -4.165  -0.727  15.846  1.00 31.44 ? 225 TYR A CA  1 
ATOM   1287 C  C   . TYR A 1 225 ? -3.728  -1.339  17.169  1.00 30.98 ? 225 TYR A C   1 
ATOM   1288 O  O   . TYR A 1 225 ? -2.668  -1.953  17.262  1.00 30.71 ? 225 TYR A O   1 
ATOM   1289 C  CB  . TYR A 1 225 ? -3.908  0.780   15.903  1.00 32.14 ? 225 TYR A CB  1 
ATOM   1290 C  CG  . TYR A 1 225 ? -2.537  1.161   15.384  1.00 32.42 ? 225 TYR A CG  1 
ATOM   1291 C  CD1 . TYR A 1 225 ? -2.321  1.345   14.021  1.00 31.38 ? 225 TYR A CD1 1 
ATOM   1292 C  CD2 . TYR A 1 225 ? -1.445  1.278   16.244  1.00 32.54 ? 225 TYR A CD2 1 
ATOM   1293 C  CE1 . TYR A 1 225 ? -1.057  1.632   13.518  1.00 32.42 ? 225 TYR A CE1 1 
ATOM   1294 C  CE2 . TYR A 1 225 ? -0.166  1.566   15.754  1.00 33.26 ? 225 TYR A CE2 1 
ATOM   1295 C  CZ  . TYR A 1 225 ? 0.017   1.738   14.382  1.00 36.47 ? 225 TYR A CZ  1 
ATOM   1296 O  OH  . TYR A 1 225 ? 1.272   1.994   13.859  1.00 35.35 ? 225 TYR A OH  1 
ATOM   1297 N  N   . VAL A 1 226 ? -4.549  -1.147  18.195  1.00 32.45 ? 226 VAL A N   1 
ATOM   1298 C  CA  . VAL A 1 226 ? -4.275  -1.685  19.520  1.00 31.50 ? 226 VAL A CA  1 
ATOM   1299 C  C   . VAL A 1 226 ? -4.231  -3.214  19.437  1.00 33.69 ? 226 VAL A C   1 
ATOM   1300 O  O   . VAL A 1 226 ? -3.308  -3.845  19.948  1.00 31.34 ? 226 VAL A O   1 
ATOM   1301 C  CB  . VAL A 1 226 ? -5.367  -1.219  20.520  1.00 32.10 ? 226 VAL A CB  1 
ATOM   1302 C  CG1 . VAL A 1 226 ? -5.210  -1.912  21.867  1.00 28.66 ? 226 VAL A CG1 1 
ATOM   1303 C  CG2 . VAL A 1 226 ? -5.278  0.293   20.686  1.00 30.89 ? 226 VAL A CG2 1 
ATOM   1304 N  N   . ASP A 1 227 ? -5.224  -3.799  18.772  1.00 34.78 ? 227 ASP A N   1 
ATOM   1305 C  CA  . ASP A 1 227 ? -5.287  -5.250  18.603  1.00 38.52 ? 227 ASP A CA  1 
ATOM   1306 C  C   . ASP A 1 227 ? -4.008  -5.824  17.990  1.00 39.61 ? 227 ASP A C   1 
ATOM   1307 O  O   . ASP A 1 227 ? -3.455  -6.802  18.491  1.00 39.15 ? 227 ASP A O   1 
ATOM   1308 C  CB  . ASP A 1 227 ? -6.474  -5.636  17.712  1.00 37.75 ? 227 ASP A CB  1 
ATOM   1309 C  CG  . ASP A 1 227 ? -7.796  -5.609  18.451  1.00 41.26 ? 227 ASP A CG  1 
ATOM   1310 O  OD1 . ASP A 1 227 ? -8.844  -5.855  17.810  1.00 39.58 ? 227 ASP A OD1 1 
ATOM   1311 O  OD2 . ASP A 1 227 ? -7.787  -5.349  19.677  1.00 43.98 ? 227 ASP A OD2 1 
ATOM   1312 N  N   . ALA A 1 228 ? -3.549  -5.215  16.903  1.00 41.87 ? 228 ALA A N   1 
ATOM   1313 C  CA  . ALA A 1 228 ? -2.353  -5.685  16.219  1.00 44.71 ? 228 ALA A CA  1 
ATOM   1314 C  C   . ALA A 1 228 ? -1.125  -5.598  17.109  1.00 46.68 ? 228 ALA A C   1 
ATOM   1315 O  O   . ALA A 1 228 ? -0.333  -6.538  17.180  1.00 47.71 ? 228 ALA A O   1 
ATOM   1316 C  CB  . ALA A 1 228 ? -2.128  -4.878  14.938  1.00 43.90 ? 228 ALA A CB  1 
ATOM   1317 N  N   . LEU A 1 229 ? -0.972  -4.463  17.783  1.00 48.69 ? 229 LEU A N   1 
ATOM   1318 C  CA  . LEU A 1 229 ? 0.161   -4.228  18.667  1.00 50.46 ? 229 LEU A CA  1 
ATOM   1319 C  C   . LEU A 1 229 ? 0.101   -5.165  19.875  1.00 53.18 ? 229 LEU A C   1 
ATOM   1320 O  O   . LEU A 1 229 ? 1.130   -5.624  20.372  1.00 54.20 ? 229 LEU A O   1 
ATOM   1321 C  CB  . LEU A 1 229 ? 0.157   -2.758  19.101  1.00 50.05 ? 229 LEU A CB  1 
ATOM   1322 C  CG  . LEU A 1 229 ? 1.247   -2.197  20.017  1.00 49.32 ? 229 LEU A CG  1 
ATOM   1323 C  CD1 . LEU A 1 229 ? 1.038   -2.696  21.430  1.00 51.44 ? 229 LEU A CD1 1 
ATOM   1324 C  CD2 . LEU A 1 229 ? 2.613   -2.580  19.489  1.00 49.48 ? 229 LEU A CD2 1 
ATOM   1325 N  N   . TYR A 1 230 ? -1.112  -5.451  20.337  1.00 55.10 ? 230 TYR A N   1 
ATOM   1326 C  CA  . TYR A 1 230 ? -1.318  -6.340  21.475  1.00 57.71 ? 230 TYR A CA  1 
ATOM   1327 C  C   . TYR A 1 230 ? -0.880  -7.760  21.124  1.00 58.67 ? 230 TYR A C   1 
ATOM   1328 O  O   . TYR A 1 230 ? -0.080  -8.334  21.894  1.00 59.48 ? 230 TYR A O   1 
ATOM   1329 C  CB  . TYR A 1 230 ? -2.793  -6.352  21.866  1.00 58.25 ? 230 TYR A CB  1 
ATOM   1330 C  CG  . TYR A 1 230 ? -3.104  -7.125  23.128  1.00 59.68 ? 230 TYR A CG  1 
ATOM   1331 C  CD1 . TYR A 1 230 ? -2.811  -6.595  24.386  1.00 59.97 ? 230 TYR A CD1 1 
ATOM   1332 C  CD2 . TYR A 1 230 ? -3.735  -8.369  23.066  1.00 60.20 ? 230 TYR A CD2 1 
ATOM   1333 C  CE1 . TYR A 1 230 ? -3.145  -7.279  25.555  1.00 61.02 ? 230 TYR A CE1 1 
ATOM   1334 C  CE2 . TYR A 1 230 ? -4.071  -9.064  24.228  1.00 62.04 ? 230 TYR A CE2 1 
ATOM   1335 C  CZ  . TYR A 1 230 ? -3.778  -8.512  25.469  1.00 62.71 ? 230 TYR A CZ  1 
ATOM   1336 O  OH  . TYR A 1 230 ? -4.146  -9.173  26.618  1.00 63.02 ? 230 TYR A OH  1 
HETATM 1337 O  O   . HOH B 2 .   ? 3.180   13.884  -2.044  1.00 34.29 ? 257 HOH A O   1 
HETATM 1338 O  O   . HOH B 2 .   ? 7.082   5.795   2.197   1.00 30.68 ? 258 HOH A O   1 
HETATM 1339 O  O   . HOH B 2 .   ? -5.366  0.214   12.325  1.00 25.58 ? 259 HOH A O   1 
HETATM 1340 O  O   . HOH B 2 .   ? 9.931   -3.981  1.097   1.00 34.50 ? 260 HOH A O   1 
HETATM 1341 O  O   . HOH B 2 .   ? -13.853 9.002   7.111   1.00 37.58 ? 261 HOH A O   1 
HETATM 1342 O  O   . HOH B 2 .   ? 4.235   0.555   11.259  1.00 36.36 ? 262 HOH A O   1 
HETATM 1343 O  O   . HOH B 2 .   ? -5.745  -5.651  14.120  1.00 48.32 ? 263 HOH A O   1 
HETATM 1344 O  O   . HOH B 2 .   ? -0.159  -1.340  16.161  1.00 43.79 ? 264 HOH A O   1 
HETATM 1345 O  O   . HOH B 2 .   ? -9.382  13.234  2.600   1.00 34.51 ? 265 HOH A O   1 
HETATM 1346 O  O   . HOH B 2 .   ? 7.610   2.701   5.726   1.00 35.19 ? 266 HOH A O   1 
HETATM 1347 O  O   . HOH B 2 .   ? 0.869   17.877  3.248   1.00 42.05 ? 267 HOH A O   1 
HETATM 1348 O  O   . HOH B 2 .   ? 4.356   -10.727 3.578   1.00 43.98 ? 268 HOH A O   1 
HETATM 1349 O  O   . HOH B 2 .   ? -5.273  18.440  4.352   1.00 62.94 ? 269 HOH A O   1 
HETATM 1350 O  O   . HOH B 2 .   ? -13.822 -3.131  4.677   1.00 37.04 ? 270 HOH A O   1 
HETATM 1351 O  O   . HOH B 2 .   ? -6.069  -4.401  -13.300 1.00 47.00 ? 271 HOH A O   1 
HETATM 1352 O  O   . HOH B 2 .   ? -2.336  9.914   -6.478  1.00 37.99 ? 272 HOH A O   1 
HETATM 1353 O  O   . HOH B 2 .   ? -6.089  11.152  -0.412  1.00 48.32 ? 273 HOH A O   1 
HETATM 1354 O  O   . HOH B 2 .   ? -1.048  -9.031  14.699  1.00 52.07 ? 274 HOH A O   1 
HETATM 1355 O  O   . HOH B 2 .   ? -17.908 6.897   13.142  1.00 43.26 ? 275 HOH A O   1 
HETATM 1356 O  O   . HOH B 2 .   ? 1.714   7.110   -12.933 1.00 47.80 ? 276 HOH A O   1 
HETATM 1357 O  O   . HOH B 2 .   ? 10.749  13.156  -4.879  1.00 37.54 ? 277 HOH A O   1 
HETATM 1358 O  O   . HOH B 2 .   ? -10.838 11.279  1.516   1.00 38.53 ? 278 HOH A O   1 
HETATM 1359 O  O   . HOH B 2 .   ? -11.950 16.621  3.416   1.00 54.61 ? 279 HOH A O   1 
HETATM 1360 O  O   . HOH B 2 .   ? -16.388 -5.739  3.414   1.00 49.30 ? 280 HOH A O   1 
HETATM 1361 O  O   . HOH B 2 .   ? -13.670 -1.446  -4.131  1.00 43.03 ? 281 HOH A O   1 
HETATM 1362 O  O   . HOH B 2 .   ? -4.833  12.986  0.902   1.00 54.17 ? 282 HOH A O   1 
HETATM 1363 O  O   . HOH B 2 .   ? 6.306   -11.927 -12.209 1.00 50.79 ? 283 HOH A O   1 
HETATM 1364 O  O   . HOH B 2 .   ? 10.113  -13.224 3.523   1.00 51.48 ? 284 HOH A O   1 
HETATM 1365 O  O   . HOH B 2 .   ? 3.397   -0.753  -19.911 1.00 42.87 ? 285 HOH A O   1 
HETATM 1366 O  O   . HOH B 2 .   ? 5.911   -1.200  -19.449 1.00 52.81 ? 286 HOH A O   1 
HETATM 1367 O  O   . HOH B 2 .   ? 6.844   8.803   7.799   1.00 52.95 ? 287 HOH A O   1 
HETATM 1368 O  O   . HOH B 2 .   ? -10.104 -8.337  3.300   1.00 48.76 ? 288 HOH A O   1 
HETATM 1369 O  O   . HOH B 2 .   ? -11.150 -5.418  13.996  1.00 53.90 ? 289 HOH A O   1 
HETATM 1370 O  O   . HOH B 2 .   ? -3.006  8.394   -9.760  1.00 39.92 ? 290 HOH A O   1 
HETATM 1371 O  O   . HOH B 2 .   ? -15.209 -10.931 8.856   1.00 51.64 ? 291 HOH A O   1 
HETATM 1372 O  O   . HOH B 2 .   ? 1.621   -18.093 -8.742  1.00 45.50 ? 292 HOH A O   1 
HETATM 1373 O  O   . HOH B 2 .   ? -14.482 8.094   11.661  1.00 56.06 ? 293 HOH A O   1 
HETATM 1374 O  O   . HOH B 2 .   ? -6.819  12.356  2.599   1.00 37.85 ? 294 HOH A O   1 
HETATM 1375 O  O   . HOH B 2 .   ? 7.465   9.839   3.468   1.00 48.30 ? 295 HOH A O   1 
HETATM 1376 O  O   . HOH B 2 .   ? -10.295 5.333   -16.274 1.00 42.13 ? 296 HOH A O   1 
HETATM 1377 O  O   . HOH B 2 .   ? -16.989 10.063  20.463  1.00 44.36 ? 297 HOH A O   1 
HETATM 1378 O  O   . HOH B 2 .   ? 10.626  -9.037  -13.233 1.00 58.21 ? 298 HOH A O   1 
# 
